data_4I43
#
_entry.id   4I43
#
_cell.length_a   118.856
_cell.length_b   158.595
_cell.length_c   220.507
_cell.angle_alpha   90.00
_cell.angle_beta   90.00
_cell.angle_gamma   90.00
#
_symmetry.space_group_name_H-M   'C 2 2 21'
#
loop_
_entity.id
_entity.type
_entity.pdbx_description
1 polymer 'A1 cistron-splicing factor AAR2'
2 polymer 'Pre-mRNA-splicing factor 8'
3 water water
#
loop_
_entity_poly.entity_id
_entity_poly.type
_entity_poly.pdbx_seq_one_letter_code
_entity_poly.pdbx_strand_id
1 'polypeptide(L)'
;MNTVPFTSAPIEVTIGIDQYSFNVKENQPFHGIKDIPIGHVHVIHFQHADNSSMRYGYWFDCRMGNFYIQYDPKDGLYKM
MEERDGAKFENIVHNFKERQMMVSYPKIDEDDTWYNLTEFVQMDKIRKIVRKDENQFSYVDSSMTTVQENELLKSSLQKA
GSKMEAKNEDDPAHSLNYTVINFKSREAIRPGHEMEDFLDKSYYLNTVMLQGIFKNSSNYFGELQFAFLNAMFFGNYGSS
LQWHAMIELICSSATVPKHMLDKLDEILYYQIKTLPEQYSDILLNERVWNICLYSSFQKNSLHNTEKIMENKYPELLGKD
NEDDALIYGISDEERDDEDDEHNPTIVGGLYYQRPAAGKVARGSRSGSENLYFQGSHHHHHHHH
;
A
2 'polypeptide(L)'
;MARAKRRWKKNFIAVSAANRFKKISSSGALGSGSGVMVEWLESRSFSPIPFPPLTYKNDTKILVLALEDLKDVYASKVRL
NASEREELALIEEAYDNPHDTLNRIKKYLLTQRVFKPVDITMMENYQNISPVYSVDPLEKITDAYLDQYLWYEADQRKLF
PNWIKPSDSEIPPLLVYKWTQGINNLSEIWDVSRGQSAVLLETTLGEMAEKIDFTLLNRLLRLIVDPNIADYITAKNNVV
INFKDMSHVNKYGLIRGLKFASFIFQYYGLVIDLLLLGQERATDLAGPANNPNEFMQFKSKEVEKAHPIRLYTRYLDRIY
MLFHFEEDEGEELTDEYLAENPDPNFENSIGYNNRKCWPKDSRMRLIRQDVNLGRAVFWEIQSRVPTSLTSIKWENAFVS
VYSKNNPNLLFSMCGFEVRILPRQRMEEVVSNDEGVWDLVDERTKQRTAKAYLKVSEEEIKKFDSRIRGILMASGSTTFT
KVAAKWNTSLISLFTYFREAIVATEPLLDILVKGETRIQNRVKLGLNSKMPTRFPPAVFYTPKELGGLGMISASHILIPA
SDLSWSKQTDTGITHFRAGMTHEDEKLIPTIFRYITTWENEFLDSQRVWAEYATKRQEAIQQNRRLAFEELEGSWDRGIP
RISTLFQRDRHTLAYDRGHRIRREFKQYSLERNSPFWWTNSHHDGKLWNLNAYRTDVIQALGGIETILEHTLFKGTGFNS
WEGLFWEKASGFEDSMQFKKLTHAQRTGLSQIPNRRFTLWWSPTINRANVYVGFLVQLDLTGIFLHGKIPTLKISLIQIF
RAHLWQKIHESIVFDICQILDGELDVLQIESVTKETVHPRKSYKMNSSAADITMESVHEWEVSKPSLLHETNDSFKGLIT
NKMWFDVQLRYGDYDSHDISRYVRAKFLDYTTDNVSMYPSPTGVMIGIDLAYNMYDAYGNWFNGLKPLIQNSMRTIMKAN
PALYVLRERIRKGLQIYQSSVQEPFLNSSNYAELFNNDIKLFVDDTNVYRVTVHKTFEGNVATKAINGCIFTLNPKTGHL
FLKIIHTSVWAGQKRLSQLAKWKTAEEVSALVRSLPKEEQPKQIIVTRKAMLDPLEVHMLDFPNIAIRPTELRLPFSAAM
SIDKLSDVVMKATEPQMVLFNIYDDWLDRISSYTAFSRLTLLLRALKTNEESAKMILLSDPTITIKSYHLWPSFTDEQWI
TIESQMRDLILTEYGRKYNVNISALTQTEIKDIILGQNIKAPSVKRQKMAELEAARSEKQNDEEAAGASTVMKTKTINAQ
GEEIVVVASADYESQTFSSKNEWRKSAIANTLLYLRLKNIYVSADDFVEEQNVYVLPKNLLKKFIEISDVKIQVAAFIYG
MSAKDHPKVKEIKTVVLVPQLGHVGSVQISNIPDIGDLPDTEGLELLGWIHTQTEELKFMAASEVATHSKLFADKKRDCI
DISIFSTPGSVSLSAYNLTDEGYQWGEENKDIMNVLSEGFEPTFSTHAQLLLSDRITGNFIIPSGNVWNYTFMGTAFNQE
GDYNFKYGIPLEFYNEMHRPVHFLQFSELAGDEELEAEQIDVFS
;
B
#
# COMPACT_ATOMS: atom_id res chain seq x y z
N ASN A 2 -25.76 -19.69 49.05
CA ASN A 2 -24.55 -19.96 49.87
C ASN A 2 -23.56 -18.79 49.89
N THR A 3 -22.56 -18.91 50.76
CA THR A 3 -21.89 -17.74 51.34
C THR A 3 -20.37 -17.92 51.39
N VAL A 4 -19.63 -16.88 51.00
CA VAL A 4 -18.18 -16.83 51.23
C VAL A 4 -17.85 -15.60 52.08
N PRO A 5 -17.56 -15.83 53.37
CA PRO A 5 -17.20 -14.70 54.22
C PRO A 5 -15.73 -14.31 54.05
N PHE A 6 -15.47 -13.04 54.34
CA PHE A 6 -14.12 -12.50 54.42
C PHE A 6 -13.80 -12.24 55.88
N THR A 7 -12.62 -12.67 56.32
CA THR A 7 -12.21 -12.45 57.70
C THR A 7 -11.95 -10.98 57.93
N SER A 8 -11.42 -10.31 56.91
CA SER A 8 -11.23 -8.87 56.92
C SER A 8 -10.67 -8.41 55.58
N ALA A 9 -10.39 -7.11 55.49
CA ALA A 9 -9.91 -6.50 54.25
C ALA A 9 -8.75 -5.53 54.52
N PRO A 10 -7.61 -6.07 54.96
CA PRO A 10 -6.46 -5.28 55.36
C PRO A 10 -6.07 -4.20 54.36
N ILE A 11 -6.10 -4.52 53.07
CA ILE A 11 -5.56 -3.60 52.06
C ILE A 11 -6.56 -3.31 50.97
N GLU A 12 -6.36 -2.19 50.28
CA GLU A 12 -7.31 -1.74 49.29
C GLU A 12 -7.23 -2.62 48.04
N VAL A 13 -8.38 -3.06 47.55
CA VAL A 13 -8.39 -4.06 46.49
C VAL A 13 -9.69 -4.04 45.70
N THR A 14 -9.58 -4.14 44.37
CA THR A 14 -10.76 -4.33 43.52
C THR A 14 -11.09 -5.81 43.50
N ILE A 15 -12.30 -6.13 43.96
CA ILE A 15 -12.72 -7.52 44.07
C ILE A 15 -13.73 -7.86 42.99
N GLY A 16 -13.52 -9.02 42.35
CA GLY A 16 -14.46 -9.51 41.35
C GLY A 16 -15.08 -10.81 41.80
N ILE A 17 -16.37 -10.96 41.55
CA ILE A 17 -16.98 -12.28 41.59
C ILE A 17 -17.79 -12.54 40.33
N ASP A 18 -17.42 -13.62 39.66
CA ASP A 18 -17.92 -13.92 38.33
C ASP A 18 -17.77 -12.69 37.45
N GLN A 19 -18.85 -12.20 36.84
CA GLN A 19 -18.72 -11.07 35.94
C GLN A 19 -18.99 -9.76 36.68
N TYR A 20 -19.01 -9.83 38.00
CA TYR A 20 -19.19 -8.63 38.84
C TYR A 20 -17.87 -8.18 39.49
N SER A 21 -17.84 -6.91 39.89
CA SER A 21 -16.63 -6.27 40.38
C SER A 21 -17.00 -5.10 41.29
N PHE A 22 -16.15 -4.85 42.29
CA PHE A 22 -16.35 -3.73 43.21
C PHE A 22 -15.05 -3.43 43.99
N ASN A 23 -14.92 -2.20 44.47
CA ASN A 23 -13.74 -1.79 45.22
C ASN A 23 -13.95 -1.95 46.72
N VAL A 24 -12.92 -2.40 47.41
CA VAL A 24 -12.94 -2.43 48.87
C VAL A 24 -11.77 -1.61 49.38
N LYS A 25 -12.00 -0.82 50.42
CA LYS A 25 -10.98 0.09 50.96
C LYS A 25 -10.28 -0.57 52.14
N GLU A 26 -9.05 -0.13 52.39
CA GLU A 26 -8.32 -0.53 53.60
C GLU A 26 -9.25 -0.61 54.79
N ASN A 27 -9.37 -1.80 55.35
CA ASN A 27 -10.12 -2.01 56.59
C ASN A 27 -11.56 -1.53 56.52
N GLN A 28 -12.10 -1.48 55.31
CA GLN A 28 -13.54 -1.38 55.13
C GLN A 28 -14.18 -2.56 55.84
N PRO A 29 -15.33 -2.34 56.50
CA PRO A 29 -16.05 -3.44 57.07
C PRO A 29 -16.84 -4.18 55.99
N PHE A 30 -16.10 -4.94 55.20
CA PHE A 30 -16.66 -5.82 54.21
C PHE A 30 -16.52 -7.24 54.75
N HIS A 31 -17.64 -7.94 54.93
CA HIS A 31 -17.57 -9.26 55.55
C HIS A 31 -17.92 -10.40 54.59
N GLY A 32 -18.00 -10.07 53.30
CA GLY A 32 -17.95 -11.09 52.26
C GLY A 32 -19.17 -11.07 51.36
N ILE A 33 -19.49 -12.23 50.79
CA ILE A 33 -20.59 -12.36 49.83
C ILE A 33 -21.47 -13.54 50.19
N LYS A 34 -22.79 -13.34 50.14
CA LYS A 34 -23.75 -14.42 50.40
C LYS A 34 -24.86 -14.44 49.35
N ASP A 35 -25.77 -15.41 49.48
CA ASP A 35 -26.82 -15.65 48.48
C ASP A 35 -26.24 -15.92 47.09
N ILE A 36 -25.12 -16.62 47.06
CA ILE A 36 -24.41 -16.92 45.82
C ILE A 36 -25.10 -18.08 45.11
N PRO A 37 -25.46 -17.91 43.83
CA PRO A 37 -26.26 -18.93 43.15
C PRO A 37 -25.55 -20.29 43.13
N ILE A 38 -26.23 -21.32 43.63
CA ILE A 38 -25.61 -22.57 44.06
C ILE A 38 -25.26 -23.49 42.89
N GLY A 39 -25.92 -23.25 41.75
CA GLY A 39 -25.73 -24.07 40.56
C GLY A 39 -24.31 -24.16 40.01
N HIS A 40 -23.64 -23.02 39.85
CA HIS A 40 -22.48 -22.93 38.97
C HIS A 40 -21.13 -23.06 39.67
N VAL A 41 -20.06 -23.17 38.89
CA VAL A 41 -18.75 -22.71 39.34
C VAL A 41 -18.74 -21.20 39.44
N HIS A 42 -17.84 -20.68 40.26
CA HIS A 42 -17.67 -19.24 40.39
C HIS A 42 -16.20 -18.87 40.45
N VAL A 43 -15.94 -17.58 40.26
CA VAL A 43 -14.58 -17.07 40.43
C VAL A 43 -14.59 -15.74 41.17
N ILE A 44 -13.79 -15.70 42.22
CA ILE A 44 -13.60 -14.51 43.00
C ILE A 44 -12.16 -14.09 42.79
N HIS A 45 -11.96 -12.86 42.31
CA HIS A 45 -10.61 -12.40 41.92
C HIS A 45 -10.23 -11.02 42.44
N PHE A 46 -8.94 -10.73 42.34
CA PHE A 46 -8.31 -9.66 43.10
C PHE A 46 -7.32 -8.89 42.23
N GLN A 47 -7.41 -7.56 42.27
CA GLN A 47 -6.27 -6.71 41.88
C GLN A 47 -6.06 -5.60 42.91
N HIS A 48 -4.88 -5.58 43.50
CA HIS A 48 -4.59 -4.64 44.57
C HIS A 48 -4.53 -3.25 43.99
N ALA A 49 -5.15 -2.30 44.70
CA ALA A 49 -5.10 -0.90 44.30
C ALA A 49 -3.67 -0.40 44.09
N ASP A 50 -2.73 -0.90 44.89
CA ASP A 50 -1.32 -0.64 44.62
C ASP A 50 -0.87 -1.45 43.40
N ASN A 51 -0.82 -0.74 42.28
CA ASN A 51 -0.58 -1.27 40.93
C ASN A 51 0.57 -2.25 40.78
N SER A 52 1.16 -2.67 41.89
CA SER A 52 2.32 -3.51 41.86
C SER A 52 1.95 -4.98 41.70
N SER A 53 0.69 -5.31 41.95
CA SER A 53 0.20 -6.70 41.93
C SER A 53 -0.28 -7.13 40.55
N MET A 54 -0.24 -8.43 40.31
CA MET A 54 -0.97 -9.01 39.20
C MET A 54 -2.41 -9.30 39.59
N ARG A 55 -3.22 -9.59 38.58
CA ARG A 55 -4.53 -10.16 38.82
C ARG A 55 -4.40 -11.63 39.25
N TYR A 56 -5.13 -11.98 40.30
CA TYR A 56 -5.18 -13.36 40.78
C TYR A 56 -6.56 -13.67 41.33
N GLY A 57 -6.82 -14.97 41.50
CA GLY A 57 -8.17 -15.42 41.81
C GLY A 57 -8.30 -16.91 42.08
N TYR A 58 -9.50 -17.29 42.50
CA TYR A 58 -9.81 -18.62 42.98
C TYR A 58 -11.15 -19.05 42.38
N TRP A 59 -11.13 -20.15 41.65
CA TRP A 59 -12.35 -20.79 41.14
C TRP A 59 -12.85 -21.76 42.20
N PHE A 60 -14.15 -21.79 42.45
CA PHE A 60 -14.71 -22.72 43.43
C PHE A 60 -16.14 -23.13 43.10
N ASP A 61 -16.66 -24.08 43.88
CA ASP A 61 -18.07 -24.51 43.79
C ASP A 61 -18.62 -24.62 45.21
N CYS A 62 -19.64 -23.84 45.52
CA CYS A 62 -20.14 -23.76 46.89
C CYS A 62 -20.68 -25.10 47.39
N ARG A 63 -21.03 -25.99 46.46
CA ARG A 63 -21.54 -27.32 46.83
C ARG A 63 -20.44 -28.22 47.35
N MET A 64 -19.19 -27.87 47.06
CA MET A 64 -18.08 -28.76 47.41
C MET A 64 -17.51 -28.44 48.78
N GLY A 65 -18.05 -27.43 49.44
CA GLY A 65 -17.58 -27.11 50.79
C GLY A 65 -17.92 -25.70 51.23
N ASN A 66 -17.47 -25.36 52.43
CA ASN A 66 -17.63 -24.00 52.91
C ASN A 66 -16.32 -23.23 52.83
N PHE A 67 -16.31 -22.19 52.01
CA PHE A 67 -15.07 -21.51 51.68
C PHE A 67 -15.10 -20.06 52.14
N TYR A 68 -13.95 -19.55 52.57
CA TYR A 68 -13.87 -18.17 53.05
C TYR A 68 -12.54 -17.57 52.62
N ILE A 69 -12.49 -16.23 52.56
CA ILE A 69 -11.28 -15.53 52.16
C ILE A 69 -10.59 -14.87 53.35
N GLN A 70 -9.26 -14.93 53.34
CA GLN A 70 -8.45 -14.36 54.40
C GLN A 70 -7.15 -13.79 53.85
N TYR A 71 -6.86 -12.55 54.22
CA TYR A 71 -5.59 -11.96 53.82
C TYR A 71 -4.45 -12.65 54.52
N ASP A 72 -3.36 -12.84 53.81
CA ASP A 72 -2.16 -13.37 54.39
C ASP A 72 -1.02 -12.36 54.28
N PRO A 73 -0.74 -11.64 55.37
CA PRO A 73 0.20 -10.53 55.30
C PRO A 73 1.60 -11.01 54.95
N LYS A 74 1.90 -12.25 55.30
CA LYS A 74 3.20 -12.83 54.99
C LYS A 74 3.38 -12.94 53.48
N ASP A 75 2.47 -13.65 52.81
CA ASP A 75 2.47 -13.76 51.34
C ASP A 75 2.00 -12.47 50.67
N GLY A 76 1.27 -11.64 51.41
CA GLY A 76 0.73 -10.41 50.83
C GLY A 76 -0.36 -10.60 49.78
N LEU A 77 -1.19 -11.62 49.95
CA LEU A 77 -2.40 -11.71 49.12
C LEU A 77 -3.59 -12.29 49.84
N TYR A 78 -4.77 -12.02 49.30
CA TYR A 78 -5.99 -12.67 49.73
C TYR A 78 -6.00 -14.14 49.33
N LYS A 79 -6.33 -14.98 50.30
CA LYS A 79 -6.29 -16.42 50.11
C LYS A 79 -7.67 -17.00 50.36
N MET A 80 -8.07 -17.93 49.51
CA MET A 80 -9.24 -18.75 49.80
C MET A 80 -8.86 -19.83 50.79
N MET A 81 -9.80 -20.14 51.68
CA MET A 81 -9.67 -21.29 52.54
C MET A 81 -11.01 -21.99 52.70
N GLU A 82 -10.94 -23.27 53.08
CA GLU A 82 -12.14 -24.04 53.38
C GLU A 82 -12.25 -24.20 54.89
N GLU A 83 -13.42 -23.89 55.42
CA GLU A 83 -13.65 -24.12 56.85
C GLU A 83 -14.01 -25.58 57.06
N ARG A 84 -13.03 -26.32 57.57
CA ARG A 84 -13.18 -27.75 57.85
C ARG A 84 -14.29 -27.97 58.88
N ASP A 85 -14.25 -27.20 59.96
CA ASP A 85 -15.19 -27.34 61.07
C ASP A 85 -16.53 -26.67 60.73
N GLY A 86 -17.53 -27.49 60.42
CA GLY A 86 -18.82 -26.99 59.92
C GLY A 86 -19.49 -26.01 60.85
N ALA A 87 -19.53 -26.33 62.13
CA ALA A 87 -20.14 -25.45 63.14
C ALA A 87 -19.35 -24.16 63.27
N LYS A 88 -18.02 -24.29 63.29
CA LYS A 88 -17.11 -23.14 63.32
C LYS A 88 -17.42 -22.13 62.22
N PHE A 89 -17.72 -22.62 61.02
CA PHE A 89 -18.08 -21.79 59.87
C PHE A 89 -19.45 -21.15 60.08
N GLU A 90 -20.42 -22.00 60.42
CA GLU A 90 -21.82 -21.58 60.53
C GLU A 90 -21.99 -20.43 61.53
N ASN A 91 -21.11 -20.39 62.51
CA ASN A 91 -20.97 -19.21 63.38
C ASN A 91 -20.47 -18.01 62.57
N ILE A 92 -19.37 -18.20 61.85
CA ILE A 92 -18.84 -17.16 60.96
C ILE A 92 -19.66 -17.07 59.69
N ARG A 99 -23.40 -7.75 59.99
CA ARG A 99 -24.40 -8.62 59.39
C ARG A 99 -24.70 -8.22 57.96
N GLN A 100 -25.14 -6.98 57.77
CA GLN A 100 -25.56 -6.48 56.45
C GLN A 100 -24.38 -5.98 55.62
N MET A 101 -23.17 -6.10 56.16
CA MET A 101 -21.95 -5.86 55.38
C MET A 101 -21.49 -7.16 54.71
N MET A 102 -22.14 -8.26 55.07
CA MET A 102 -22.21 -9.43 54.20
C MET A 102 -23.17 -9.15 53.06
N VAL A 103 -22.63 -8.84 51.89
CA VAL A 103 -23.47 -8.42 50.77
C VAL A 103 -24.05 -9.61 50.00
N SER A 104 -25.25 -9.42 49.46
CA SER A 104 -25.99 -10.47 48.76
C SER A 104 -25.65 -10.46 47.26
N TYR A 105 -25.22 -11.61 46.74
CA TYR A 105 -24.96 -11.77 45.29
C TYR A 105 -26.21 -11.38 44.48
N PRO A 106 -26.02 -10.68 43.35
CA PRO A 106 -27.13 -10.05 42.63
C PRO A 106 -28.13 -11.01 42.00
N LYS A 107 -29.29 -10.47 41.64
CA LYS A 107 -30.30 -11.21 40.92
C LYS A 107 -29.83 -11.45 39.48
N ILE A 108 -30.17 -12.62 38.97
CA ILE A 108 -29.62 -13.10 37.70
C ILE A 108 -30.16 -12.26 36.54
N ASP A 109 -29.26 -11.72 35.73
CA ASP A 109 -29.64 -10.82 34.66
C ASP A 109 -30.53 -11.52 33.64
N GLU A 110 -31.07 -10.75 32.70
CA GLU A 110 -32.00 -11.29 31.71
C GLU A 110 -31.29 -12.27 30.77
N ASP A 111 -29.97 -12.14 30.70
CA ASP A 111 -29.17 -12.93 29.79
C ASP A 111 -28.87 -14.30 30.39
N ASP A 112 -28.92 -14.40 31.71
CA ASP A 112 -28.30 -15.51 32.41
C ASP A 112 -26.82 -15.65 32.04
N THR A 113 -26.12 -14.52 32.07
CA THR A 113 -24.78 -14.39 31.49
C THR A 113 -23.79 -15.41 32.01
N TRP A 114 -23.70 -15.54 33.32
CA TRP A 114 -22.67 -16.38 33.91
C TRP A 114 -22.83 -17.86 33.53
N TYR A 115 -24.07 -18.35 33.58
CA TYR A 115 -24.34 -19.74 33.22
C TYR A 115 -23.90 -20.00 31.79
N ASN A 116 -24.27 -19.08 30.91
CA ASN A 116 -23.90 -19.14 29.50
C ASN A 116 -22.41 -19.11 29.26
N LEU A 117 -21.68 -18.38 30.12
CA LEU A 117 -20.22 -18.42 30.09
C LEU A 117 -19.64 -19.69 30.71
N THR A 118 -20.39 -20.33 31.61
CA THR A 118 -19.84 -21.45 32.37
C THR A 118 -20.66 -22.74 32.20
N GLU A 119 -21.61 -22.72 31.29
CA GLU A 119 -22.45 -23.89 31.06
C GLU A 119 -21.70 -25.21 31.17
N PHE A 120 -20.58 -25.35 30.46
CA PHE A 120 -19.86 -26.62 30.40
C PHE A 120 -18.70 -26.69 31.34
N VAL A 121 -18.53 -25.64 32.15
CA VAL A 121 -17.39 -25.62 33.05
C VAL A 121 -17.71 -26.36 34.35
N GLN A 122 -16.83 -27.27 34.73
CA GLN A 122 -17.02 -28.10 35.90
C GLN A 122 -15.79 -28.00 36.80
N MET A 123 -16.05 -27.90 38.10
CA MET A 123 -14.99 -27.81 39.09
C MET A 123 -14.02 -28.98 38.99
N ASP A 124 -14.51 -30.18 38.71
CA ASP A 124 -13.59 -31.33 38.68
C ASP A 124 -12.70 -31.30 37.42
N LYS A 125 -13.19 -30.68 36.35
CA LYS A 125 -12.34 -30.42 35.18
C LYS A 125 -11.30 -29.31 35.47
N ILE A 126 -11.76 -28.20 36.02
CA ILE A 126 -10.84 -27.13 36.48
C ILE A 126 -9.68 -27.73 37.26
N ARG A 127 -9.98 -28.65 38.16
CA ARG A 127 -9.00 -29.17 39.10
C ARG A 127 -7.94 -30.07 38.48
N LYS A 128 -8.22 -30.61 37.30
CA LYS A 128 -7.20 -31.33 36.54
C LYS A 128 -6.27 -30.39 35.75
N ILE A 129 -6.79 -29.24 35.34
CA ILE A 129 -5.97 -28.22 34.67
C ILE A 129 -5.13 -27.45 35.69
N VAL A 130 -5.74 -27.07 36.80
CA VAL A 130 -4.99 -26.44 37.89
C VAL A 130 -4.78 -27.44 39.02
N ARG A 131 -3.58 -28.00 39.11
CA ARG A 131 -3.33 -29.20 39.90
C ARG A 131 -2.85 -28.85 41.31
N LYS A 132 -3.78 -28.96 42.26
CA LYS A 132 -3.50 -28.69 43.68
C LYS A 132 -4.45 -29.51 44.59
N ASP A 133 -4.03 -30.72 44.91
CA ASP A 133 -4.92 -31.78 45.42
C ASP A 133 -5.57 -31.42 46.74
N GLU A 134 -4.77 -30.84 47.62
CA GLU A 134 -5.22 -30.51 48.98
C GLU A 134 -6.40 -29.56 49.01
N ASN A 135 -6.60 -28.82 47.92
CA ASN A 135 -7.69 -27.85 47.87
C ASN A 135 -8.79 -28.26 46.90
N GLN A 136 -10.01 -27.85 47.23
CA GLN A 136 -11.16 -28.06 46.36
C GLN A 136 -11.49 -26.82 45.53
N PHE A 137 -10.71 -25.76 45.73
CA PHE A 137 -10.81 -24.54 44.91
C PHE A 137 -9.52 -24.36 44.15
N SER A 138 -9.52 -23.49 43.14
CA SER A 138 -8.36 -23.42 42.24
C SER A 138 -7.81 -22.00 42.03
N TYR A 139 -6.52 -21.86 42.23
CA TYR A 139 -5.84 -20.55 42.17
C TYR A 139 -5.28 -20.31 40.77
N VAL A 140 -5.66 -19.18 40.18
CA VAL A 140 -5.08 -18.75 38.90
C VAL A 140 -4.60 -17.29 39.00
N ASP A 141 -3.50 -16.98 38.32
CA ASP A 141 -3.08 -15.59 38.10
C ASP A 141 -2.51 -15.27 36.71
N SER A 142 -2.25 -13.99 36.48
CA SER A 142 -1.79 -13.48 35.21
C SER A 142 -0.55 -14.16 34.65
N SER A 143 0.34 -14.62 35.52
CA SER A 143 1.70 -14.99 35.08
C SER A 143 1.88 -16.47 34.79
N MET A 144 0.85 -17.27 35.07
CA MET A 144 1.02 -18.74 35.01
C MET A 144 1.21 -19.20 33.58
N THR A 145 2.25 -20.00 33.32
CA THR A 145 2.44 -20.56 32.00
C THR A 145 1.64 -21.85 31.85
N THR A 146 1.76 -22.47 30.69
CA THR A 146 1.04 -23.71 30.40
C THR A 146 2.00 -24.89 30.46
N VAL A 147 1.45 -26.08 30.69
CA VAL A 147 2.27 -27.27 30.58
C VAL A 147 2.87 -27.37 29.19
N GLN A 148 2.07 -27.05 28.17
CA GLN A 148 2.58 -27.04 26.78
C GLN A 148 3.81 -26.14 26.61
N GLU A 149 3.71 -24.88 27.03
CA GLU A 149 4.87 -23.98 26.93
C GLU A 149 6.08 -24.52 27.71
N ASN A 150 5.85 -24.98 28.94
CA ASN A 150 6.93 -25.58 29.74
C ASN A 150 7.59 -26.78 29.05
N GLU A 151 6.78 -27.57 28.36
CA GLU A 151 7.30 -28.73 27.65
C GLU A 151 8.14 -28.30 26.45
N LEU A 152 7.61 -27.35 25.69
CA LEU A 152 8.25 -26.91 24.46
C LEU A 152 9.59 -26.27 24.76
N LEU A 153 9.68 -25.60 25.92
CA LEU A 153 10.91 -24.96 26.34
C LEU A 153 12.03 -25.97 26.45
N LYS A 154 11.82 -26.98 27.29
CA LYS A 154 12.83 -28.00 27.55
C LYS A 154 13.13 -28.79 26.28
N SER A 155 12.08 -29.05 25.51
CA SER A 155 12.21 -29.63 24.17
C SER A 155 13.17 -28.79 23.32
N SER A 156 12.86 -27.51 23.17
CA SER A 156 13.74 -26.57 22.49
C SER A 156 15.14 -26.53 23.13
N LEU A 157 15.19 -26.80 24.43
CA LEU A 157 16.45 -26.86 25.17
C LEU A 157 16.99 -28.30 25.20
N GLU A 165 22.27 -27.52 35.94
CA GLU A 165 22.58 -28.28 37.15
C GLU A 165 21.37 -28.36 38.07
N ALA A 166 20.92 -27.21 38.55
CA ALA A 166 19.77 -27.13 39.44
C ALA A 166 18.46 -27.22 38.66
N LYS A 167 17.85 -28.39 38.69
CA LYS A 167 16.55 -28.61 38.04
C LYS A 167 15.42 -28.08 38.91
N ASN A 168 15.75 -27.69 40.14
CA ASN A 168 14.78 -27.59 41.22
C ASN A 168 13.43 -27.06 40.73
N GLU A 169 12.41 -27.91 40.87
CA GLU A 169 11.20 -27.80 40.05
C GLU A 169 10.55 -26.42 40.18
N ASP A 170 9.66 -26.14 39.24
CA ASP A 170 8.58 -25.19 39.48
C ASP A 170 7.40 -25.91 40.14
N ASP A 171 6.65 -25.17 40.93
CA ASP A 171 5.39 -25.67 41.51
C ASP A 171 4.42 -26.07 40.38
N PRO A 172 4.10 -27.37 40.26
CA PRO A 172 3.20 -27.79 39.20
C PRO A 172 1.84 -27.10 39.26
N ALA A 173 1.47 -26.60 40.44
CA ALA A 173 0.20 -25.90 40.62
C ALA A 173 0.22 -24.53 39.96
N HIS A 174 1.41 -24.09 39.54
CA HIS A 174 1.55 -22.79 38.87
C HIS A 174 1.66 -22.97 37.36
N SER A 175 1.38 -24.18 36.89
CA SER A 175 1.22 -24.42 35.46
C SER A 175 -0.20 -24.84 35.08
N LEU A 176 -0.75 -24.19 34.07
CA LEU A 176 -2.06 -24.53 33.56
C LEU A 176 -1.96 -25.74 32.64
N ASN A 177 -2.53 -26.86 33.10
CA ASN A 177 -2.45 -28.12 32.38
C ASN A 177 -3.56 -28.23 31.33
N TYR A 178 -3.53 -27.30 30.37
CA TYR A 178 -4.45 -27.32 29.26
C TYR A 178 -4.05 -28.49 28.37
N THR A 179 -5.02 -29.08 27.69
CA THR A 179 -4.76 -30.01 26.62
C THR A 179 -3.81 -29.45 25.57
N VAL A 180 -2.79 -30.23 25.25
CA VAL A 180 -1.80 -29.81 24.29
C VAL A 180 -2.37 -29.83 22.86
N ILE A 181 -2.49 -28.64 22.26
CA ILE A 181 -2.93 -28.49 20.87
C ILE A 181 -1.81 -27.88 20.05
N ASN A 182 -1.29 -28.62 19.09
CA ASN A 182 -0.20 -28.17 18.25
C ASN A 182 -0.40 -28.65 16.81
N PHE A 183 -0.75 -27.72 15.93
CA PHE A 183 -1.13 -28.06 14.57
C PHE A 183 0.01 -28.60 13.71
N LYS A 184 1.26 -28.39 14.14
CA LYS A 184 2.39 -28.94 13.43
C LYS A 184 3.13 -29.99 14.27
N SER A 185 2.37 -30.97 14.74
CA SER A 185 2.88 -32.02 15.60
C SER A 185 2.51 -33.35 14.99
N ARG A 186 3.27 -34.37 15.35
CA ARG A 186 2.99 -35.72 14.92
C ARG A 186 1.59 -36.14 15.37
N GLU A 187 1.14 -35.62 16.50
CA GLU A 187 -0.19 -35.95 16.99
C GLU A 187 -1.24 -35.47 16.00
N ALA A 188 -0.95 -34.35 15.34
CA ALA A 188 -1.96 -33.69 14.51
C ALA A 188 -1.91 -34.19 13.06
N ILE A 189 -0.78 -34.76 12.67
CA ILE A 189 -0.47 -35.01 11.28
C ILE A 189 -0.07 -36.48 11.14
N ARG A 190 -0.91 -37.30 10.51
CA ARG A 190 -0.56 -38.71 10.30
C ARG A 190 0.48 -38.83 9.21
N PRO A 191 1.54 -39.63 9.45
CA PRO A 191 2.49 -39.81 8.37
C PRO A 191 1.78 -40.31 7.12
N GLY A 192 2.13 -39.76 5.97
CA GLY A 192 1.43 -40.06 4.72
C GLY A 192 0.16 -39.25 4.50
N HIS A 193 -0.24 -38.44 5.48
CA HIS A 193 -1.42 -37.59 5.32
C HIS A 193 -1.14 -36.14 5.66
N GLU A 194 0.09 -35.72 5.35
CA GLU A 194 0.62 -34.43 5.76
C GLU A 194 -0.24 -33.29 5.28
N MET A 195 -0.41 -33.20 3.98
CA MET A 195 -1.18 -32.11 3.40
C MET A 195 -2.63 -32.21 3.81
N GLU A 196 -3.19 -33.42 3.70
CA GLU A 196 -4.58 -33.65 4.09
C GLU A 196 -4.87 -33.14 5.49
N ASP A 197 -4.06 -33.59 6.44
CA ASP A 197 -4.33 -33.31 7.85
C ASP A 197 -4.01 -31.88 8.28
N PHE A 198 -3.06 -31.26 7.59
CA PHE A 198 -2.76 -29.86 7.86
C PHE A 198 -3.84 -28.92 7.29
N LEU A 199 -4.36 -29.22 6.11
CA LEU A 199 -5.39 -28.36 5.53
C LEU A 199 -6.79 -28.63 6.08
N ASP A 200 -7.03 -29.86 6.51
CA ASP A 200 -8.32 -30.22 7.11
C ASP A 200 -8.02 -30.94 8.39
N LYS A 201 -8.31 -30.29 9.50
CA LYS A 201 -7.91 -30.76 10.80
C LYS A 201 -8.95 -31.71 11.44
N SER A 202 -9.83 -32.25 10.60
CA SER A 202 -10.92 -33.11 11.05
C SER A 202 -10.44 -34.34 11.82
N TYR A 203 -9.38 -34.99 11.36
CA TYR A 203 -8.80 -36.11 12.08
C TYR A 203 -8.35 -35.73 13.50
N TYR A 204 -7.64 -34.61 13.60
CA TYR A 204 -7.06 -34.16 14.86
C TYR A 204 -8.20 -33.81 15.79
N LEU A 205 -9.23 -33.15 15.27
CA LEU A 205 -10.35 -32.75 16.09
C LEU A 205 -11.15 -33.98 16.55
N ASN A 206 -11.51 -34.85 15.62
CA ASN A 206 -12.53 -35.87 15.91
C ASN A 206 -11.93 -37.10 16.52
N THR A 207 -10.87 -37.61 15.89
CA THR A 207 -10.23 -38.81 16.38
C THR A 207 -9.32 -38.53 17.59
N VAL A 208 -8.36 -37.63 17.42
CA VAL A 208 -7.37 -37.43 18.48
C VAL A 208 -7.99 -36.72 19.67
N MET A 209 -8.69 -35.61 19.43
CA MET A 209 -9.24 -34.80 20.52
C MET A 209 -10.57 -35.31 21.09
N LEU A 210 -11.61 -35.26 20.28
CA LEU A 210 -12.95 -35.53 20.77
C LEU A 210 -13.07 -36.98 21.24
N GLN A 211 -12.57 -37.91 20.43
CA GLN A 211 -12.72 -39.33 20.72
C GLN A 211 -11.61 -39.79 21.65
N GLY A 212 -10.40 -39.28 21.45
CA GLY A 212 -9.27 -39.69 22.25
C GLY A 212 -9.30 -39.06 23.63
N ILE A 213 -9.22 -37.74 23.68
CA ILE A 213 -8.79 -37.07 24.90
C ILE A 213 -9.98 -36.56 25.69
N PHE A 214 -10.85 -35.79 25.04
CA PHE A 214 -12.01 -35.19 25.70
C PHE A 214 -13.21 -36.15 25.86
N LYS A 215 -13.28 -37.15 25.00
CA LYS A 215 -14.41 -38.12 24.98
C LYS A 215 -15.71 -37.52 24.49
N ASN A 216 -15.94 -36.24 24.74
CA ASN A 216 -17.17 -35.62 24.30
C ASN A 216 -17.06 -34.11 24.17
N SER A 217 -18.10 -33.51 23.59
CA SER A 217 -18.08 -32.10 23.25
C SER A 217 -18.27 -31.20 24.47
N SER A 218 -18.92 -31.74 25.51
CA SER A 218 -19.05 -31.01 26.78
C SER A 218 -17.72 -30.72 27.43
N ASN A 219 -16.84 -31.71 27.43
CA ASN A 219 -15.52 -31.54 28.02
C ASN A 219 -14.62 -30.62 27.20
N TYR A 220 -14.70 -30.74 25.87
CA TYR A 220 -14.08 -29.76 24.97
C TYR A 220 -14.52 -28.33 25.32
N PHE A 221 -15.82 -28.10 25.29
CA PHE A 221 -16.38 -26.79 25.54
C PHE A 221 -16.04 -26.24 26.94
N GLY A 222 -15.96 -27.14 27.93
CA GLY A 222 -15.57 -26.76 29.28
C GLY A 222 -14.19 -26.12 29.32
N GLU A 223 -13.21 -26.84 28.78
CA GLU A 223 -11.85 -26.32 28.71
C GLU A 223 -11.79 -25.01 27.91
N LEU A 224 -12.55 -24.93 26.82
CA LEU A 224 -12.59 -23.72 25.98
C LEU A 224 -13.15 -22.52 26.77
N GLN A 225 -14.20 -22.78 27.52
CA GLN A 225 -14.88 -21.73 28.27
C GLN A 225 -14.02 -21.25 29.46
N PHE A 226 -13.32 -22.20 30.08
CA PHE A 226 -12.39 -21.94 31.17
C PHE A 226 -11.17 -21.14 30.69
N ALA A 227 -10.56 -21.55 29.58
CA ALA A 227 -9.51 -20.77 28.92
C ALA A 227 -9.93 -19.33 28.72
N PHE A 228 -11.10 -19.14 28.14
CA PHE A 228 -11.55 -17.82 27.83
C PHE A 228 -11.61 -16.98 29.08
N LEU A 229 -12.21 -17.54 30.13
CA LEU A 229 -12.47 -16.76 31.31
C LEU A 229 -11.20 -16.43 32.08
N ASN A 230 -10.22 -17.32 32.04
CA ASN A 230 -8.91 -17.01 32.62
C ASN A 230 -8.19 -15.93 31.81
N ALA A 231 -8.38 -15.95 30.49
CA ALA A 231 -7.83 -14.94 29.60
C ALA A 231 -8.40 -13.60 29.95
N MET A 232 -9.72 -13.56 30.11
CA MET A 232 -10.46 -12.33 30.35
C MET A 232 -10.20 -11.75 31.74
N PHE A 233 -10.27 -12.60 32.77
CA PHE A 233 -10.09 -12.14 34.13
C PHE A 233 -8.62 -11.86 34.46
N PHE A 234 -7.69 -12.68 33.97
CA PHE A 234 -6.32 -12.59 34.40
C PHE A 234 -5.33 -12.05 33.37
N GLY A 235 -5.80 -11.91 32.14
CA GLY A 235 -4.92 -11.50 31.04
C GLY A 235 -3.82 -12.50 30.85
N ASN A 236 -4.15 -13.77 31.09
CA ASN A 236 -3.18 -14.83 31.04
C ASN A 236 -2.93 -15.24 29.61
N TYR A 237 -1.66 -15.26 29.23
CA TYR A 237 -1.29 -15.40 27.85
C TYR A 237 -1.68 -16.78 27.33
N GLY A 238 -1.29 -17.80 28.09
CA GLY A 238 -1.51 -19.18 27.69
C GLY A 238 -2.98 -19.49 27.55
N SER A 239 -3.81 -18.81 28.33
CA SER A 239 -5.25 -19.03 28.26
C SER A 239 -5.85 -18.44 27.00
N SER A 240 -5.40 -17.25 26.61
CA SER A 240 -5.92 -16.66 25.39
C SER A 240 -5.50 -17.50 24.21
N LEU A 241 -4.28 -18.00 24.25
CA LEU A 241 -3.80 -18.93 23.24
C LEU A 241 -4.66 -20.20 23.13
N GLN A 242 -4.91 -20.82 24.26
CA GLN A 242 -5.68 -22.07 24.28
C GLN A 242 -7.09 -21.86 23.72
N TRP A 243 -7.73 -20.78 24.13
CA TRP A 243 -9.04 -20.41 23.66
C TRP A 243 -9.09 -20.25 22.16
N HIS A 244 -8.12 -19.51 21.61
CA HIS A 244 -8.03 -19.37 20.17
C HIS A 244 -7.75 -20.69 19.50
N ALA A 245 -6.86 -21.49 20.06
CA ALA A 245 -6.45 -22.73 19.41
C ALA A 245 -7.64 -23.72 19.34
N MET A 246 -8.51 -23.69 20.34
CA MET A 246 -9.65 -24.62 20.40
C MET A 246 -10.76 -24.19 19.45
N ILE A 247 -10.90 -22.88 19.26
CA ILE A 247 -11.76 -22.34 18.24
C ILE A 247 -11.27 -22.65 16.84
N GLU A 248 -9.98 -22.43 16.62
CA GLU A 248 -9.38 -22.63 15.30
C GLU A 248 -9.45 -24.09 14.90
N LEU A 249 -9.32 -24.98 15.89
CA LEU A 249 -9.33 -26.42 15.59
C LEU A 249 -10.68 -26.88 15.02
N ILE A 250 -11.77 -26.44 15.61
CA ILE A 250 -13.10 -26.66 15.04
C ILE A 250 -13.26 -26.04 13.64
N CYS A 251 -12.96 -24.74 13.52
CA CYS A 251 -13.19 -24.00 12.29
C CYS A 251 -12.37 -24.53 11.14
N SER A 252 -11.25 -25.13 11.46
CA SER A 252 -10.34 -25.67 10.45
C SER A 252 -10.62 -27.11 10.07
N SER A 253 -11.74 -27.63 10.56
CA SER A 253 -12.17 -29.00 10.28
C SER A 253 -13.40 -28.99 9.37
N ALA A 254 -13.31 -29.68 8.25
CA ALA A 254 -14.43 -29.84 7.31
C ALA A 254 -15.54 -30.73 7.89
N THR A 255 -15.16 -31.56 8.86
CA THR A 255 -16.09 -32.53 9.47
C THR A 255 -16.19 -32.33 10.98
N VAL A 256 -17.30 -31.74 11.40
CA VAL A 256 -17.55 -31.39 12.77
C VAL A 256 -19.01 -31.80 13.06
N PRO A 257 -19.29 -32.29 14.28
CA PRO A 257 -20.68 -32.62 14.58
C PRO A 257 -21.55 -31.39 14.54
N LYS A 258 -22.73 -31.52 13.96
CA LYS A 258 -23.60 -30.38 13.81
C LYS A 258 -23.87 -29.69 15.15
N HIS A 259 -24.11 -30.45 16.22
CA HIS A 259 -24.50 -29.80 17.49
C HIS A 259 -23.34 -28.95 18.06
N MET A 260 -22.11 -29.35 17.83
CA MET A 260 -20.92 -28.57 18.25
C MET A 260 -20.85 -27.21 17.59
N LEU A 261 -21.04 -27.19 16.28
CA LEU A 261 -21.07 -25.93 15.55
C LEU A 261 -22.16 -24.98 16.00
N ASP A 262 -23.36 -25.49 16.25
CA ASP A 262 -24.46 -24.65 16.74
C ASP A 262 -24.13 -24.17 18.15
N LYS A 263 -23.65 -25.06 19.00
CA LYS A 263 -23.35 -24.69 20.37
C LYS A 263 -22.15 -23.70 20.45
N LEU A 264 -21.15 -23.89 19.59
CA LEU A 264 -19.98 -23.00 19.57
C LEU A 264 -20.39 -21.58 19.23
N ASP A 265 -21.22 -21.41 18.21
CA ASP A 265 -21.70 -20.11 17.84
C ASP A 265 -22.28 -19.34 19.01
N GLU A 266 -23.08 -20.02 19.83
CA GLU A 266 -23.67 -19.38 21.00
C GLU A 266 -22.63 -19.09 22.06
N ILE A 267 -21.80 -20.09 22.34
CA ILE A 267 -20.76 -19.93 23.34
C ILE A 267 -19.91 -18.69 23.04
N LEU A 268 -19.50 -18.53 21.79
CA LEU A 268 -18.58 -17.45 21.43
C LEU A 268 -19.28 -16.14 21.46
N TYR A 269 -20.52 -16.16 20.99
CA TYR A 269 -21.39 -15.01 21.06
C TYR A 269 -21.43 -14.42 22.47
N TYR A 270 -21.67 -15.24 23.48
CA TYR A 270 -21.71 -14.75 24.85
C TYR A 270 -20.33 -14.28 25.33
N GLN A 271 -19.26 -14.94 24.88
CA GLN A 271 -17.92 -14.57 25.31
C GLN A 271 -17.55 -13.19 24.78
N ILE A 272 -17.83 -12.99 23.49
CA ILE A 272 -17.60 -11.72 22.85
C ILE A 272 -18.55 -10.63 23.34
N LYS A 273 -19.76 -11.00 23.73
CA LYS A 273 -20.70 -10.03 24.32
C LYS A 273 -20.21 -9.50 25.67
N THR A 274 -19.62 -10.38 26.47
CA THR A 274 -19.21 -10.03 27.82
C THR A 274 -17.79 -9.43 27.90
N LEU A 275 -16.97 -9.71 26.90
CA LEU A 275 -15.63 -9.15 26.81
C LEU A 275 -15.67 -7.64 26.97
N PRO A 276 -15.06 -7.11 28.05
CA PRO A 276 -14.91 -5.65 28.16
C PRO A 276 -14.02 -5.11 27.05
N GLU A 277 -14.45 -4.02 26.45
CA GLU A 277 -13.70 -3.33 25.41
C GLU A 277 -12.22 -3.21 25.77
N GLN A 278 -11.96 -2.79 27.01
CA GLN A 278 -10.62 -2.37 27.41
C GLN A 278 -9.59 -3.52 27.45
N TYR A 279 -10.07 -4.76 27.33
CA TYR A 279 -9.17 -5.92 27.29
C TYR A 279 -9.07 -6.56 25.90
N SER A 280 -9.78 -6.03 24.91
CA SER A 280 -9.97 -6.72 23.64
C SER A 280 -8.67 -6.78 22.85
N ASP A 281 -7.99 -5.65 22.77
CA ASP A 281 -6.62 -5.58 22.28
C ASP A 281 -5.85 -6.84 22.66
N ILE A 282 -5.79 -7.08 23.97
CA ILE A 282 -4.90 -8.08 24.50
C ILE A 282 -5.45 -9.48 24.21
N LEU A 283 -6.75 -9.65 24.40
CA LEU A 283 -7.37 -10.96 24.20
C LEU A 283 -7.35 -11.38 22.73
N LEU A 284 -8.13 -10.69 21.92
CA LEU A 284 -8.45 -11.16 20.56
C LEU A 284 -7.26 -11.26 19.61
N ASN A 285 -7.20 -12.37 18.89
CA ASN A 285 -6.14 -12.62 17.94
C ASN A 285 -6.65 -12.37 16.52
N GLU A 286 -6.14 -11.30 15.91
CA GLU A 286 -6.64 -10.85 14.62
C GLU A 286 -6.53 -11.95 13.56
N ARG A 287 -5.43 -12.68 13.57
CA ARG A 287 -5.24 -13.68 12.53
C ARG A 287 -6.30 -14.78 12.68
N VAL A 288 -6.55 -15.22 13.90
CA VAL A 288 -7.44 -16.37 14.10
C VAL A 288 -8.88 -16.00 13.76
N TRP A 289 -9.30 -14.84 14.24
CA TRP A 289 -10.64 -14.39 14.01
C TRP A 289 -10.95 -14.12 12.54
N ASN A 290 -9.98 -13.61 11.79
CA ASN A 290 -10.17 -13.42 10.34
C ASN A 290 -10.24 -14.73 9.56
N ILE A 291 -9.32 -15.64 9.86
CA ILE A 291 -9.31 -16.97 9.29
C ILE A 291 -10.66 -17.69 9.57
N CYS A 292 -11.05 -17.79 10.83
CA CYS A 292 -12.19 -18.61 11.18
C CYS A 292 -13.42 -18.09 10.48
N LEU A 293 -13.63 -16.78 10.57
CA LEU A 293 -14.82 -16.16 10.03
C LEU A 293 -14.88 -16.06 8.51
N TYR A 294 -13.76 -15.89 7.82
CA TYR A 294 -13.84 -15.55 6.41
C TYR A 294 -13.22 -16.58 5.49
N SER A 295 -12.35 -17.45 5.98
CA SER A 295 -11.73 -18.45 5.08
C SER A 295 -11.78 -19.92 5.49
N SER A 296 -12.00 -20.22 6.76
CA SER A 296 -11.97 -21.60 7.25
C SER A 296 -13.15 -22.42 6.68
N PHE A 297 -13.13 -23.73 6.91
CA PHE A 297 -14.29 -24.58 6.60
C PHE A 297 -15.57 -24.08 7.27
N GLN A 298 -15.47 -23.56 8.47
CA GLN A 298 -16.66 -23.15 9.19
C GLN A 298 -16.94 -21.64 9.13
N LYS A 299 -16.45 -21.00 8.08
CA LYS A 299 -16.70 -19.57 7.81
C LYS A 299 -18.17 -19.22 7.67
N ASN A 300 -19.02 -20.16 7.30
CA ASN A 300 -20.44 -19.82 7.25
C ASN A 300 -21.23 -20.22 8.49
N SER A 301 -20.57 -20.79 9.48
CA SER A 301 -21.31 -21.61 10.46
C SER A 301 -21.58 -20.86 11.76
N LEU A 302 -20.98 -19.69 11.93
CA LEU A 302 -21.04 -18.97 13.21
C LEU A 302 -21.80 -17.67 13.03
N HIS A 303 -23.01 -17.83 12.54
CA HIS A 303 -23.96 -16.77 12.31
C HIS A 303 -23.96 -15.63 13.36
N ASN A 304 -24.27 -15.97 14.60
CA ASN A 304 -24.45 -14.95 15.64
C ASN A 304 -23.13 -14.34 16.09
N THR A 305 -22.06 -15.11 16.03
CA THR A 305 -20.73 -14.64 16.42
C THR A 305 -20.19 -13.67 15.38
N GLU A 306 -20.33 -14.02 14.11
CA GLU A 306 -19.94 -13.14 13.03
C GLU A 306 -20.63 -11.79 13.20
N LYS A 307 -21.92 -11.81 13.48
CA LYS A 307 -22.65 -10.55 13.58
C LYS A 307 -22.15 -9.68 14.74
N ILE A 308 -21.94 -10.28 15.89
CA ILE A 308 -21.57 -9.49 17.05
C ILE A 308 -20.12 -9.00 16.92
N MET A 309 -19.27 -9.80 16.30
CA MET A 309 -17.87 -9.42 16.08
C MET A 309 -17.77 -8.28 15.08
N GLU A 310 -18.46 -8.42 13.95
CA GLU A 310 -18.50 -7.38 12.94
C GLU A 310 -19.09 -6.09 13.49
N ASN A 311 -19.93 -6.22 14.52
CA ASN A 311 -20.51 -5.07 15.19
C ASN A 311 -19.58 -4.42 16.23
N LYS A 312 -18.91 -5.22 17.06
CA LYS A 312 -18.13 -4.67 18.15
C LYS A 312 -16.71 -4.36 17.72
N TYR A 313 -16.24 -5.05 16.67
CA TYR A 313 -14.82 -5.07 16.34
C TYR A 313 -14.56 -5.12 14.83
N PRO A 314 -15.21 -4.25 14.07
CA PRO A 314 -14.99 -4.23 12.62
C PRO A 314 -13.54 -3.98 12.24
N GLU A 315 -12.89 -3.03 12.92
CA GLU A 315 -11.50 -2.70 12.62
C GLU A 315 -10.60 -3.95 12.58
N LEU A 316 -10.83 -4.85 13.53
CA LEU A 316 -10.10 -6.10 13.63
C LEU A 316 -10.31 -6.99 12.40
N LEU A 317 -11.45 -6.82 11.73
CA LEU A 317 -11.89 -7.69 10.64
C LEU A 317 -11.86 -6.98 9.28
N GLY A 318 -11.23 -5.82 9.24
CA GLY A 318 -11.13 -5.04 8.01
C GLY A 318 -12.46 -4.53 7.52
N LYS A 319 -13.38 -4.26 8.45
CA LYS A 319 -14.74 -3.87 8.09
C LYS A 319 -14.97 -2.37 8.28
N ASP A 320 -14.01 -1.70 8.89
CA ASP A 320 -13.95 -0.23 8.85
C ASP A 320 -13.93 0.26 7.40
N ASN A 321 -15.11 0.56 6.88
CA ASN A 321 -15.28 0.84 5.45
C ASN A 321 -14.71 2.21 5.07
N ASP A 323 -10.50 3.45 4.02
CA ASP A 323 -10.74 4.55 3.09
C ASP A 323 -9.93 5.78 3.46
N ASP A 324 -8.63 5.60 3.68
CA ASP A 324 -7.74 6.71 4.04
C ASP A 324 -6.66 6.94 2.98
N ALA A 325 -6.29 8.20 2.80
CA ALA A 325 -5.47 8.63 1.67
C ALA A 325 -4.03 8.13 1.79
N LEU A 326 -3.60 7.34 0.82
CA LEU A 326 -2.16 7.10 0.63
C LEU A 326 -1.42 8.42 0.80
N ILE A 327 -0.57 8.50 1.82
CA ILE A 327 0.19 9.72 2.09
C ILE A 327 1.32 9.88 1.09
N TYR A 328 2.20 8.89 1.04
CA TYR A 328 3.55 9.09 0.53
C TYR A 328 3.75 8.46 -0.85
N GLY A 329 3.66 9.31 -1.88
CA GLY A 329 3.93 8.90 -3.24
C GLY A 329 4.44 10.06 -4.09
N ASP A 336 7.04 -0.95 -6.62
CA ASP A 336 7.34 -1.38 -5.26
C ASP A 336 7.31 -2.90 -5.11
N ASP A 337 6.63 -3.59 -6.01
CA ASP A 337 5.97 -4.86 -5.69
C ASP A 337 6.91 -6.07 -5.82
N GLU A 338 6.67 -7.06 -4.95
CA GLU A 338 7.41 -8.31 -4.98
C GLU A 338 6.46 -9.44 -5.39
N ASP A 339 7.00 -10.49 -5.99
CA ASP A 339 6.19 -11.46 -6.75
C ASP A 339 5.46 -12.46 -5.85
N ASP A 340 4.41 -13.08 -6.41
CA ASP A 340 3.37 -13.68 -5.58
C ASP A 340 3.39 -15.20 -5.53
N GLU A 341 3.29 -15.70 -4.31
CA GLU A 341 3.56 -17.09 -4.01
C GLU A 341 2.38 -18.00 -4.32
N HIS A 342 1.17 -17.44 -4.33
CA HIS A 342 -0.05 -18.24 -4.44
C HIS A 342 -0.64 -18.20 -5.86
N ASN A 343 0.22 -17.90 -6.83
CA ASN A 343 -0.09 -18.04 -8.25
C ASN A 343 0.95 -18.94 -8.91
N PRO A 344 0.67 -19.41 -10.12
CA PRO A 344 1.74 -20.04 -10.89
C PRO A 344 2.78 -19.02 -11.30
N THR A 345 3.99 -19.52 -11.56
CA THR A 345 5.03 -18.72 -12.16
C THR A 345 4.80 -18.67 -13.68
N ILE A 346 4.44 -17.49 -14.16
CA ILE A 346 4.13 -17.30 -15.57
C ILE A 346 5.41 -17.21 -16.37
N VAL A 347 5.70 -18.25 -17.13
CA VAL A 347 6.89 -18.29 -17.96
C VAL A 347 6.75 -17.32 -19.13
N GLY A 348 5.56 -17.28 -19.69
CA GLY A 348 5.31 -16.53 -20.92
C GLY A 348 3.83 -16.51 -21.24
N GLY A 349 3.46 -15.78 -22.28
CA GLY A 349 2.09 -15.84 -22.75
C GLY A 349 1.85 -15.23 -24.11
N LEU A 350 0.59 -15.33 -24.54
CA LEU A 350 0.10 -14.63 -25.72
C LEU A 350 -1.05 -13.73 -25.28
N TYR A 351 -0.94 -12.44 -25.60
CA TYR A 351 -1.84 -11.44 -25.05
C TYR A 351 -2.49 -10.61 -26.15
N TYR A 352 -3.81 -10.71 -26.27
CA TYR A 352 -4.58 -9.83 -27.17
C TYR A 352 -5.05 -8.62 -26.42
N GLN A 353 -4.75 -7.45 -26.95
CA GLN A 353 -5.05 -6.20 -26.27
C GLN A 353 -4.83 -5.00 -27.17
N ARG A 354 -5.36 -3.86 -26.74
CA ARG A 354 -5.02 -2.58 -27.36
C ARG A 354 -3.55 -2.24 -27.15
N PRO A 355 -2.94 -1.56 -28.12
CA PRO A 355 -1.48 -1.47 -28.27
C PRO A 355 -0.75 -1.19 -26.95
N GLY B 33 -36.81 32.06 -21.92
CA GLY B 33 -36.23 30.70 -21.81
C GLY B 33 -36.65 29.84 -22.98
N SER B 34 -35.67 29.32 -23.72
CA SER B 34 -35.93 28.45 -24.89
C SER B 34 -35.99 29.25 -26.18
N GLY B 35 -36.55 30.44 -26.10
CA GLY B 35 -36.46 31.38 -27.21
C GLY B 35 -35.01 31.75 -27.35
N VAL B 36 -34.38 31.97 -26.21
CA VAL B 36 -32.99 32.37 -26.19
C VAL B 36 -32.15 31.23 -26.69
N MET B 37 -32.52 30.01 -26.32
CA MET B 37 -31.70 28.87 -26.73
C MET B 37 -31.82 28.59 -28.21
N VAL B 38 -33.01 28.78 -28.75
CA VAL B 38 -33.24 28.62 -30.18
C VAL B 38 -32.37 29.62 -30.95
N GLU B 39 -32.45 30.90 -30.59
CA GLU B 39 -31.67 31.90 -31.32
C GLU B 39 -30.18 31.60 -31.19
N TRP B 40 -29.76 31.16 -30.01
CA TRP B 40 -28.35 30.90 -29.75
C TRP B 40 -27.84 29.71 -30.57
N LEU B 41 -28.57 28.60 -30.49
CA LEU B 41 -28.15 27.38 -31.16
C LEU B 41 -28.15 27.52 -32.68
N GLU B 42 -29.11 28.27 -33.21
CA GLU B 42 -29.11 28.52 -34.65
C GLU B 42 -27.94 29.45 -35.01
N SER B 43 -27.75 30.49 -34.21
CA SER B 43 -26.59 31.38 -34.37
C SER B 43 -25.28 30.58 -34.38
N ARG B 44 -25.22 29.49 -33.60
CA ARG B 44 -24.02 28.63 -33.58
C ARG B 44 -24.06 27.54 -34.64
N SER B 45 -25.19 27.38 -35.32
CA SER B 45 -25.34 26.29 -36.29
C SER B 45 -25.17 24.93 -35.60
N PHE B 46 -25.80 24.74 -34.45
CA PHE B 46 -25.49 23.59 -33.63
C PHE B 46 -26.06 22.31 -34.26
N SER B 47 -25.25 21.26 -34.28
CA SER B 47 -25.58 20.00 -34.96
C SER B 47 -26.03 18.95 -33.95
N PRO B 48 -27.36 18.77 -33.80
CA PRO B 48 -27.90 17.94 -32.73
C PRO B 48 -27.18 16.61 -32.56
N ILE B 49 -27.11 16.12 -31.33
CA ILE B 49 -26.39 14.89 -31.05
C ILE B 49 -27.32 13.74 -31.45
N PRO B 50 -26.89 12.90 -32.39
CA PRO B 50 -27.73 11.78 -32.81
C PRO B 50 -27.88 10.71 -31.75
N PHE B 51 -28.87 9.85 -31.93
CA PHE B 51 -28.94 8.59 -31.22
C PHE B 51 -27.72 7.78 -31.59
N PRO B 52 -27.12 7.10 -30.60
CA PRO B 52 -25.86 6.39 -30.85
C PRO B 52 -25.99 5.19 -31.80
N PRO B 53 -25.31 5.24 -32.95
CA PRO B 53 -25.45 4.23 -33.99
C PRO B 53 -25.09 2.84 -33.50
N LEU B 54 -25.61 1.83 -34.18
CA LEU B 54 -25.24 0.44 -33.92
C LEU B 54 -23.72 0.24 -34.00
N THR B 55 -23.06 0.89 -34.95
CA THR B 55 -21.61 0.77 -35.11
C THR B 55 -20.87 2.03 -34.68
N TYR B 56 -21.38 2.70 -33.66
CA TYR B 56 -20.76 3.92 -33.16
C TYR B 56 -19.28 3.68 -32.86
N LYS B 57 -18.43 4.37 -33.60
CA LYS B 57 -16.98 4.18 -33.54
C LYS B 57 -16.43 4.07 -32.11
N ASN B 58 -16.96 4.88 -31.20
CA ASN B 58 -16.38 5.01 -29.86
C ASN B 58 -17.13 4.23 -28.79
N ASP B 59 -18.26 3.62 -29.16
CA ASP B 59 -19.19 3.06 -28.19
C ASP B 59 -18.45 2.23 -27.15
N THR B 60 -17.43 1.52 -27.61
CA THR B 60 -16.63 0.67 -26.75
C THR B 60 -15.99 1.50 -25.62
N LYS B 61 -15.28 2.54 -26.03
CA LYS B 61 -14.47 3.35 -25.13
C LYS B 61 -15.39 4.06 -24.15
N ILE B 62 -16.49 4.57 -24.68
CA ILE B 62 -17.50 5.24 -23.88
C ILE B 62 -18.01 4.30 -22.79
N LEU B 63 -18.12 3.02 -23.13
CA LEU B 63 -18.63 2.03 -22.18
C LEU B 63 -17.63 1.73 -21.06
N VAL B 64 -16.36 1.56 -21.40
CA VAL B 64 -15.34 1.27 -20.37
C VAL B 64 -15.18 2.44 -19.40
N LEU B 65 -15.13 3.65 -19.92
CA LEU B 65 -15.08 4.84 -19.08
C LEU B 65 -16.23 4.77 -18.08
N ALA B 66 -17.42 4.45 -18.57
CA ALA B 66 -18.61 4.46 -17.73
C ALA B 66 -18.50 3.42 -16.62
N LEU B 67 -17.97 2.26 -16.96
CA LEU B 67 -17.92 1.16 -15.99
C LEU B 67 -16.75 1.31 -15.01
N GLU B 68 -15.59 1.70 -15.53
CA GLU B 68 -14.47 2.06 -14.66
C GLU B 68 -14.92 3.04 -13.59
N ASP B 69 -15.70 4.04 -13.98
CA ASP B 69 -16.19 5.03 -13.03
C ASP B 69 -17.09 4.35 -12.03
N LEU B 70 -17.86 3.38 -12.50
CA LEU B 70 -18.78 2.66 -11.65
C LEU B 70 -18.05 1.76 -10.65
N LYS B 71 -16.98 1.10 -11.07
CA LYS B 71 -16.20 0.25 -10.15
C LYS B 71 -15.44 1.06 -9.11
N ASP B 72 -14.80 2.13 -9.60
CA ASP B 72 -13.96 2.98 -8.79
C ASP B 72 -14.28 2.90 -7.32
N VAL B 73 -15.57 2.99 -6.99
CA VAL B 73 -16.00 3.06 -5.59
C VAL B 73 -15.46 1.87 -4.79
N TYR B 74 -15.20 0.76 -5.48
CA TYR B 74 -14.84 -0.49 -4.81
C TYR B 74 -13.34 -0.73 -4.84
N ALA B 75 -12.61 0.17 -5.50
CA ALA B 75 -11.16 0.11 -5.55
C ALA B 75 -10.58 0.13 -4.15
N SER B 76 -11.19 0.93 -3.28
CA SER B 76 -10.65 1.16 -1.95
C SER B 76 -10.77 -0.08 -1.07
N LYS B 77 -11.92 -0.72 -1.10
CA LYS B 77 -12.34 -1.60 0.00
C LYS B 77 -11.96 -3.06 -0.22
N VAL B 78 -11.70 -3.75 0.88
CA VAL B 78 -11.18 -5.12 0.83
C VAL B 78 -12.31 -6.13 0.98
N ARG B 79 -12.90 -6.17 2.17
CA ARG B 79 -14.13 -6.93 2.39
C ARG B 79 -15.30 -6.12 1.86
N LEU B 80 -15.95 -6.65 0.84
CA LEU B 80 -17.21 -6.09 0.37
C LEU B 80 -18.33 -6.52 1.30
N ASN B 81 -19.28 -5.62 1.52
CA ASN B 81 -20.63 -6.03 1.96
C ASN B 81 -21.39 -6.74 0.82
N ALA B 82 -22.59 -7.20 1.12
CA ALA B 82 -23.37 -8.02 0.20
C ALA B 82 -23.69 -7.27 -1.09
N SER B 83 -24.40 -6.15 -0.96
CA SER B 83 -24.88 -5.40 -2.12
C SER B 83 -23.73 -4.69 -2.82
N GLU B 84 -22.74 -4.25 -2.05
CA GLU B 84 -21.47 -3.78 -2.62
C GLU B 84 -20.93 -4.83 -3.58
N ARG B 85 -20.79 -6.07 -3.10
CA ARG B 85 -20.35 -7.18 -3.94
C ARG B 85 -21.33 -7.48 -5.07
N GLU B 86 -22.61 -7.45 -4.77
CA GLU B 86 -23.62 -7.82 -5.76
C GLU B 86 -23.60 -6.79 -6.89
N GLU B 87 -23.57 -5.52 -6.50
CA GLU B 87 -23.36 -4.44 -7.47
C GLU B 87 -22.10 -4.67 -8.31
N LEU B 88 -20.98 -4.90 -7.63
CA LEU B 88 -19.71 -5.03 -8.34
C LEU B 88 -19.79 -6.15 -9.38
N ALA B 89 -20.45 -7.23 -9.01
CA ALA B 89 -20.51 -8.44 -9.84
C ALA B 89 -21.34 -8.15 -11.10
N LEU B 90 -22.37 -7.31 -10.94
CA LEU B 90 -23.14 -6.80 -12.06
C LEU B 90 -22.27 -6.04 -13.08
N ILE B 91 -21.49 -5.08 -12.58
CA ILE B 91 -20.66 -4.27 -13.48
C ILE B 91 -19.68 -5.16 -14.23
N GLU B 92 -19.09 -6.11 -13.53
CA GLU B 92 -18.06 -6.96 -14.14
C GLU B 92 -18.67 -7.78 -15.27
N GLU B 93 -19.90 -8.25 -15.06
CA GLU B 93 -20.63 -8.95 -16.11
C GLU B 93 -20.77 -8.05 -17.32
N ALA B 94 -21.32 -6.86 -17.08
CA ALA B 94 -21.48 -5.86 -18.14
C ALA B 94 -20.17 -5.72 -18.91
N TYR B 95 -19.09 -5.51 -18.17
CA TYR B 95 -17.76 -5.40 -18.76
C TYR B 95 -17.35 -6.66 -19.52
N ASP B 96 -17.63 -7.82 -18.93
CA ASP B 96 -17.21 -9.09 -19.51
C ASP B 96 -17.97 -9.39 -20.79
N ASN B 97 -19.13 -8.74 -20.96
CA ASN B 97 -19.94 -8.87 -22.17
C ASN B 97 -20.29 -7.49 -22.75
N PRO B 98 -19.36 -6.91 -23.54
CA PRO B 98 -19.57 -5.53 -23.97
C PRO B 98 -20.79 -5.35 -24.86
N HIS B 99 -20.75 -5.98 -26.04
CA HIS B 99 -21.66 -5.64 -27.13
C HIS B 99 -23.09 -6.02 -26.84
N ASP B 100 -23.26 -7.12 -26.10
CA ASP B 100 -24.55 -7.44 -25.50
C ASP B 100 -25.05 -6.21 -24.76
N THR B 101 -24.24 -5.72 -23.82
CA THR B 101 -24.62 -4.61 -22.95
C THR B 101 -24.96 -3.36 -23.77
N LEU B 102 -24.15 -3.06 -24.78
CA LEU B 102 -24.42 -1.94 -25.67
C LEU B 102 -25.82 -2.07 -26.24
N ASN B 103 -26.18 -3.26 -26.68
CA ASN B 103 -27.46 -3.49 -27.31
C ASN B 103 -28.62 -3.46 -26.31
N ARG B 104 -28.42 -4.02 -25.12
CA ARG B 104 -29.37 -3.78 -24.03
C ARG B 104 -29.57 -2.28 -23.87
N ILE B 105 -28.47 -1.54 -23.82
CA ILE B 105 -28.51 -0.14 -23.37
C ILE B 105 -29.24 0.74 -24.39
N LYS B 106 -28.85 0.62 -25.66
CA LYS B 106 -29.50 1.38 -26.72
C LYS B 106 -30.97 1.03 -26.83
N LYS B 107 -31.30 -0.22 -26.51
CA LYS B 107 -32.69 -0.65 -26.44
C LYS B 107 -33.46 0.19 -25.44
N TYR B 108 -32.91 0.33 -24.24
CA TYR B 108 -33.59 1.05 -23.16
C TYR B 108 -33.71 2.54 -23.43
N LEU B 109 -32.69 3.12 -24.05
CA LEU B 109 -32.73 4.54 -24.44
C LEU B 109 -33.80 4.74 -25.50
N LEU B 110 -33.83 3.82 -26.45
CA LEU B 110 -34.80 3.91 -27.54
C LEU B 110 -36.22 3.78 -27.00
N THR B 111 -36.43 2.89 -26.03
CA THR B 111 -37.78 2.46 -25.72
C THR B 111 -38.22 2.57 -24.25
N GLN B 112 -37.29 2.56 -23.31
CA GLN B 112 -37.70 2.51 -21.90
C GLN B 112 -38.02 3.90 -21.35
N ARG B 113 -39.18 4.01 -20.70
CA ARG B 113 -39.68 5.29 -20.17
C ARG B 113 -40.26 5.15 -18.77
N VAL B 114 -40.27 3.93 -18.25
CA VAL B 114 -40.58 3.71 -16.84
C VAL B 114 -39.37 3.02 -16.22
N PHE B 115 -39.13 3.30 -14.95
CA PHE B 115 -37.88 2.88 -14.32
C PHE B 115 -38.12 2.47 -12.88
N LYS B 116 -37.14 1.80 -12.29
CA LYS B 116 -37.19 1.46 -10.87
C LYS B 116 -37.24 2.72 -10.02
N PRO B 117 -37.66 2.59 -8.76
CA PRO B 117 -37.60 3.72 -7.82
C PRO B 117 -36.17 4.02 -7.40
N VAL B 118 -35.94 5.24 -6.92
CA VAL B 118 -34.61 5.70 -6.53
C VAL B 118 -34.63 5.96 -5.02
N ASP B 119 -33.64 5.40 -4.33
CA ASP B 119 -33.49 5.62 -2.89
C ASP B 119 -32.57 6.82 -2.62
N ILE B 120 -32.89 7.59 -1.59
CA ILE B 120 -32.08 8.73 -1.21
C ILE B 120 -31.83 8.79 0.29
N THR B 121 -30.68 9.35 0.64
CA THR B 121 -30.16 9.29 2.01
C THR B 121 -29.32 10.54 2.31
N PRO B 131 -28.08 15.31 0.27
CA PRO B 131 -28.90 14.32 -0.42
C PRO B 131 -28.07 13.44 -1.34
N VAL B 132 -28.16 12.12 -1.14
CA VAL B 132 -27.46 11.16 -1.99
C VAL B 132 -28.46 10.17 -2.60
N TYR B 133 -28.29 9.84 -3.88
CA TYR B 133 -29.23 8.99 -4.59
C TYR B 133 -28.60 7.67 -5.00
N SER B 134 -29.24 6.56 -4.61
CA SER B 134 -28.87 5.23 -5.12
C SER B 134 -29.79 4.81 -6.24
N VAL B 135 -29.22 4.59 -7.41
CA VAL B 135 -30.00 4.26 -8.57
C VAL B 135 -29.73 2.82 -8.94
N ASP B 136 -30.78 2.11 -9.32
CA ASP B 136 -30.65 0.69 -9.64
C ASP B 136 -29.40 0.42 -10.47
N PRO B 137 -28.53 -0.46 -9.96
CA PRO B 137 -27.27 -0.76 -10.60
C PRO B 137 -27.31 -0.91 -12.12
N LEU B 138 -28.33 -1.57 -12.65
CA LEU B 138 -28.40 -1.80 -14.11
C LEU B 138 -28.77 -0.53 -14.87
N GLU B 139 -29.59 0.30 -14.25
CA GLU B 139 -29.98 1.57 -14.85
C GLU B 139 -28.74 2.47 -14.92
N LYS B 140 -27.99 2.49 -13.82
CA LYS B 140 -26.75 3.27 -13.71
C LYS B 140 -25.79 3.02 -14.86
N ILE B 141 -25.74 1.77 -15.34
CA ILE B 141 -24.93 1.45 -16.50
C ILE B 141 -25.34 2.21 -17.76
N THR B 142 -26.62 2.18 -18.09
CA THR B 142 -27.10 2.89 -19.28
C THR B 142 -26.91 4.39 -19.04
N ASP B 143 -27.15 4.81 -17.81
CA ASP B 143 -27.05 6.19 -17.38
C ASP B 143 -25.61 6.76 -17.45
N ALA B 144 -24.64 5.97 -16.97
CA ALA B 144 -23.24 6.41 -16.96
C ALA B 144 -22.74 6.34 -18.38
N TYR B 145 -23.23 5.36 -19.12
CA TYR B 145 -22.94 5.29 -20.54
C TYR B 145 -23.48 6.53 -21.27
N LEU B 146 -24.67 6.99 -20.88
CA LEU B 146 -25.27 8.16 -21.53
C LEU B 146 -24.51 9.42 -21.15
N ASP B 147 -24.36 9.65 -19.85
CA ASP B 147 -23.39 10.63 -19.32
C ASP B 147 -22.17 10.78 -20.25
N GLN B 148 -21.39 9.72 -20.41
CA GLN B 148 -20.15 9.80 -21.19
C GLN B 148 -20.38 10.14 -22.67
N TYR B 149 -21.39 9.51 -23.27
CA TYR B 149 -21.68 9.73 -24.70
C TYR B 149 -22.01 11.20 -24.92
N LEU B 150 -22.85 11.73 -24.06
CA LEU B 150 -23.34 13.07 -24.25
C LEU B 150 -22.20 14.08 -24.10
N TRP B 151 -21.42 13.94 -23.03
CA TRP B 151 -20.34 14.89 -22.77
C TRP B 151 -19.31 14.84 -23.86
N TYR B 152 -19.02 13.64 -24.36
CA TYR B 152 -18.09 13.53 -25.46
C TYR B 152 -18.59 14.28 -26.69
N GLU B 153 -19.85 14.01 -27.07
CA GLU B 153 -20.39 14.48 -28.34
C GLU B 153 -20.62 15.99 -28.27
N ALA B 154 -21.03 16.44 -27.09
CA ALA B 154 -21.33 17.84 -26.86
C ALA B 154 -20.03 18.65 -26.81
N ASP B 155 -18.98 18.03 -26.30
CA ASP B 155 -17.68 18.67 -26.28
C ASP B 155 -17.17 18.79 -27.70
N GLN B 156 -17.33 17.73 -28.48
CA GLN B 156 -16.98 17.75 -29.89
C GLN B 156 -17.74 18.84 -30.64
N ARG B 157 -18.96 19.09 -30.22
CA ARG B 157 -19.85 19.97 -30.98
C ARG B 157 -19.84 21.37 -30.39
N LYS B 158 -18.95 21.59 -29.43
CA LYS B 158 -18.81 22.90 -28.78
C LYS B 158 -20.10 23.43 -28.22
N LEU B 159 -20.89 22.57 -27.60
CA LEU B 159 -22.16 23.02 -27.04
C LEU B 159 -21.97 24.06 -25.93
N PHE B 160 -21.01 23.83 -25.04
CA PHE B 160 -20.90 24.64 -23.83
C PHE B 160 -19.85 25.72 -24.04
N PRO B 161 -20.26 27.00 -24.01
CA PRO B 161 -19.26 28.03 -24.32
C PRO B 161 -18.20 28.17 -23.22
N ASN B 162 -17.20 28.99 -23.50
CA ASN B 162 -15.95 28.96 -22.75
C ASN B 162 -16.09 29.42 -21.31
N TRP B 163 -17.18 30.12 -21.01
CA TRP B 163 -17.39 30.68 -19.68
C TRP B 163 -17.99 29.71 -18.66
N ILE B 164 -18.43 28.53 -19.11
CA ILE B 164 -19.13 27.59 -18.23
C ILE B 164 -18.16 26.64 -17.51
N LYS B 165 -18.25 26.64 -16.18
CA LYS B 165 -17.30 25.95 -15.31
C LYS B 165 -18.09 25.02 -14.35
N PRO B 166 -17.46 23.96 -13.82
CA PRO B 166 -16.07 23.57 -14.02
C PRO B 166 -15.79 23.07 -15.40
N SER B 167 -14.56 23.30 -15.83
CA SER B 167 -14.13 22.89 -17.15
C SER B 167 -13.05 21.85 -16.98
N ASP B 168 -13.00 20.89 -17.90
CA ASP B 168 -11.95 19.89 -17.85
C ASP B 168 -10.59 20.59 -17.96
N SER B 169 -10.62 21.83 -18.44
CA SER B 169 -9.43 22.63 -18.76
C SER B 169 -8.55 22.85 -17.54
N GLU B 170 -9.16 22.95 -16.37
CA GLU B 170 -8.41 23.39 -15.22
C GLU B 170 -9.00 22.93 -13.89
N ILE B 171 -8.11 22.71 -12.93
CA ILE B 171 -8.53 22.52 -11.55
C ILE B 171 -9.06 23.84 -11.02
N PRO B 172 -9.85 23.79 -9.95
CA PRO B 172 -10.47 24.99 -9.44
C PRO B 172 -9.50 26.11 -8.98
N PRO B 173 -8.38 25.76 -8.31
CA PRO B 173 -7.45 26.84 -7.93
C PRO B 173 -6.89 27.56 -9.16
N LEU B 174 -6.68 26.82 -10.23
CA LEU B 174 -6.22 27.38 -11.50
C LEU B 174 -7.28 28.23 -12.20
N LEU B 175 -8.56 27.90 -12.01
CA LEU B 175 -9.64 28.76 -12.52
C LEU B 175 -9.57 30.12 -11.85
N VAL B 176 -9.41 30.07 -10.54
CA VAL B 176 -9.41 31.28 -9.77
C VAL B 176 -8.23 32.16 -10.17
N TYR B 177 -7.07 31.52 -10.39
CA TYR B 177 -5.88 32.21 -10.87
C TYR B 177 -6.11 32.84 -12.27
N LYS B 178 -6.54 32.03 -13.23
CA LYS B 178 -6.88 32.52 -14.56
C LYS B 178 -7.84 33.69 -14.55
N TRP B 179 -8.80 33.64 -13.66
CA TRP B 179 -9.85 34.64 -13.60
C TRP B 179 -9.28 35.96 -13.07
N THR B 180 -8.41 35.87 -12.06
CA THR B 180 -7.77 37.06 -11.53
C THR B 180 -6.79 37.66 -12.53
N GLN B 181 -6.01 36.84 -13.23
CA GLN B 181 -5.12 37.36 -14.29
C GLN B 181 -5.94 38.03 -15.39
N GLY B 182 -7.08 37.44 -15.71
CA GLY B 182 -7.88 37.88 -16.83
C GLY B 182 -8.51 39.23 -16.56
N ILE B 183 -8.96 39.41 -15.33
CA ILE B 183 -9.41 40.71 -14.86
C ILE B 183 -8.30 41.74 -15.01
N ASN B 184 -7.11 41.39 -14.55
CA ASN B 184 -5.99 42.33 -14.56
C ASN B 184 -5.64 42.75 -15.99
N ASN B 185 -5.93 41.89 -16.96
CA ASN B 185 -5.46 42.12 -18.31
C ASN B 185 -6.52 42.81 -19.16
N LEU B 186 -7.66 43.13 -18.57
CA LEU B 186 -8.68 43.91 -19.26
C LEU B 186 -8.14 45.30 -19.56
N SER B 187 -8.36 45.73 -20.80
CA SER B 187 -7.84 47.02 -21.28
C SER B 187 -8.22 48.16 -20.35
N GLU B 188 -7.20 48.76 -19.75
CA GLU B 188 -7.36 49.99 -18.95
C GLU B 188 -8.10 49.77 -17.63
N ILE B 189 -8.22 48.51 -17.21
CA ILE B 189 -9.20 48.17 -16.17
C ILE B 189 -9.01 48.94 -14.86
N TRP B 190 -7.78 49.27 -14.50
CA TRP B 190 -7.52 49.91 -13.22
C TRP B 190 -7.52 51.45 -13.27
N ASP B 191 -7.67 52.02 -14.47
CA ASP B 191 -7.74 53.49 -14.64
C ASP B 191 -8.97 54.10 -13.97
N VAL B 192 -8.72 55.03 -13.06
CA VAL B 192 -9.78 55.85 -12.52
C VAL B 192 -9.58 57.35 -12.80
N SER B 193 -8.85 57.66 -13.87
CA SER B 193 -8.54 59.05 -14.25
C SER B 193 -9.80 59.85 -14.44
N ARG B 194 -10.77 59.24 -15.13
CA ARG B 194 -11.98 59.92 -15.58
C ARG B 194 -13.20 59.50 -14.78
N GLY B 195 -12.96 58.97 -13.58
CA GLY B 195 -14.06 58.48 -12.74
C GLY B 195 -14.69 57.18 -13.25
N GLN B 196 -13.89 56.33 -13.87
CA GLN B 196 -14.40 54.99 -14.26
C GLN B 196 -14.70 54.12 -13.04
N SER B 197 -15.47 53.07 -13.26
CA SER B 197 -15.76 52.08 -12.21
C SER B 197 -15.75 50.68 -12.79
N ALA B 198 -15.20 49.73 -12.03
CA ALA B 198 -15.40 48.31 -12.30
C ALA B 198 -16.27 47.72 -11.21
N VAL B 199 -17.13 46.76 -11.59
CA VAL B 199 -18.09 46.16 -10.69
C VAL B 199 -18.04 44.64 -10.86
N LEU B 200 -17.79 43.93 -9.77
CA LEU B 200 -17.78 42.46 -9.80
C LEU B 200 -19.01 41.98 -9.01
N LEU B 201 -20.00 41.48 -9.75
CA LEU B 201 -21.20 40.88 -9.16
C LEU B 201 -21.03 39.38 -9.02
N GLU B 202 -21.36 38.89 -7.84
CA GLU B 202 -21.27 37.47 -7.50
C GLU B 202 -22.57 37.08 -6.81
N THR B 203 -23.22 36.05 -7.32
CA THR B 203 -24.39 35.54 -6.65
C THR B 203 -24.72 34.13 -7.09
N THR B 204 -25.75 33.59 -6.47
CA THR B 204 -26.15 32.21 -6.67
C THR B 204 -27.47 32.17 -7.40
N LEU B 205 -27.52 31.31 -8.41
CA LEU B 205 -28.76 30.98 -9.05
C LEU B 205 -29.61 30.05 -8.18
N GLY B 206 -30.30 30.65 -7.21
CA GLY B 206 -31.20 29.91 -6.32
C GLY B 206 -32.08 28.88 -7.00
N GLU B 207 -31.99 27.64 -6.54
CA GLU B 207 -33.01 26.63 -6.78
C GLU B 207 -33.11 26.27 -8.26
N MET B 208 -31.98 26.42 -8.95
CA MET B 208 -31.92 26.18 -10.37
C MET B 208 -32.34 24.75 -10.68
N ALA B 209 -31.75 23.79 -9.97
CA ALA B 209 -32.02 22.39 -10.23
C ALA B 209 -33.44 22.04 -9.83
N GLU B 210 -33.90 22.65 -8.74
CA GLU B 210 -35.11 22.22 -8.04
C GLU B 210 -36.38 22.57 -8.81
N LYS B 211 -36.32 23.59 -9.66
CA LYS B 211 -37.52 24.04 -10.34
C LYS B 211 -37.54 23.68 -11.81
N ILE B 212 -36.60 22.85 -12.25
CA ILE B 212 -36.64 22.40 -13.62
C ILE B 212 -37.99 21.77 -13.91
N ASP B 213 -38.63 22.26 -14.97
CA ASP B 213 -39.92 21.76 -15.44
C ASP B 213 -39.70 20.78 -16.57
N PHE B 214 -40.24 19.57 -16.42
CA PHE B 214 -39.90 18.49 -17.35
C PHE B 214 -40.34 18.72 -18.80
N THR B 215 -41.46 19.39 -18.98
CA THR B 215 -41.97 19.64 -20.33
C THR B 215 -41.05 20.64 -21.03
N LEU B 216 -40.68 21.70 -20.31
CA LEU B 216 -39.67 22.64 -20.79
C LEU B 216 -38.36 21.91 -21.08
N LEU B 217 -37.99 21.00 -20.18
CA LEU B 217 -36.68 20.37 -20.28
C LEU B 217 -36.63 19.52 -21.53
N ASN B 218 -37.70 18.77 -21.77
CA ASN B 218 -37.77 17.96 -22.98
C ASN B 218 -37.66 18.84 -24.21
N ARG B 219 -38.44 19.91 -24.26
CA ARG B 219 -38.40 20.84 -25.39
C ARG B 219 -36.96 21.32 -25.62
N LEU B 220 -36.32 21.76 -24.54
CA LEU B 220 -34.95 22.24 -24.61
C LEU B 220 -34.01 21.15 -25.13
N LEU B 221 -34.15 19.94 -24.61
CA LEU B 221 -33.22 18.87 -24.99
C LEU B 221 -33.32 18.54 -26.47
N ARG B 222 -34.53 18.62 -27.01
CA ARG B 222 -34.77 18.25 -28.40
C ARG B 222 -34.07 19.18 -29.35
N LEU B 223 -33.73 20.38 -28.88
CA LEU B 223 -32.86 21.27 -29.64
C LEU B 223 -31.46 20.71 -29.82
N ILE B 224 -31.01 19.86 -28.91
CA ILE B 224 -29.60 19.43 -28.89
C ILE B 224 -29.34 17.92 -29.04
N VAL B 225 -30.31 17.11 -28.63
CA VAL B 225 -30.19 15.65 -28.76
C VAL B 225 -31.38 15.02 -29.49
N ASP B 226 -31.12 13.93 -30.22
CA ASP B 226 -32.14 12.96 -30.62
C ASP B 226 -33.32 12.90 -29.66
N PRO B 227 -34.55 12.90 -30.20
CA PRO B 227 -35.73 13.03 -29.35
C PRO B 227 -35.97 11.85 -28.43
N ASN B 228 -35.46 10.68 -28.80
CA ASN B 228 -35.56 9.47 -27.97
C ASN B 228 -34.63 9.52 -26.76
N ILE B 229 -33.49 10.17 -26.93
CA ILE B 229 -32.60 10.42 -25.79
C ILE B 229 -33.25 11.45 -24.88
N ALA B 230 -33.85 12.47 -25.47
CA ALA B 230 -34.55 13.49 -24.69
C ALA B 230 -35.63 12.89 -23.81
N ASP B 231 -36.39 11.98 -24.40
CA ASP B 231 -37.54 11.38 -23.71
C ASP B 231 -37.01 10.49 -22.59
N TYR B 232 -35.98 9.72 -22.90
CA TYR B 232 -35.31 8.93 -21.88
C TYR B 232 -34.94 9.79 -20.67
N ILE B 233 -34.25 10.88 -20.95
CA ILE B 233 -33.70 11.73 -19.91
C ILE B 233 -34.78 12.30 -19.02
N THR B 234 -35.83 12.85 -19.63
CA THR B 234 -36.89 13.53 -18.87
C THR B 234 -37.74 12.51 -18.09
N ALA B 235 -37.95 11.34 -18.70
CA ALA B 235 -38.64 10.23 -18.04
C ALA B 235 -37.85 9.71 -16.83
N LYS B 236 -36.53 9.58 -17.01
CA LYS B 236 -35.69 9.06 -15.94
C LYS B 236 -35.70 9.96 -14.70
N ASN B 237 -36.05 11.23 -14.89
CA ASN B 237 -36.19 12.15 -13.77
C ASN B 237 -37.55 12.00 -13.11
N ASN B 238 -38.46 11.38 -13.85
CA ASN B 238 -39.86 11.36 -13.44
C ASN B 238 -40.20 10.01 -12.80
N VAL B 239 -39.57 9.77 -11.66
CA VAL B 239 -39.63 8.46 -11.03
C VAL B 239 -39.94 8.59 -9.55
N VAL B 240 -40.25 7.45 -8.93
CA VAL B 240 -40.58 7.41 -7.52
C VAL B 240 -39.30 7.54 -6.70
N ILE B 241 -39.34 8.41 -5.69
CA ILE B 241 -38.25 8.57 -4.74
C ILE B 241 -38.68 8.05 -3.38
N ASN B 242 -37.89 7.15 -2.82
CA ASN B 242 -38.17 6.61 -1.49
C ASN B 242 -37.29 7.22 -0.41
N PHE B 243 -37.92 7.80 0.60
CA PHE B 243 -37.24 8.29 1.78
C PHE B 243 -37.99 7.84 3.03
N LYS B 244 -37.25 7.55 4.10
CA LYS B 244 -37.89 7.10 5.34
C LYS B 244 -38.87 5.96 5.03
N ASP B 245 -40.14 6.20 5.32
CA ASP B 245 -41.22 5.28 4.96
C ASP B 245 -42.03 5.83 3.78
N MET B 246 -42.01 7.15 3.62
CA MET B 246 -42.71 7.79 2.51
C MET B 246 -41.98 7.59 1.19
N SER B 247 -42.74 7.37 0.12
CA SER B 247 -42.24 7.58 -1.22
C SER B 247 -43.16 8.55 -1.95
N HIS B 248 -42.60 9.23 -2.94
CA HIS B 248 -43.36 10.20 -3.72
C HIS B 248 -42.78 10.33 -5.12
N VAL B 249 -43.66 10.49 -6.10
CA VAL B 249 -43.22 10.60 -7.48
C VAL B 249 -42.58 11.96 -7.67
N ASN B 250 -41.37 11.96 -8.23
CA ASN B 250 -40.68 13.20 -8.53
C ASN B 250 -41.30 13.87 -9.76
N LYS B 251 -41.98 14.99 -9.53
CA LYS B 251 -42.82 15.62 -10.56
C LYS B 251 -42.04 16.68 -11.31
N TYR B 252 -41.14 17.35 -10.61
CA TYR B 252 -40.26 18.34 -11.21
C TYR B 252 -38.95 18.31 -10.41
N GLY B 253 -38.00 19.16 -10.77
CA GLY B 253 -36.70 19.13 -10.10
C GLY B 253 -35.82 18.06 -10.72
N LEU B 254 -34.62 18.47 -11.10
CA LEU B 254 -33.62 17.54 -11.59
C LEU B 254 -33.17 16.66 -10.44
N ILE B 255 -32.95 15.37 -10.70
CA ILE B 255 -32.39 14.50 -9.67
C ILE B 255 -30.88 14.45 -9.82
N ARG B 256 -30.19 15.12 -8.91
CA ARG B 256 -28.78 15.44 -9.12
C ARG B 256 -27.90 14.20 -9.09
N GLY B 257 -28.47 13.07 -8.68
CA GLY B 257 -27.71 11.85 -8.49
C GLY B 257 -27.58 11.02 -9.74
N LEU B 258 -28.43 11.29 -10.73
CA LEU B 258 -28.33 10.59 -12.01
C LEU B 258 -27.00 10.97 -12.58
N LYS B 259 -26.44 10.08 -13.38
CA LYS B 259 -25.05 10.19 -13.73
C LYS B 259 -24.88 11.21 -14.85
N PHE B 260 -25.97 11.52 -15.53
CA PHE B 260 -25.96 12.52 -16.59
C PHE B 260 -26.60 13.82 -16.12
N ALA B 261 -26.88 13.91 -14.82
CA ALA B 261 -27.42 15.14 -14.25
C ALA B 261 -26.52 16.37 -14.53
N SER B 262 -25.20 16.16 -14.55
CA SER B 262 -24.24 17.26 -14.74
C SER B 262 -24.54 17.96 -16.06
N PHE B 263 -24.78 17.14 -17.08
CA PHE B 263 -25.10 17.61 -18.43
C PHE B 263 -26.33 18.50 -18.43
N ILE B 264 -27.41 17.97 -17.86
CA ILE B 264 -28.65 18.71 -17.78
C ILE B 264 -28.37 20.03 -17.10
N PHE B 265 -27.71 19.95 -15.94
CA PHE B 265 -27.59 21.09 -15.04
C PHE B 265 -26.85 22.24 -15.76
N GLN B 266 -25.83 21.90 -16.55
CA GLN B 266 -25.05 22.91 -17.25
C GLN B 266 -25.74 23.45 -18.51
N TYR B 267 -26.48 22.59 -19.21
CA TYR B 267 -27.33 23.00 -20.35
C TYR B 267 -28.40 24.00 -19.91
N TYR B 268 -29.05 23.68 -18.81
CA TYR B 268 -30.04 24.56 -18.22
C TYR B 268 -29.41 25.88 -17.80
N GLY B 269 -28.24 25.78 -17.19
CA GLY B 269 -27.48 26.94 -16.77
C GLY B 269 -27.18 27.87 -17.94
N LEU B 270 -26.93 27.29 -19.11
CA LEU B 270 -26.65 28.07 -20.31
C LEU B 270 -27.86 28.90 -20.74
N VAL B 271 -29.04 28.34 -20.56
CA VAL B 271 -30.28 29.08 -20.79
C VAL B 271 -30.25 30.37 -19.97
N ILE B 272 -29.85 30.24 -18.70
CA ILE B 272 -29.83 31.38 -17.80
C ILE B 272 -28.67 32.35 -18.11
N ASP B 273 -27.55 31.80 -18.56
CA ASP B 273 -26.41 32.62 -18.95
C ASP B 273 -26.87 33.55 -20.10
N LEU B 274 -27.65 32.98 -21.00
CA LEU B 274 -28.10 33.70 -22.20
C LEU B 274 -29.04 34.83 -21.86
N LEU B 275 -29.92 34.62 -20.88
CA LEU B 275 -30.77 35.68 -20.36
C LEU B 275 -29.96 36.79 -19.70
N LEU B 276 -28.97 36.39 -18.92
CA LEU B 276 -28.13 37.34 -18.20
C LEU B 276 -27.31 38.17 -19.18
N LEU B 277 -26.79 37.52 -20.21
CA LEU B 277 -25.83 38.13 -21.12
C LEU B 277 -26.51 38.78 -22.33
N GLY B 278 -27.62 38.21 -22.77
CA GLY B 278 -28.19 38.51 -24.10
C GLY B 278 -27.38 37.92 -25.23
N GLN B 279 -28.00 37.78 -26.39
CA GLN B 279 -27.41 37.05 -27.51
C GLN B 279 -26.14 37.72 -28.02
N GLU B 280 -26.16 39.05 -28.07
CA GLU B 280 -25.06 39.77 -28.72
C GLU B 280 -23.79 39.65 -27.90
N ARG B 281 -23.88 40.03 -26.63
CA ARG B 281 -22.71 39.95 -25.73
C ARG B 281 -22.23 38.52 -25.49
N ALA B 282 -23.18 37.60 -25.36
CA ALA B 282 -22.83 36.19 -25.29
C ALA B 282 -22.03 35.79 -26.51
N THR B 283 -22.41 36.38 -27.65
CA THR B 283 -21.74 36.08 -28.91
C THR B 283 -20.33 36.68 -28.90
N ASP B 284 -20.21 37.91 -28.42
CA ASP B 284 -18.88 38.55 -28.25
C ASP B 284 -17.97 37.68 -27.39
N LEU B 285 -18.51 37.19 -26.27
CA LEU B 285 -17.74 36.39 -25.33
C LEU B 285 -17.32 35.05 -25.92
N ALA B 286 -18.30 34.31 -26.44
CA ALA B 286 -18.02 32.97 -26.95
C ALA B 286 -17.08 33.03 -28.13
N GLY B 287 -17.18 34.13 -28.87
CA GLY B 287 -16.59 34.21 -30.19
C GLY B 287 -17.45 33.50 -31.21
N PRO B 288 -17.08 33.62 -32.50
CA PRO B 288 -17.71 32.91 -33.61
C PRO B 288 -17.51 31.41 -33.51
N ALA B 289 -18.55 30.65 -33.82
CA ALA B 289 -18.51 29.21 -33.63
C ALA B 289 -17.51 28.55 -34.58
N ASN B 290 -17.12 29.25 -35.63
CA ASN B 290 -16.05 28.78 -36.50
C ASN B 290 -14.64 29.17 -36.00
N ASN B 291 -14.57 30.16 -35.12
CA ASN B 291 -13.31 30.50 -34.46
C ASN B 291 -13.53 31.02 -33.04
N PRO B 292 -13.90 30.11 -32.11
CA PRO B 292 -14.29 30.49 -30.75
C PRO B 292 -13.15 31.13 -29.96
N ASN B 293 -13.50 32.08 -29.10
CA ASN B 293 -12.57 32.65 -28.13
C ASN B 293 -12.24 31.66 -27.02
N GLU B 294 -10.99 31.66 -26.58
CA GLU B 294 -10.64 31.11 -25.28
C GLU B 294 -11.34 31.89 -24.19
N PHE B 295 -11.55 31.23 -23.05
CA PHE B 295 -12.11 31.87 -21.85
C PHE B 295 -11.48 33.23 -21.59
N MET B 296 -12.35 34.24 -21.44
CA MET B 296 -11.97 35.62 -21.15
C MET B 296 -11.30 36.35 -22.33
N GLN B 297 -11.10 35.67 -23.45
CA GLN B 297 -10.41 36.32 -24.58
C GLN B 297 -11.41 36.91 -25.58
N PHE B 298 -11.03 38.02 -26.19
CA PHE B 298 -11.85 38.65 -27.22
C PHE B 298 -11.14 38.74 -28.58
N LYS B 299 -11.90 38.98 -29.63
CA LYS B 299 -11.37 38.98 -31.00
C LYS B 299 -10.55 40.25 -31.23
N SER B 300 -10.99 41.34 -30.59
CA SER B 300 -10.21 42.57 -30.56
C SER B 300 -10.48 43.34 -29.28
N LYS B 301 -9.72 44.42 -29.10
CA LYS B 301 -9.87 45.31 -27.98
C LYS B 301 -11.20 46.08 -28.02
N GLU B 302 -11.73 46.29 -29.22
CA GLU B 302 -12.93 47.11 -29.40
C GLU B 302 -14.18 46.32 -29.04
N VAL B 303 -14.22 45.05 -29.40
CA VAL B 303 -15.26 44.18 -28.91
C VAL B 303 -15.20 44.08 -27.37
N GLU B 304 -13.99 43.95 -26.82
CA GLU B 304 -13.84 43.92 -25.36
C GLU B 304 -14.54 45.11 -24.72
N LYS B 305 -14.29 46.30 -25.26
CA LYS B 305 -14.77 47.55 -24.67
C LYS B 305 -16.19 47.94 -25.06
N ALA B 306 -16.82 47.17 -25.95
CA ALA B 306 -18.04 47.62 -26.60
C ALA B 306 -19.30 47.50 -25.72
N HIS B 307 -19.18 46.77 -24.62
CA HIS B 307 -20.31 46.47 -23.76
C HIS B 307 -19.82 46.55 -22.32
N PRO B 308 -20.68 46.97 -21.38
CA PRO B 308 -20.18 47.11 -20.01
C PRO B 308 -19.77 45.77 -19.36
N ILE B 309 -20.37 44.67 -19.81
CA ILE B 309 -19.99 43.33 -19.33
C ILE B 309 -18.68 42.89 -19.96
N ARG B 310 -17.58 43.07 -19.24
CA ARG B 310 -16.27 42.67 -19.73
C ARG B 310 -16.02 41.17 -19.62
N LEU B 311 -16.36 40.60 -18.47
CA LEU B 311 -16.15 39.17 -18.22
C LEU B 311 -17.37 38.57 -17.56
N TYR B 312 -17.59 37.29 -17.85
CA TYR B 312 -18.62 36.48 -17.20
C TYR B 312 -18.06 35.09 -16.93
N THR B 313 -18.40 34.52 -15.78
CA THR B 313 -18.22 33.09 -15.59
C THR B 313 -19.28 32.52 -14.63
N ARG B 314 -19.66 31.28 -14.89
CA ARG B 314 -20.59 30.56 -14.02
C ARG B 314 -19.91 29.27 -13.59
N TYR B 315 -19.74 29.11 -12.28
CA TYR B 315 -19.31 27.82 -11.73
C TYR B 315 -20.55 27.14 -11.16
N LEU B 316 -21.08 26.18 -11.92
CA LEU B 316 -22.36 25.54 -11.61
C LEU B 316 -23.49 26.55 -11.44
N ASP B 317 -23.83 26.89 -10.19
CA ASP B 317 -24.91 27.84 -9.90
C ASP B 317 -24.42 29.14 -9.28
N ARG B 318 -23.12 29.38 -9.36
CA ARG B 318 -22.51 30.63 -8.88
C ARG B 318 -22.07 31.45 -10.08
N ILE B 319 -22.63 32.63 -10.24
CA ILE B 319 -22.29 33.48 -11.38
C ILE B 319 -21.38 34.61 -10.98
N TYR B 320 -20.47 34.94 -11.88
CA TYR B 320 -19.58 36.10 -11.71
C TYR B 320 -19.62 37.00 -12.94
N MET B 321 -19.84 38.30 -12.70
CA MET B 321 -20.01 39.27 -13.77
C MET B 321 -19.14 40.50 -13.49
N LEU B 322 -18.19 40.75 -14.36
CA LEU B 322 -17.32 41.92 -14.24
C LEU B 322 -17.69 42.99 -15.26
N PHE B 323 -18.27 44.07 -14.75
CA PHE B 323 -18.71 45.21 -15.54
C PHE B 323 -17.63 46.28 -15.51
N HIS B 324 -17.61 47.11 -16.56
CA HIS B 324 -16.86 48.37 -16.56
C HIS B 324 -17.74 49.52 -17.00
N PHE B 325 -17.75 50.61 -16.24
CA PHE B 325 -18.54 51.80 -16.57
C PHE B 325 -17.63 53.02 -16.67
N GLU B 326 -17.87 53.87 -17.67
CA GLU B 326 -17.41 55.25 -17.58
C GLU B 326 -18.35 55.99 -16.61
N GLU B 327 -17.92 57.14 -16.14
CA GLU B 327 -18.67 57.86 -15.09
C GLU B 327 -20.11 58.13 -15.50
N ASP B 328 -20.33 58.44 -16.78
CA ASP B 328 -21.65 58.81 -17.27
C ASP B 328 -22.59 57.60 -17.29
N GLU B 329 -22.12 56.51 -17.86
CA GLU B 329 -22.94 55.30 -17.96
C GLU B 329 -23.36 54.82 -16.57
N GLY B 330 -22.42 54.91 -15.63
CA GLY B 330 -22.69 54.52 -14.23
C GLY B 330 -23.82 55.31 -13.62
N GLU B 331 -23.74 56.63 -13.75
CA GLU B 331 -24.75 57.53 -13.19
C GLU B 331 -26.08 57.37 -13.89
N GLU B 332 -26.04 57.36 -15.21
CA GLU B 332 -27.22 57.00 -15.99
C GLU B 332 -27.90 55.82 -15.30
N LEU B 333 -27.19 54.70 -15.23
CA LEU B 333 -27.77 53.44 -14.78
C LEU B 333 -28.33 53.58 -13.36
N THR B 334 -27.59 54.28 -12.52
CA THR B 334 -27.98 54.50 -11.15
C THR B 334 -29.28 55.29 -11.05
N ASP B 335 -29.37 56.40 -11.79
CA ASP B 335 -30.57 57.24 -11.74
C ASP B 335 -31.80 56.43 -12.13
N GLU B 336 -31.67 55.64 -13.19
CA GLU B 336 -32.75 54.75 -13.62
C GLU B 336 -33.21 53.84 -12.47
N TYR B 337 -32.22 53.34 -11.73
CA TYR B 337 -32.47 52.48 -10.58
C TYR B 337 -33.15 53.25 -9.44
N LEU B 338 -32.55 54.38 -9.07
CA LEU B 338 -33.06 55.20 -7.97
C LEU B 338 -34.46 55.76 -8.25
N ALA B 339 -34.82 55.83 -9.53
CA ALA B 339 -36.17 56.24 -9.92
C ALA B 339 -37.20 55.21 -9.49
N GLU B 340 -36.96 53.94 -9.82
CA GLU B 340 -37.85 52.86 -9.38
C GLU B 340 -37.78 52.77 -7.87
N ASN B 341 -36.56 52.86 -7.34
CA ASN B 341 -36.31 52.56 -5.94
C ASN B 341 -35.58 53.72 -5.27
N PRO B 342 -36.35 54.75 -4.86
CA PRO B 342 -35.71 55.90 -4.22
C PRO B 342 -35.09 55.54 -2.88
N ASP B 343 -33.97 56.20 -2.56
CA ASP B 343 -33.36 56.06 -1.25
C ASP B 343 -33.05 57.43 -0.66
N PRO B 344 -34.11 58.16 -0.26
CA PRO B 344 -33.99 59.53 0.24
C PRO B 344 -33.04 59.66 1.43
N ASN B 345 -33.18 58.77 2.40
CA ASN B 345 -32.48 58.92 3.67
C ASN B 345 -31.03 58.43 3.61
N PHE B 346 -30.60 58.00 2.43
CA PHE B 346 -29.30 57.35 2.26
C PHE B 346 -29.18 56.12 3.17
N GLU B 347 -30.07 55.16 2.96
CA GLU B 347 -30.06 53.91 3.73
C GLU B 347 -29.40 52.75 2.99
N ASN B 348 -29.03 52.95 1.73
CA ASN B 348 -28.63 51.85 0.84
C ASN B 348 -27.39 51.08 1.28
N SER B 349 -26.63 51.64 2.21
CA SER B 349 -25.45 50.97 2.75
C SER B 349 -25.87 49.88 3.73
N ILE B 350 -27.04 50.07 4.35
CA ILE B 350 -27.56 49.03 5.24
C ILE B 350 -27.89 47.80 4.40
N GLY B 351 -27.46 46.64 4.86
CA GLY B 351 -27.78 45.38 4.17
C GLY B 351 -26.96 45.20 2.89
N TYR B 352 -25.91 46.00 2.76
CA TYR B 352 -25.02 45.90 1.62
C TYR B 352 -23.90 44.94 1.94
N ASN B 353 -24.00 43.74 1.40
CA ASN B 353 -23.06 42.67 1.73
C ASN B 353 -21.64 43.09 1.39
N ASN B 354 -20.76 42.78 2.33
CA ASN B 354 -19.35 43.13 2.23
C ASN B 354 -18.53 41.92 2.68
N ARG B 355 -17.21 42.01 2.56
CA ARG B 355 -16.34 40.89 2.87
C ARG B 355 -15.65 41.07 4.22
N LYS B 356 -16.16 40.41 5.26
CA LYS B 356 -15.67 40.60 6.62
C LYS B 356 -14.27 40.03 6.87
N CYS B 357 -13.88 39.04 6.07
CA CYS B 357 -12.57 38.39 6.23
C CYS B 357 -11.39 39.34 6.05
N TRP B 358 -11.63 40.50 5.47
CA TRP B 358 -10.57 41.48 5.24
C TRP B 358 -10.62 42.62 6.25
N PRO B 359 -9.47 43.24 6.56
CA PRO B 359 -9.46 44.42 7.41
C PRO B 359 -10.31 45.54 6.85
N LYS B 360 -10.77 46.43 7.73
CA LYS B 360 -11.80 47.40 7.37
C LYS B 360 -11.35 48.25 6.20
N ASP B 361 -10.10 48.69 6.25
CA ASP B 361 -9.56 49.56 5.20
C ASP B 361 -9.51 48.84 3.85
N SER B 362 -9.49 47.51 3.89
CA SER B 362 -9.20 46.69 2.71
C SER B 362 -10.46 46.15 2.05
N ARG B 363 -11.56 46.11 2.77
CA ARG B 363 -12.82 45.70 2.19
C ARG B 363 -13.46 46.88 1.48
N MET B 364 -14.63 46.67 0.89
CA MET B 364 -15.25 47.71 0.09
C MET B 364 -15.70 48.84 0.99
N ARG B 365 -15.45 50.06 0.55
CA ARG B 365 -15.93 51.23 1.27
C ARG B 365 -17.33 51.59 0.78
N LEU B 366 -18.24 51.76 1.71
CA LEU B 366 -19.63 51.99 1.37
C LEU B 366 -19.88 53.49 1.10
N ILE B 367 -19.20 54.01 0.08
CA ILE B 367 -19.43 55.36 -0.39
C ILE B 367 -20.69 55.38 -1.25
N ARG B 368 -21.56 56.33 -0.97
CA ARG B 368 -22.94 56.30 -1.45
C ARG B 368 -23.06 56.07 -2.96
N GLN B 369 -22.15 56.66 -3.72
CA GLN B 369 -22.17 56.55 -5.18
C GLN B 369 -21.88 55.11 -5.60
N ASP B 370 -20.92 54.49 -4.92
CA ASP B 370 -20.49 53.13 -5.24
C ASP B 370 -21.53 52.11 -4.76
N VAL B 371 -22.16 52.41 -3.65
CA VAL B 371 -23.23 51.57 -3.11
C VAL B 371 -24.47 51.56 -4.01
N ASN B 372 -24.80 52.72 -4.56
CA ASN B 372 -25.94 52.83 -5.45
C ASN B 372 -25.65 52.20 -6.80
N LEU B 373 -24.40 52.30 -7.25
CA LEU B 373 -24.01 51.61 -8.48
C LEU B 373 -24.13 50.10 -8.33
N GLY B 374 -23.64 49.59 -7.20
CA GLY B 374 -23.70 48.15 -6.91
C GLY B 374 -25.13 47.62 -6.95
N ARG B 375 -26.02 48.31 -6.25
CA ARG B 375 -27.43 47.96 -6.21
C ARG B 375 -28.09 48.10 -7.58
N ALA B 376 -27.66 49.08 -8.36
CA ALA B 376 -28.20 49.29 -9.70
C ALA B 376 -27.75 48.19 -10.65
N VAL B 377 -26.50 47.77 -10.53
CA VAL B 377 -26.02 46.70 -11.39
C VAL B 377 -26.82 45.43 -11.11
N PHE B 378 -27.11 45.18 -9.84
CA PHE B 378 -27.79 43.94 -9.45
C PHE B 378 -29.25 43.97 -9.90
N TRP B 379 -29.89 45.10 -9.64
CA TRP B 379 -31.26 45.38 -10.09
C TRP B 379 -31.42 45.12 -11.57
N GLU B 380 -30.46 45.61 -12.36
CA GLU B 380 -30.49 45.39 -13.81
C GLU B 380 -30.42 43.91 -14.10
N ILE B 381 -29.46 43.24 -13.49
CA ILE B 381 -29.15 41.85 -13.76
C ILE B 381 -30.30 40.93 -13.35
N GLN B 382 -30.78 41.11 -12.13
CA GLN B 382 -31.87 40.29 -11.61
C GLN B 382 -33.11 40.35 -12.50
N SER B 383 -33.36 41.49 -13.14
CA SER B 383 -34.56 41.69 -13.94
C SER B 383 -34.59 40.80 -15.18
N ARG B 384 -33.43 40.27 -15.57
CA ARG B 384 -33.32 39.57 -16.83
C ARG B 384 -33.73 38.09 -16.79
N VAL B 385 -34.02 37.58 -15.60
CA VAL B 385 -34.23 36.14 -15.48
C VAL B 385 -35.57 35.86 -14.80
N PRO B 386 -36.42 35.09 -15.48
CA PRO B 386 -37.68 34.74 -14.84
C PRO B 386 -37.43 33.96 -13.56
N THR B 387 -38.16 34.31 -12.51
CA THR B 387 -38.08 33.60 -11.24
C THR B 387 -38.53 32.13 -11.34
N SER B 388 -39.16 31.76 -12.44
CA SER B 388 -39.53 30.36 -12.68
C SER B 388 -38.31 29.49 -13.02
N LEU B 389 -37.26 30.13 -13.53
CA LEU B 389 -36.02 29.43 -13.83
C LEU B 389 -35.12 29.32 -12.59
N THR B 390 -35.05 30.40 -11.82
CA THR B 390 -34.12 30.49 -10.69
C THR B 390 -34.43 31.71 -9.84
N SER B 391 -34.04 31.64 -8.57
CA SER B 391 -34.26 32.73 -7.64
C SER B 391 -32.95 33.48 -7.42
N ILE B 392 -32.95 34.77 -7.77
CA ILE B 392 -31.78 35.61 -7.62
C ILE B 392 -32.11 36.69 -6.60
N LYS B 393 -31.43 36.66 -5.47
CA LYS B 393 -31.81 37.50 -4.34
C LYS B 393 -30.66 38.39 -3.91
N TRP B 394 -30.96 39.66 -3.65
CA TRP B 394 -29.97 40.64 -3.22
C TRP B 394 -29.18 40.10 -2.05
N GLU B 395 -29.85 39.27 -1.24
CA GLU B 395 -29.34 38.81 0.04
C GLU B 395 -28.20 37.82 -0.11
N ASN B 396 -28.23 37.09 -1.22
CA ASN B 396 -27.20 36.11 -1.53
C ASN B 396 -26.22 36.61 -2.60
N ALA B 397 -26.10 37.94 -2.72
CA ALA B 397 -25.19 38.54 -3.69
C ALA B 397 -24.13 39.39 -2.99
N PHE B 398 -22.95 39.41 -3.59
CA PHE B 398 -21.92 40.36 -3.22
C PHE B 398 -21.57 41.18 -4.44
N VAL B 399 -21.55 42.49 -4.29
CA VAL B 399 -21.21 43.36 -5.41
C VAL B 399 -20.06 44.26 -5.01
N SER B 400 -18.90 43.98 -5.58
CA SER B 400 -17.71 44.75 -5.25
C SER B 400 -17.54 45.81 -6.31
N VAL B 401 -17.33 47.05 -5.86
CA VAL B 401 -17.11 48.18 -6.77
C VAL B 401 -15.70 48.71 -6.59
N TYR B 402 -14.96 48.73 -7.70
CA TYR B 402 -13.69 49.43 -7.82
C TYR B 402 -13.91 50.80 -8.48
N SER B 403 -13.26 51.82 -7.92
CA SER B 403 -13.46 53.20 -8.34
C SER B 403 -12.38 54.09 -7.74
N LYS B 404 -12.49 55.39 -7.96
CA LYS B 404 -11.56 56.36 -7.39
C LYS B 404 -11.67 56.39 -5.88
N ASN B 405 -12.83 55.95 -5.37
CA ASN B 405 -13.04 55.84 -3.93
C ASN B 405 -12.93 54.40 -3.37
N ASN B 406 -12.49 53.47 -4.21
CA ASN B 406 -12.50 52.04 -3.84
C ASN B 406 -11.39 51.30 -4.57
N PRO B 407 -10.21 51.17 -3.92
CA PRO B 407 -8.99 50.66 -4.54
C PRO B 407 -8.88 49.13 -4.60
N ASN B 408 -9.75 48.44 -3.87
CA ASN B 408 -9.77 46.97 -3.84
C ASN B 408 -10.97 46.38 -4.58
N LEU B 409 -10.70 45.40 -5.44
CA LEU B 409 -11.76 44.58 -6.04
C LEU B 409 -11.80 43.19 -5.38
N LEU B 410 -13.00 42.77 -5.00
CA LEU B 410 -13.22 41.62 -4.11
C LEU B 410 -14.09 40.56 -4.78
N PHE B 411 -13.76 39.30 -4.54
CA PHE B 411 -14.67 38.20 -4.86
C PHE B 411 -14.30 36.95 -4.06
N SER B 412 -15.21 35.99 -4.05
CA SER B 412 -15.00 34.68 -3.45
C SER B 412 -15.21 33.61 -4.51
N MET B 413 -14.28 32.69 -4.67
CA MET B 413 -14.44 31.68 -5.70
C MET B 413 -13.78 30.35 -5.32
N CYS B 414 -14.56 29.27 -5.38
CA CYS B 414 -14.07 27.91 -5.15
C CYS B 414 -13.32 27.80 -3.83
N GLY B 415 -13.84 28.49 -2.82
CA GLY B 415 -13.36 28.40 -1.48
C GLY B 415 -12.39 29.50 -1.10
N PHE B 416 -11.94 30.27 -2.09
CA PHE B 416 -10.93 31.31 -1.88
C PHE B 416 -11.58 32.67 -1.83
N GLU B 417 -11.18 33.44 -0.82
CA GLU B 417 -11.48 34.85 -0.80
C GLU B 417 -10.34 35.56 -1.50
N VAL B 418 -10.67 36.39 -2.48
CA VAL B 418 -9.68 37.09 -3.27
C VAL B 418 -9.89 38.60 -3.22
N ARG B 419 -8.78 39.32 -3.15
CA ARG B 419 -8.78 40.77 -3.06
C ARG B 419 -7.68 41.26 -4.00
N ILE B 420 -8.07 41.97 -5.04
CA ILE B 420 -7.13 42.51 -6.02
C ILE B 420 -6.84 43.98 -5.70
N LEU B 421 -5.56 44.29 -5.52
CA LEU B 421 -5.08 45.68 -5.35
C LEU B 421 -4.07 46.06 -6.44
N PRO B 422 -4.44 47.02 -7.30
CA PRO B 422 -3.52 47.47 -8.35
C PRO B 422 -2.37 48.33 -7.79
N ARG B 423 -1.17 48.08 -8.30
CA ARG B 423 0.01 48.86 -7.88
C ARG B 423 -0.34 50.34 -7.79
N GLN B 424 -0.78 50.92 -8.91
CA GLN B 424 -1.10 52.34 -8.93
C GLN B 424 -1.85 52.79 -7.67
N ARG B 425 -2.56 51.87 -7.02
CA ARG B 425 -3.41 52.24 -5.87
C ARG B 425 -2.77 51.86 -4.54
N MET B 426 -1.51 51.43 -4.61
CA MET B 426 -0.78 50.91 -3.45
C MET B 426 -0.95 51.78 -2.20
N GLU B 427 -0.74 53.08 -2.34
CA GLU B 427 -0.94 54.02 -1.22
C GLU B 427 -2.16 53.64 -0.39
N GLU B 428 -3.31 53.51 -1.07
CA GLU B 428 -4.54 52.96 -0.48
C GLU B 428 -4.89 53.62 0.85
N ASN B 432 1.02 42.11 3.78
CA ASN B 432 1.08 42.38 2.34
C ASN B 432 2.02 41.42 1.58
N ASP B 433 2.40 40.31 2.23
CA ASP B 433 3.41 39.41 1.67
C ASP B 433 3.02 37.92 1.74
N GLU B 434 1.96 37.61 2.48
CA GLU B 434 1.49 36.23 2.61
C GLU B 434 0.31 35.94 1.69
N GLY B 435 0.30 34.74 1.13
CA GLY B 435 -0.76 34.32 0.21
C GLY B 435 -1.07 35.35 -0.86
N VAL B 436 -0.06 35.72 -1.64
CA VAL B 436 -0.24 36.76 -2.65
C VAL B 436 0.12 36.28 -4.03
N TRP B 437 -0.67 36.69 -5.01
CA TRP B 437 -0.36 36.45 -6.41
C TRP B 437 0.07 37.75 -7.06
N ASP B 438 1.16 37.69 -7.79
CA ASP B 438 1.58 38.80 -8.65
C ASP B 438 0.83 38.77 -9.97
N LEU B 439 0.04 39.80 -10.22
CA LEU B 439 -0.75 39.88 -11.44
C LEU B 439 0.05 40.67 -12.47
N VAL B 440 0.45 39.99 -13.54
CA VAL B 440 1.35 40.56 -14.56
C VAL B 440 0.56 41.05 -15.77
N ASP B 441 0.75 42.31 -16.13
CA ASP B 441 0.29 42.78 -17.43
C ASP B 441 1.04 42.02 -18.53
N GLU B 442 0.29 41.31 -19.37
CA GLU B 442 0.88 40.53 -20.46
C GLU B 442 1.47 41.43 -21.54
N ARG B 443 0.89 42.62 -21.70
CA ARG B 443 1.35 43.55 -22.73
C ARG B 443 2.68 44.21 -22.36
N THR B 444 2.80 44.64 -21.11
CA THR B 444 4.02 45.30 -20.64
C THR B 444 4.95 44.30 -19.96
N LYS B 445 4.41 43.13 -19.64
CA LYS B 445 5.15 42.14 -18.87
C LYS B 445 5.56 42.64 -17.49
N GLN B 446 4.94 43.72 -17.04
CA GLN B 446 5.17 44.24 -15.68
C GLN B 446 4.11 43.74 -14.70
N ARG B 447 4.50 43.58 -13.43
CA ARG B 447 3.53 43.33 -12.35
C ARG B 447 2.68 44.59 -12.19
N THR B 448 1.38 44.50 -12.42
CA THR B 448 0.49 45.66 -12.29
C THR B 448 -0.40 45.61 -11.05
N ALA B 449 -0.49 44.45 -10.42
CA ALA B 449 -1.42 44.26 -9.31
C ALA B 449 -1.06 43.07 -8.43
N LYS B 450 -1.51 43.10 -7.18
CA LYS B 450 -1.46 41.93 -6.32
C LYS B 450 -2.86 41.37 -6.05
N ALA B 451 -3.00 40.05 -6.16
CA ALA B 451 -4.17 39.35 -5.58
C ALA B 451 -3.83 38.73 -4.22
N TYR B 452 -4.52 39.17 -3.18
CA TYR B 452 -4.45 38.54 -1.85
C TYR B 452 -5.50 37.45 -1.70
N LEU B 453 -5.11 36.36 -1.05
CA LEU B 453 -5.98 35.20 -0.89
C LEU B 453 -6.14 34.89 0.58
N LYS B 454 -7.34 34.46 0.93
CA LYS B 454 -7.60 33.84 2.23
C LYS B 454 -8.48 32.62 1.99
N VAL B 455 -8.48 31.69 2.92
CA VAL B 455 -9.46 30.60 2.91
C VAL B 455 -10.79 31.12 3.42
N SER B 456 -11.87 30.86 2.69
CA SER B 456 -13.20 31.34 3.08
C SER B 456 -13.66 30.82 4.44
N GLU B 457 -14.36 31.67 5.16
CA GLU B 457 -14.96 31.33 6.45
C GLU B 457 -15.65 29.98 6.38
N GLU B 458 -16.39 29.75 5.31
CA GLU B 458 -17.15 28.50 5.18
C GLU B 458 -16.19 27.30 5.14
N GLU B 459 -15.06 27.45 4.46
CA GLU B 459 -14.13 26.35 4.34
C GLU B 459 -13.30 26.19 5.61
N ILE B 460 -13.14 27.29 6.36
CA ILE B 460 -12.51 27.22 7.66
C ILE B 460 -13.40 26.42 8.63
N LYS B 461 -14.69 26.75 8.68
CA LYS B 461 -15.64 26.00 9.50
C LYS B 461 -15.74 24.53 9.12
N LYS B 462 -15.69 24.22 7.82
CA LYS B 462 -15.82 22.85 7.39
C LYS B 462 -14.63 22.06 7.92
N PHE B 463 -13.46 22.67 7.85
CA PHE B 463 -12.26 22.01 8.33
C PHE B 463 -12.29 21.85 9.86
N ASP B 464 -12.75 22.88 10.55
CA ASP B 464 -12.92 22.81 11.99
C ASP B 464 -13.85 21.67 12.41
N SER B 465 -14.90 21.42 11.62
CA SER B 465 -15.87 20.39 11.97
C SER B 465 -15.36 19.02 11.63
N ARG B 466 -14.52 18.90 10.60
CA ARG B 466 -13.86 17.63 10.34
C ARG B 466 -12.98 17.19 11.52
N ILE B 467 -12.23 18.13 12.10
CA ILE B 467 -11.34 17.82 13.19
C ILE B 467 -12.14 17.52 14.45
N ARG B 468 -13.13 18.33 14.75
CA ARG B 468 -14.02 18.09 15.89
C ARG B 468 -14.71 16.74 15.75
N GLY B 469 -15.02 16.38 14.52
CA GLY B 469 -15.60 15.07 14.21
C GLY B 469 -14.68 13.91 14.50
N ILE B 470 -13.40 14.06 14.17
CA ILE B 470 -12.42 13.03 14.50
C ILE B 470 -12.42 12.75 15.99
N LEU B 471 -12.31 13.82 16.78
CA LEU B 471 -12.26 13.77 18.24
C LEU B 471 -13.52 13.18 18.87
N MET B 472 -14.60 13.20 18.12
CA MET B 472 -15.94 13.05 18.66
C MET B 472 -16.53 11.73 18.16
N ALA B 473 -15.65 10.78 17.86
CA ALA B 473 -16.04 9.61 17.08
C ALA B 473 -16.62 8.51 17.97
N SER B 474 -16.60 7.28 17.46
CA SER B 474 -16.95 6.09 18.25
C SER B 474 -15.85 5.81 19.28
N THR B 477 -10.98 4.28 19.31
CA THR B 477 -10.31 4.02 18.04
C THR B 477 -8.80 3.89 18.25
N THR B 478 -8.13 3.16 17.36
CA THR B 478 -6.69 3.05 17.43
C THR B 478 -6.04 4.42 17.21
N PHE B 479 -4.93 4.63 17.93
CA PHE B 479 -4.22 5.89 17.94
C PHE B 479 -3.86 6.24 16.50
N THR B 480 -3.32 5.25 15.80
CA THR B 480 -2.93 5.36 14.41
C THR B 480 -4.09 5.78 13.51
N LYS B 481 -5.30 5.41 13.88
CA LYS B 481 -6.44 5.68 13.02
C LYS B 481 -6.80 7.15 13.20
N VAL B 482 -6.77 7.57 14.45
CA VAL B 482 -7.02 8.96 14.75
C VAL B 482 -5.97 9.85 14.07
N ALA B 483 -4.73 9.38 14.04
CA ALA B 483 -3.63 10.12 13.41
C ALA B 483 -3.87 10.20 11.91
N ALA B 484 -4.35 9.09 11.34
CA ALA B 484 -4.49 8.98 9.89
C ALA B 484 -5.66 9.82 9.38
N LYS B 485 -6.70 9.95 10.19
CA LYS B 485 -7.78 10.89 9.90
C LYS B 485 -7.35 12.37 9.99
N TRP B 486 -6.71 12.74 11.08
CA TRP B 486 -6.00 14.02 11.12
C TRP B 486 -5.20 14.26 9.82
N ASN B 487 -4.38 13.30 9.41
CA ASN B 487 -3.50 13.49 8.27
C ASN B 487 -4.26 13.73 6.99
N THR B 488 -5.32 12.94 6.78
CA THR B 488 -6.15 13.05 5.60
C THR B 488 -6.81 14.41 5.51
N SER B 489 -7.27 14.90 6.64
CA SER B 489 -7.90 16.21 6.68
C SER B 489 -6.89 17.32 6.41
N LEU B 490 -5.72 17.18 7.00
CA LEU B 490 -4.69 18.19 6.86
C LEU B 490 -4.25 18.29 5.41
N ILE B 491 -3.94 17.13 4.83
CA ILE B 491 -3.45 17.07 3.49
C ILE B 491 -4.51 17.57 2.51
N SER B 492 -5.77 17.22 2.77
CA SER B 492 -6.85 17.66 1.90
C SER B 492 -6.92 19.18 1.95
N LEU B 493 -6.79 19.76 3.14
CA LEU B 493 -6.80 21.20 3.29
C LEU B 493 -5.59 21.84 2.55
N PHE B 494 -4.39 21.32 2.79
CA PHE B 494 -3.18 21.99 2.34
C PHE B 494 -2.98 21.85 0.84
N THR B 495 -3.31 20.69 0.29
CA THR B 495 -3.03 20.45 -1.12
C THR B 495 -3.96 21.25 -2.01
N TYR B 496 -5.09 21.71 -1.44
CA TYR B 496 -6.06 22.56 -2.15
C TYR B 496 -5.81 24.03 -1.93
N PHE B 497 -5.77 24.46 -0.67
CA PHE B 497 -5.75 25.89 -0.37
C PHE B 497 -4.36 26.54 -0.42
N ARG B 498 -3.32 25.73 -0.23
CA ARG B 498 -1.90 26.14 -0.37
C ARG B 498 -1.61 27.49 0.26
N GLU B 499 -1.19 28.47 -0.52
CA GLU B 499 -0.64 29.70 0.07
C GLU B 499 -1.72 30.56 0.74
N ALA B 500 -2.98 30.29 0.42
CA ALA B 500 -4.08 31.00 1.08
C ALA B 500 -4.12 30.74 2.59
N ILE B 501 -3.62 29.59 3.01
CA ILE B 501 -3.70 29.18 4.41
C ILE B 501 -2.87 30.11 5.30
N VAL B 502 -1.65 30.41 4.86
CA VAL B 502 -0.71 31.19 5.67
C VAL B 502 -1.20 32.61 5.93
N ALA B 503 -2.08 33.12 5.05
CA ALA B 503 -2.70 34.41 5.27
C ALA B 503 -3.97 34.37 6.13
N THR B 504 -4.40 33.19 6.57
CA THR B 504 -5.72 33.07 7.19
C THR B 504 -5.59 32.73 8.70
N GLU B 505 -5.44 33.78 9.51
CA GLU B 505 -4.98 33.59 10.88
C GLU B 505 -5.96 32.76 11.70
N PRO B 506 -7.26 32.91 11.46
CA PRO B 506 -8.19 32.04 12.20
C PRO B 506 -8.00 30.55 11.87
N LEU B 507 -7.51 30.25 10.68
CA LEU B 507 -7.29 28.88 10.28
C LEU B 507 -5.98 28.34 10.87
N LEU B 508 -4.95 29.18 10.91
CA LEU B 508 -3.71 28.83 11.59
C LEU B 508 -3.97 28.47 13.05
N ASP B 509 -4.87 29.22 13.68
CA ASP B 509 -5.23 28.98 15.07
C ASP B 509 -5.93 27.64 15.23
N ILE B 510 -6.87 27.35 14.34
CA ILE B 510 -7.62 26.10 14.39
C ILE B 510 -6.69 24.90 14.11
N LEU B 511 -5.76 25.07 13.20
CA LEU B 511 -4.78 24.03 12.94
C LEU B 511 -4.01 23.69 14.20
N VAL B 512 -3.45 24.70 14.85
CA VAL B 512 -2.67 24.47 16.06
C VAL B 512 -3.51 23.85 17.17
N LYS B 513 -4.68 24.42 17.45
CA LYS B 513 -5.57 23.88 18.48
C LYS B 513 -5.98 22.44 18.16
N GLY B 514 -6.18 22.17 16.89
CA GLY B 514 -6.64 20.86 16.47
C GLY B 514 -5.55 19.83 16.67
N GLU B 515 -4.31 20.22 16.42
CA GLU B 515 -3.20 19.28 16.50
C GLU B 515 -2.97 18.92 17.96
N THR B 516 -3.10 19.91 18.83
CA THR B 516 -2.96 19.72 20.28
C THR B 516 -4.01 18.76 20.82
N ARG B 517 -5.23 18.89 20.33
CA ARG B 517 -6.33 18.03 20.73
C ARG B 517 -6.15 16.59 20.25
N ILE B 518 -5.57 16.42 19.06
CA ILE B 518 -5.22 15.09 18.60
C ILE B 518 -4.18 14.46 19.53
N GLN B 519 -3.11 15.18 19.82
CA GLN B 519 -2.13 14.73 20.81
C GLN B 519 -2.82 14.41 22.13
N ASN B 520 -3.66 15.33 22.61
CA ASN B 520 -4.31 15.16 23.91
C ASN B 520 -5.18 13.95 23.97
N ARG B 521 -5.76 13.57 22.85
CA ARG B 521 -6.57 12.37 22.79
C ARG B 521 -5.70 11.14 22.95
N VAL B 522 -4.54 11.13 22.32
CA VAL B 522 -3.63 10.01 22.47
C VAL B 522 -3.13 9.91 23.92
N LYS B 523 -2.81 11.06 24.51
CA LYS B 523 -2.29 11.09 25.87
C LYS B 523 -3.31 10.57 26.87
N LEU B 524 -4.57 10.97 26.73
CA LEU B 524 -5.60 10.57 27.66
C LEU B 524 -5.86 9.07 27.52
N GLY B 525 -5.69 8.54 26.32
CA GLY B 525 -5.81 7.11 26.11
C GLY B 525 -4.68 6.37 26.77
N LEU B 526 -3.57 7.07 27.04
CA LEU B 526 -2.38 6.42 27.57
C LEU B 526 -2.33 6.49 29.07
N ASN B 527 -3.19 7.29 29.68
CA ASN B 527 -3.10 7.49 31.11
C ASN B 527 -4.04 8.57 31.55
N SER B 528 -4.97 8.20 32.44
CA SER B 528 -5.84 9.17 33.09
C SER B 528 -5.09 10.46 33.38
N LYS B 529 -3.85 10.30 33.87
CA LYS B 529 -3.20 11.33 34.66
C LYS B 529 -2.72 12.50 33.81
N MET B 530 -2.31 12.23 32.57
CA MET B 530 -1.89 13.31 31.65
C MET B 530 -0.47 13.78 31.98
N PRO B 531 0.39 13.92 30.96
CA PRO B 531 1.81 13.81 31.22
C PRO B 531 2.52 15.14 31.39
N THR B 532 3.64 15.10 32.11
CA THR B 532 4.39 16.28 32.50
C THR B 532 4.98 16.98 31.28
N ARG B 533 5.64 16.18 30.45
CA ARG B 533 5.91 16.53 29.08
C ARG B 533 5.77 15.24 28.27
N PHE B 534 5.85 15.35 26.95
CA PHE B 534 5.65 14.17 26.11
C PHE B 534 6.54 14.14 24.88
N PRO B 535 7.25 13.04 24.63
CA PRO B 535 8.19 13.00 23.53
C PRO B 535 7.51 13.03 22.16
N PRO B 536 7.89 14.00 21.33
CA PRO B 536 7.26 14.14 20.03
C PRO B 536 7.59 12.99 19.12
N ALA B 537 8.65 12.25 19.43
CA ALA B 537 8.92 11.07 18.60
C ALA B 537 7.69 10.16 18.50
N VAL B 538 6.87 10.07 19.55
CA VAL B 538 5.82 9.05 19.53
C VAL B 538 4.73 9.44 18.54
N PHE B 539 4.49 10.74 18.38
CA PHE B 539 3.52 11.25 17.41
C PHE B 539 4.00 11.30 15.96
N TYR B 540 5.25 11.69 15.74
CA TYR B 540 5.67 12.16 14.42
C TYR B 540 6.61 11.20 13.73
N THR B 541 7.11 10.23 14.48
CA THR B 541 7.80 9.11 13.86
C THR B 541 6.83 8.41 12.88
N PRO B 542 7.30 8.08 11.66
CA PRO B 542 6.47 7.41 10.67
C PRO B 542 6.07 5.99 11.08
N LYS B 543 4.99 5.52 10.47
CA LYS B 543 4.40 4.23 10.83
C LYS B 543 5.34 3.06 10.64
N GLU B 544 6.19 3.14 9.64
CA GLU B 544 7.14 2.06 9.34
C GLU B 544 8.03 1.81 10.55
N LEU B 545 8.21 2.84 11.34
CA LEU B 545 9.02 2.76 12.56
C LEU B 545 8.15 2.72 13.81
N GLY B 546 6.86 2.55 13.60
CA GLY B 546 5.96 2.22 14.71
C GLY B 546 5.37 3.46 15.32
N GLY B 547 5.65 4.64 14.75
CA GLY B 547 5.02 5.88 15.25
C GLY B 547 3.66 6.14 14.63
N LEU B 548 2.96 7.15 15.12
CA LEU B 548 1.67 7.51 14.55
C LEU B 548 1.73 8.19 13.18
N GLY B 549 2.92 8.67 12.79
CA GLY B 549 3.12 9.36 11.54
C GLY B 549 2.25 10.57 11.34
N MET B 550 1.95 11.29 12.41
CA MET B 550 1.29 12.58 12.27
C MET B 550 2.11 13.58 11.43
N ILE B 551 1.36 14.39 10.69
CA ILE B 551 1.89 15.50 9.92
C ILE B 551 1.59 16.75 10.71
N SER B 552 2.62 17.55 10.95
CA SER B 552 2.47 18.74 11.77
C SER B 552 2.15 19.99 10.98
N ALA B 553 1.47 20.90 11.65
CA ALA B 553 1.19 22.25 11.19
C ALA B 553 1.53 23.24 12.32
N SER B 554 2.32 22.79 13.29
CA SER B 554 2.52 23.51 14.54
C SER B 554 4.01 23.71 14.84
N HIS B 555 4.30 24.63 15.74
CA HIS B 555 5.66 24.83 16.21
C HIS B 555 5.98 23.83 17.32
N ILE B 556 6.76 22.79 17.01
CA ILE B 556 7.07 21.76 18.00
C ILE B 556 8.56 21.62 18.19
N LEU B 557 9.03 21.96 19.39
CA LEU B 557 10.42 21.72 19.79
C LEU B 557 10.67 20.23 20.00
N ILE B 558 11.79 19.72 19.48
CA ILE B 558 12.27 18.42 19.84
C ILE B 558 13.33 18.60 20.94
N PRO B 559 12.98 18.29 22.20
CA PRO B 559 13.94 18.67 23.26
C PRO B 559 15.26 17.95 23.12
N ALA B 560 16.35 18.62 23.50
CA ALA B 560 17.69 18.03 23.37
C ALA B 560 17.80 16.69 24.10
N SER B 561 17.12 16.59 25.24
CA SER B 561 17.15 15.37 26.06
C SER B 561 16.55 14.13 25.34
N ASP B 562 15.72 14.40 24.34
CA ASP B 562 15.19 13.32 23.49
C ASP B 562 16.09 12.97 22.32
N LEU B 563 17.28 13.56 22.25
CA LEU B 563 18.17 13.29 21.15
C LEU B 563 19.37 12.41 21.50
N SER B 564 19.36 11.84 22.68
CA SER B 564 20.43 10.91 23.06
C SER B 564 20.22 9.48 22.54
N TRP B 565 21.30 8.86 22.11
CA TRP B 565 21.28 7.43 21.83
C TRP B 565 22.63 6.76 22.09
N SER B 566 22.61 5.43 22.12
CA SER B 566 23.81 4.66 22.44
C SER B 566 23.82 3.35 21.70
N LYS B 567 25.02 2.80 21.57
CA LYS B 567 25.20 1.54 20.88
C LYS B 567 26.26 0.73 21.62
N GLN B 568 25.95 -0.54 21.87
CA GLN B 568 26.93 -1.47 22.40
C GLN B 568 27.69 -2.17 21.27
N THR B 569 29.02 -2.11 21.32
CA THR B 569 29.86 -2.85 20.39
C THR B 569 30.59 -3.97 21.13
N ASP B 570 31.30 -4.81 20.38
CA ASP B 570 32.21 -5.79 20.96
C ASP B 570 33.25 -5.13 21.86
N THR B 571 33.66 -3.92 21.52
CA THR B 571 34.78 -3.25 22.19
C THR B 571 34.32 -2.27 23.27
N GLY B 572 33.04 -1.91 23.25
CA GLY B 572 32.48 -1.14 24.36
C GLY B 572 31.21 -0.40 23.99
N ILE B 573 30.87 0.61 24.77
CA ILE B 573 29.61 1.32 24.58
C ILE B 573 29.84 2.77 24.13
N THR B 574 29.27 3.11 22.98
CA THR B 574 29.40 4.44 22.40
C THR B 574 28.12 5.26 22.60
N HIS B 575 28.27 6.51 23.00
CA HIS B 575 27.16 7.43 23.26
C HIS B 575 27.05 8.63 22.29
N PHE B 576 25.82 9.07 22.00
CA PHE B 576 25.59 10.36 21.35
C PHE B 576 24.61 11.22 22.14
N ARG B 577 24.96 12.50 22.32
CA ARG B 577 24.05 13.46 22.90
C ARG B 577 24.12 14.77 22.15
N ALA B 578 23.04 15.55 22.25
CA ALA B 578 22.90 16.81 21.52
C ALA B 578 24.06 17.77 21.83
N GLY B 579 24.52 17.78 23.07
CA GLY B 579 25.60 18.68 23.47
C GLY B 579 26.90 18.49 22.68
N MET B 580 27.03 17.34 22.02
CA MET B 580 28.24 16.99 21.30
C MET B 580 28.41 17.69 19.96
N THR B 581 27.32 18.15 19.37
CA THR B 581 27.39 18.83 18.07
C THR B 581 26.92 20.27 18.21
N HIS B 582 27.41 21.12 17.31
CA HIS B 582 26.99 22.51 17.22
C HIS B 582 26.11 22.73 15.98
N GLU B 583 24.90 22.18 16.02
CA GLU B 583 23.97 22.36 14.90
C GLU B 583 22.70 23.04 15.38
N ASP B 584 21.70 23.13 14.52
CA ASP B 584 20.49 23.87 14.85
C ASP B 584 19.62 23.10 15.85
N GLU B 585 18.90 23.85 16.68
CA GLU B 585 17.90 23.28 17.57
C GLU B 585 16.76 22.73 16.72
N LYS B 586 16.27 21.54 17.04
CA LYS B 586 15.42 20.79 16.12
C LYS B 586 13.95 21.08 16.36
N LEU B 587 13.25 21.38 15.27
CA LEU B 587 11.80 21.45 15.28
C LEU B 587 11.22 20.31 14.46
N ILE B 588 10.02 19.87 14.80
CA ILE B 588 9.30 18.97 13.92
C ILE B 588 8.98 19.72 12.64
N PRO B 589 9.37 19.17 11.49
CA PRO B 589 8.94 19.81 10.25
C PRO B 589 7.43 19.93 10.12
N THR B 590 7.00 21.00 9.46
CA THR B 590 5.58 21.22 9.25
C THR B 590 5.23 21.22 7.76
N ILE B 591 3.99 20.86 7.47
CA ILE B 591 3.54 20.66 6.10
C ILE B 591 3.65 21.93 5.24
N PHE B 592 3.63 23.09 5.88
CA PHE B 592 3.65 24.37 5.18
C PHE B 592 4.62 24.41 4.02
N ARG B 593 5.84 23.99 4.27
CA ARG B 593 6.92 24.21 3.32
C ARG B 593 7.11 23.06 2.33
N TYR B 594 6.25 22.04 2.38
CA TYR B 594 6.44 20.86 1.53
C TYR B 594 5.47 20.82 0.34
N ILE B 595 4.57 21.79 0.28
CA ILE B 595 3.70 21.96 -0.87
C ILE B 595 4.00 23.25 -1.65
N THR B 596 4.42 23.07 -2.89
CA THR B 596 4.63 24.17 -3.82
C THR B 596 3.39 25.03 -3.94
N THR B 597 3.58 26.33 -3.85
CA THR B 597 2.48 27.27 -3.97
C THR B 597 1.79 27.08 -5.32
N TRP B 598 0.51 27.42 -5.40
CA TRP B 598 -0.19 27.39 -6.69
C TRP B 598 0.48 28.29 -7.72
N GLU B 599 0.93 29.46 -7.29
CA GLU B 599 1.57 30.41 -8.23
C GLU B 599 2.77 29.78 -8.89
N ASN B 600 3.65 29.16 -8.10
CA ASN B 600 4.82 28.49 -8.65
C ASN B 600 4.50 27.29 -9.51
N GLU B 601 3.48 26.52 -9.12
CA GLU B 601 3.00 25.45 -10.00
C GLU B 601 2.57 26.02 -11.35
N PHE B 602 1.81 27.09 -11.31
CA PHE B 602 1.20 27.64 -12.51
C PHE B 602 2.22 28.33 -13.41
N LEU B 603 3.14 29.08 -12.81
CA LEU B 603 4.24 29.70 -13.58
C LEU B 603 5.13 28.62 -14.17
N ASP B 604 5.44 27.60 -13.38
CA ASP B 604 6.28 26.53 -13.90
C ASP B 604 5.56 25.70 -14.97
N SER B 605 4.25 25.54 -14.83
CA SER B 605 3.42 24.84 -15.83
C SER B 605 3.42 25.55 -17.18
N GLN B 606 3.22 26.85 -17.14
CA GLN B 606 3.34 27.66 -18.34
C GLN B 606 4.67 27.39 -19.00
N ARG B 607 5.74 27.34 -18.19
CA ARG B 607 7.08 27.20 -18.75
C ARG B 607 7.30 25.82 -19.38
N VAL B 608 7.00 24.75 -18.63
CA VAL B 608 7.31 23.41 -19.12
C VAL B 608 6.41 22.94 -20.28
N TRP B 609 5.21 23.50 -20.37
CA TRP B 609 4.33 23.20 -21.50
C TRP B 609 4.74 23.99 -22.76
N ALA B 610 5.21 25.22 -22.61
CA ALA B 610 5.82 25.94 -23.74
C ALA B 610 7.06 25.19 -24.20
N GLU B 611 7.81 24.66 -23.25
CA GLU B 611 9.03 23.93 -23.57
C GLU B 611 8.72 22.67 -24.34
N TYR B 612 7.71 21.95 -23.87
CA TYR B 612 7.24 20.76 -24.55
C TYR B 612 6.84 21.06 -26.00
N ALA B 613 6.01 22.08 -26.19
CA ALA B 613 5.59 22.45 -27.54
C ALA B 613 6.83 22.68 -28.39
N THR B 614 7.83 23.33 -27.82
CA THR B 614 9.02 23.69 -28.57
C THR B 614 9.84 22.45 -28.89
N LYS B 615 9.93 21.53 -27.93
CA LYS B 615 10.70 20.31 -28.15
C LYS B 615 10.05 19.44 -29.22
N ARG B 616 8.72 19.40 -29.17
CA ARG B 616 7.93 18.65 -30.13
C ARG B 616 8.08 19.21 -31.55
N GLN B 617 7.97 20.54 -31.68
CA GLN B 617 8.31 21.23 -32.93
C GLN B 617 9.68 20.84 -33.45
N GLU B 618 10.66 20.91 -32.57
CA GLU B 618 12.03 20.65 -32.99
C GLU B 618 12.19 19.20 -33.46
N ALA B 619 11.49 18.26 -32.80
CA ALA B 619 11.63 16.86 -33.18
C ALA B 619 10.97 16.62 -34.53
N ILE B 620 9.80 17.24 -34.71
CA ILE B 620 9.07 17.17 -35.97
C ILE B 620 9.88 17.75 -37.13
N GLN B 621 10.62 18.82 -36.85
CA GLN B 621 11.52 19.43 -37.84
C GLN B 621 12.63 18.49 -38.29
N GLN B 622 13.00 17.54 -37.45
CA GLN B 622 13.96 16.53 -37.85
C GLN B 622 13.29 15.20 -38.19
N ASN B 623 12.01 15.26 -38.53
CA ASN B 623 11.27 14.05 -38.94
C ASN B 623 11.35 12.96 -37.89
N ARG B 624 11.15 13.36 -36.64
CA ARG B 624 11.31 12.49 -35.49
C ARG B 624 10.12 12.69 -34.57
N ARG B 625 9.81 11.65 -33.80
CA ARG B 625 8.93 11.80 -32.66
C ARG B 625 9.71 12.10 -31.39
N LEU B 626 9.12 12.91 -30.54
CA LEU B 626 9.74 13.29 -29.28
C LEU B 626 9.79 12.09 -28.34
N ALA B 627 10.99 11.74 -27.88
CA ALA B 627 11.14 10.65 -26.92
C ALA B 627 10.97 11.16 -25.50
N PHE B 628 10.44 10.32 -24.62
CA PHE B 628 10.16 10.73 -23.24
C PHE B 628 11.44 11.12 -22.51
N GLU B 629 12.55 10.49 -22.88
CA GLU B 629 13.86 10.78 -22.26
C GLU B 629 14.28 12.24 -22.44
N GLU B 630 13.77 12.89 -23.48
CA GLU B 630 14.10 14.28 -23.73
C GLU B 630 13.34 15.17 -22.77
N LEU B 631 12.31 14.63 -22.14
CA LEU B 631 11.49 15.37 -21.20
C LEU B 631 11.81 15.02 -19.74
N GLU B 632 12.37 13.83 -19.54
CA GLU B 632 12.96 13.48 -18.26
C GLU B 632 13.52 14.76 -17.64
N GLY B 633 12.91 15.20 -16.55
CA GLY B 633 13.30 16.46 -15.92
C GLY B 633 12.20 17.51 -15.89
N SER B 634 11.18 17.32 -16.72
CA SER B 634 9.95 18.07 -16.53
C SER B 634 8.75 17.14 -16.28
N TRP B 635 9.05 15.89 -15.96
CA TRP B 635 8.03 14.85 -15.85
C TRP B 635 7.04 15.10 -14.73
N ASP B 636 7.55 15.59 -13.59
CA ASP B 636 6.76 15.89 -12.42
C ASP B 636 6.49 17.37 -12.33
N ARG B 637 6.52 18.02 -13.48
CA ARG B 637 6.11 19.40 -13.61
C ARG B 637 4.91 19.52 -14.53
N GLY B 638 4.22 20.65 -14.42
CA GLY B 638 3.09 20.95 -15.29
C GLY B 638 1.78 20.58 -14.63
N ILE B 639 0.74 21.33 -15.00
CA ILE B 639 -0.63 20.93 -14.74
C ILE B 639 -1.41 21.08 -16.06
N PRO B 640 -1.77 19.95 -16.66
CA PRO B 640 -1.45 18.62 -16.19
C PRO B 640 0.04 18.32 -16.16
N ARG B 641 0.41 17.30 -15.41
CA ARG B 641 1.79 16.84 -15.35
C ARG B 641 2.21 16.35 -16.72
N ILE B 642 3.43 16.67 -17.07
CA ILE B 642 4.02 16.28 -18.33
C ILE B 642 3.98 14.76 -18.44
N SER B 643 4.06 14.08 -17.30
CA SER B 643 4.04 12.62 -17.25
C SER B 643 2.79 12.03 -17.93
N THR B 644 1.71 12.79 -17.97
CA THR B 644 0.45 12.27 -18.51
C THR B 644 0.57 11.96 -20.00
N LEU B 645 1.45 12.66 -20.69
CA LEU B 645 1.65 12.50 -22.13
C LEU B 645 2.09 11.09 -22.47
N PHE B 646 2.58 10.35 -21.49
CA PHE B 646 3.23 9.07 -21.76
C PHE B 646 2.65 7.94 -20.93
N GLN B 647 1.49 8.16 -20.33
CA GLN B 647 0.77 7.08 -19.65
C GLN B 647 0.12 6.19 -20.72
N ARG B 648 -0.09 4.92 -20.38
CA ARG B 648 -0.58 3.95 -21.37
C ARG B 648 -2.04 4.18 -21.75
N ASP B 649 -2.86 4.59 -20.78
CA ASP B 649 -4.30 4.69 -20.96
C ASP B 649 -4.70 5.99 -21.67
N ARG B 650 -3.73 6.67 -22.28
CA ARG B 650 -3.89 8.05 -22.68
C ARG B 650 -4.85 8.21 -23.87
N HIS B 651 -4.78 7.29 -24.81
CA HIS B 651 -5.53 7.40 -26.06
C HIS B 651 -7.03 7.22 -25.80
N THR B 652 -7.33 6.53 -24.70
CA THR B 652 -8.70 6.33 -24.24
C THR B 652 -9.23 7.47 -23.36
N LEU B 653 -8.38 7.97 -22.46
CA LEU B 653 -8.77 9.11 -21.60
C LEU B 653 -9.17 10.29 -22.46
N ALA B 654 -8.67 10.30 -23.69
CA ALA B 654 -9.02 11.33 -24.65
C ALA B 654 -10.52 11.45 -24.89
N TYR B 655 -11.26 10.39 -24.58
CA TYR B 655 -12.70 10.34 -24.87
C TYR B 655 -13.51 10.58 -23.59
N ASP B 656 -12.82 10.80 -22.48
CA ASP B 656 -13.47 11.05 -21.20
C ASP B 656 -13.68 12.55 -21.03
N ARG B 657 -14.88 13.03 -21.35
CA ARG B 657 -15.13 14.46 -21.31
C ARG B 657 -16.16 14.73 -20.24
N GLY B 658 -16.14 15.94 -19.69
CA GLY B 658 -17.00 16.24 -18.56
C GLY B 658 -16.46 15.65 -17.26
N HIS B 659 -15.20 15.23 -17.30
CA HIS B 659 -14.62 14.48 -16.19
C HIS B 659 -14.53 15.30 -14.90
N ARG B 660 -14.40 16.61 -15.02
CA ARG B 660 -14.35 17.44 -13.81
C ARG B 660 -15.68 17.50 -13.11
N ILE B 661 -16.68 17.92 -13.84
CA ILE B 661 -17.99 18.08 -13.25
C ILE B 661 -18.48 16.69 -12.80
N ARG B 662 -18.11 15.65 -13.53
CA ARG B 662 -18.56 14.29 -13.20
C ARG B 662 -18.05 13.94 -11.81
N ARG B 663 -16.82 14.35 -11.53
CA ARG B 663 -16.20 13.99 -10.26
C ARG B 663 -16.85 14.76 -9.14
N GLU B 664 -17.23 16.00 -9.42
CA GLU B 664 -17.84 16.85 -8.41
C GLU B 664 -19.28 16.42 -8.07
N PHE B 665 -19.98 15.93 -9.08
CA PHE B 665 -21.39 15.54 -8.92
C PHE B 665 -21.51 14.19 -8.19
N LYS B 666 -20.41 13.46 -8.09
CA LYS B 666 -20.39 12.22 -7.29
C LYS B 666 -20.91 12.44 -5.88
N GLN B 667 -20.86 13.66 -5.40
CA GLN B 667 -21.42 13.99 -4.10
C GLN B 667 -22.91 13.66 -4.00
N TYR B 668 -23.58 13.48 -5.13
CA TYR B 668 -25.03 13.35 -5.13
C TYR B 668 -25.46 11.89 -5.27
N SER B 669 -24.49 11.04 -5.58
CA SER B 669 -24.79 9.65 -5.92
C SER B 669 -23.90 8.64 -5.17
N LEU B 670 -22.91 9.14 -4.43
CA LEU B 670 -22.13 8.30 -3.51
C LEU B 670 -22.04 8.95 -2.14
N GLU B 671 -22.20 8.16 -1.09
CA GLU B 671 -22.27 8.71 0.28
C GLU B 671 -20.87 9.04 0.83
N ARG B 672 -19.87 8.26 0.41
CA ARG B 672 -18.48 8.55 0.74
C ARG B 672 -17.65 8.75 -0.52
N ASN B 673 -17.00 9.91 -0.62
CA ASN B 673 -16.13 10.20 -1.75
C ASN B 673 -14.75 10.68 -1.29
N SER B 674 -13.77 10.54 -2.18
CA SER B 674 -12.48 11.22 -2.01
C SER B 674 -12.62 12.70 -1.62
N PRO B 675 -11.87 13.14 -0.59
CA PRO B 675 -11.64 14.57 -0.39
C PRO B 675 -10.97 15.29 -1.57
N PHE B 676 -10.36 14.53 -2.49
CA PHE B 676 -9.70 15.08 -3.66
C PHE B 676 -10.64 15.07 -4.87
N TRP B 677 -11.78 15.71 -4.68
CA TRP B 677 -12.86 15.71 -5.66
C TRP B 677 -12.54 16.66 -6.82
N TRP B 678 -11.47 17.43 -6.66
CA TRP B 678 -11.20 18.57 -7.52
C TRP B 678 -10.03 18.32 -8.44
N THR B 679 -9.38 17.17 -8.27
CA THR B 679 -8.36 16.79 -9.20
C THR B 679 -8.50 15.32 -9.50
N ASN B 680 -8.04 14.93 -10.68
CA ASN B 680 -8.18 13.56 -11.13
C ASN B 680 -6.85 13.12 -11.67
N SER B 681 -6.26 12.08 -11.07
CA SER B 681 -4.86 11.80 -11.34
C SER B 681 -4.62 11.20 -12.72
N HIS B 682 -5.66 10.63 -13.35
CA HIS B 682 -5.51 10.11 -14.71
C HIS B 682 -5.34 11.24 -15.72
N HIS B 683 -6.04 12.33 -15.49
CA HIS B 683 -5.99 13.50 -16.35
C HIS B 683 -4.91 14.51 -15.92
N ASP B 684 -4.78 14.69 -14.61
CA ASP B 684 -4.01 15.81 -14.02
C ASP B 684 -2.57 15.39 -13.67
N GLY B 685 -2.36 14.07 -13.53
CA GLY B 685 -1.21 13.53 -12.81
C GLY B 685 -1.29 13.76 -11.31
N LYS B 686 -0.24 13.37 -10.60
CA LYS B 686 -0.16 13.66 -9.16
C LYS B 686 0.40 15.05 -8.86
N LEU B 687 -0.35 15.84 -8.09
CA LEU B 687 -0.06 17.26 -7.93
C LEU B 687 0.62 17.64 -6.61
N TRP B 688 0.95 16.64 -5.80
CA TRP B 688 1.79 16.84 -4.62
C TRP B 688 2.57 15.58 -4.36
N ASN B 689 3.56 15.69 -3.50
CA ASN B 689 4.34 14.54 -3.12
C ASN B 689 5.06 14.88 -1.81
N LEU B 690 4.73 14.12 -0.76
CA LEU B 690 5.12 14.46 0.61
C LEU B 690 6.23 13.57 1.14
N ASN B 691 6.92 12.86 0.26
CA ASN B 691 7.99 11.98 0.68
C ASN B 691 9.14 12.71 1.39
N ALA B 692 9.47 13.92 0.94
CA ALA B 692 10.54 14.64 1.59
C ALA B 692 10.18 14.96 3.05
N TYR B 693 8.87 15.15 3.31
CA TYR B 693 8.39 15.33 4.70
C TYR B 693 8.80 14.17 5.62
N ARG B 694 8.52 12.94 5.18
CA ARG B 694 8.85 11.76 5.98
C ARG B 694 10.35 11.70 6.29
N THR B 695 11.14 11.82 5.24
CA THR B 695 12.59 11.89 5.34
C THR B 695 13.04 12.98 6.32
N ASP B 696 12.45 14.16 6.22
CA ASP B 696 12.89 15.25 7.06
C ASP B 696 12.49 15.08 8.52
N VAL B 697 11.30 14.53 8.79
CA VAL B 697 10.90 14.26 10.17
C VAL B 697 11.83 13.24 10.81
N ILE B 698 12.20 12.20 10.08
CA ILE B 698 13.05 11.18 10.66
C ILE B 698 14.37 11.85 11.04
N GLN B 699 14.87 12.68 10.13
CA GLN B 699 16.17 13.32 10.33
C GLN B 699 16.09 14.27 11.49
N ALA B 700 15.00 15.02 11.60
CA ALA B 700 14.90 16.00 12.68
C ALA B 700 14.84 15.33 14.05
N LEU B 701 14.22 14.16 14.09
CA LEU B 701 14.07 13.40 15.34
C LEU B 701 15.38 12.73 15.75
N GLY B 702 16.40 12.83 14.89
CA GLY B 702 17.73 12.30 15.17
C GLY B 702 18.09 11.06 14.40
N GLY B 703 17.34 10.78 13.36
CA GLY B 703 17.65 9.63 12.54
C GLY B 703 17.06 8.41 13.22
N ILE B 704 17.08 7.32 12.48
CA ILE B 704 16.60 6.01 12.92
C ILE B 704 17.17 5.66 14.30
N GLU B 705 18.48 5.77 14.44
CA GLU B 705 19.20 5.46 15.66
C GLU B 705 18.60 6.13 16.88
N THR B 706 18.27 7.40 16.76
CA THR B 706 17.74 8.16 17.86
C THR B 706 16.29 7.73 18.14
N ILE B 707 15.50 7.63 17.08
CA ILE B 707 14.10 7.23 17.20
C ILE B 707 13.95 5.89 17.90
N LEU B 708 14.77 4.93 17.54
CA LEU B 708 14.66 3.60 18.10
C LEU B 708 15.10 3.50 19.56
N GLU B 709 15.91 4.44 20.01
CA GLU B 709 16.36 4.45 21.40
C GLU B 709 15.17 4.74 22.33
N HIS B 710 14.13 5.34 21.77
CA HIS B 710 12.87 5.60 22.51
C HIS B 710 11.91 4.37 22.58
N THR B 711 12.30 3.27 21.97
CA THR B 711 11.41 2.10 21.82
C THR B 711 12.07 0.86 22.38
N LEU B 712 11.35 -0.26 22.29
CA LEU B 712 11.81 -1.51 22.83
C LEU B 712 12.58 -2.29 21.79
N PHE B 713 12.97 -1.63 20.69
CA PHE B 713 13.74 -2.29 19.64
C PHE B 713 15.00 -3.02 20.11
N LYS B 714 15.86 -2.33 20.85
CA LYS B 714 17.08 -3.01 21.31
C LYS B 714 16.72 -4.23 22.18
N GLY B 715 15.59 -4.15 22.88
CA GLY B 715 15.08 -5.27 23.69
C GLY B 715 14.81 -6.56 22.91
N THR B 716 14.55 -6.43 21.61
CA THR B 716 14.30 -7.56 20.75
C THR B 716 15.57 -8.34 20.48
N GLY B 717 16.72 -7.68 20.63
CA GLY B 717 18.01 -8.31 20.37
C GLY B 717 18.48 -8.23 18.93
N PHE B 718 17.68 -7.60 18.08
CA PHE B 718 18.17 -7.19 16.77
C PHE B 718 19.16 -6.06 16.91
N ASN B 719 20.24 -6.16 16.15
CA ASN B 719 21.29 -5.13 16.09
C ASN B 719 20.87 -3.98 15.20
N SER B 720 20.47 -4.35 13.99
CA SER B 720 20.24 -3.39 12.92
C SER B 720 18.76 -3.30 12.58
N TRP B 721 18.29 -2.09 12.33
CA TRP B 721 17.00 -1.88 11.70
C TRP B 721 17.01 -2.47 10.28
N GLU B 722 15.88 -3.03 9.87
CA GLU B 722 15.71 -3.53 8.51
C GLU B 722 14.31 -3.21 7.93
N GLY B 723 13.34 -2.96 8.81
CA GLY B 723 12.05 -2.42 8.40
C GLY B 723 10.99 -3.49 8.23
N LEU B 724 10.52 -4.06 9.34
CA LEU B 724 9.59 -5.20 9.27
C LEU B 724 8.74 -5.39 10.54
N PHE B 725 7.68 -4.60 10.63
CA PHE B 725 6.52 -4.97 11.45
C PHE B 725 5.58 -5.88 10.66
N TRP B 726 4.88 -5.29 9.69
CA TRP B 726 3.84 -5.98 8.95
C TRP B 726 3.95 -5.67 7.46
N LEU B 749 -2.72 0.94 4.68
CA LEU B 749 -4.03 1.18 5.30
C LEU B 749 -4.29 0.22 6.48
N SER B 750 -3.22 -0.22 7.14
CA SER B 750 -3.36 -1.10 8.29
C SER B 750 -2.89 -0.41 9.58
N GLN B 751 -3.63 -0.63 10.65
CA GLN B 751 -3.38 0.08 11.90
C GLN B 751 -2.46 -0.70 12.84
N ILE B 752 -1.82 0.04 13.74
CA ILE B 752 -1.09 -0.57 14.85
C ILE B 752 -2.05 -0.63 16.03
N PRO B 753 -2.26 -1.84 16.60
CA PRO B 753 -3.15 -1.87 17.78
C PRO B 753 -2.57 -1.07 18.96
N ASN B 754 -3.41 -0.41 19.73
CA ASN B 754 -2.96 0.40 20.83
C ASN B 754 -2.02 -0.28 21.82
N ARG B 755 -2.27 -1.57 22.06
CA ARG B 755 -1.47 -2.44 22.92
C ARG B 755 -0.05 -2.46 22.42
N ARG B 756 0.08 -2.71 21.14
CA ARG B 756 1.38 -2.83 20.53
C ARG B 756 2.12 -1.50 20.53
N PHE B 757 1.41 -0.43 20.20
CA PHE B 757 2.00 0.90 20.11
C PHE B 757 2.55 1.23 21.49
N THR B 758 1.74 0.98 22.50
CA THR B 758 2.09 1.24 23.86
C THR B 758 3.36 0.47 24.23
N LEU B 759 3.42 -0.79 23.88
CA LEU B 759 4.58 -1.58 24.26
C LEU B 759 5.84 -1.06 23.56
N TRP B 760 5.73 -0.81 22.27
CA TRP B 760 6.87 -0.43 21.43
C TRP B 760 7.55 0.84 21.97
N TRP B 761 6.75 1.83 22.36
CA TRP B 761 7.19 3.13 22.87
C TRP B 761 7.32 3.19 24.40
N SER B 762 7.14 2.05 25.08
CA SER B 762 7.09 2.02 26.55
C SER B 762 8.29 2.67 27.28
N PRO B 763 9.53 2.45 26.78
CA PRO B 763 10.71 3.05 27.38
C PRO B 763 10.68 4.56 27.41
N THR B 764 10.00 5.20 26.45
CA THR B 764 9.84 6.66 26.47
C THR B 764 8.54 7.15 27.07
N ILE B 765 7.52 6.29 27.12
CA ILE B 765 6.26 6.70 27.76
C ILE B 765 6.27 6.38 29.26
N ASN B 766 6.75 5.19 29.61
CA ASN B 766 6.73 4.74 30.99
C ASN B 766 8.05 5.08 31.69
N ARG B 767 8.15 6.36 32.03
CA ARG B 767 9.32 6.94 32.67
C ARG B 767 8.93 8.16 33.49
N ALA B 768 9.77 8.46 34.48
CA ALA B 768 9.46 9.48 35.47
C ALA B 768 9.38 10.89 34.88
N ASN B 769 10.09 11.15 33.80
CA ASN B 769 9.97 12.45 33.16
C ASN B 769 8.62 12.67 32.47
N VAL B 770 7.88 11.59 32.23
CA VAL B 770 6.55 11.68 31.63
C VAL B 770 5.43 11.58 32.69
N TYR B 771 5.55 10.60 33.59
CA TYR B 771 4.58 10.42 34.67
C TYR B 771 5.25 10.35 36.04
N VAL B 772 4.72 11.09 37.01
CA VAL B 772 5.19 10.96 38.39
C VAL B 772 4.02 10.85 39.36
N GLY B 773 4.32 10.47 40.59
CA GLY B 773 3.31 10.45 41.66
C GLY B 773 2.70 9.07 41.89
N PHE B 774 3.20 8.07 41.18
CA PHE B 774 2.58 6.73 41.20
C PHE B 774 3.56 5.61 40.90
N LEU B 775 4.77 5.72 41.43
CA LEU B 775 5.83 4.78 41.10
C LEU B 775 5.69 3.47 41.90
N VAL B 776 5.59 2.35 41.19
CA VAL B 776 5.61 1.05 41.83
C VAL B 776 6.49 0.08 41.08
N GLN B 777 6.89 -0.97 41.77
CA GLN B 777 7.64 -2.06 41.16
C GLN B 777 6.71 -3.26 40.91
N LEU B 778 6.78 -3.82 39.71
CA LEU B 778 5.92 -4.94 39.32
C LEU B 778 6.38 -6.24 39.95
N ASP B 779 5.49 -6.88 40.73
CA ASP B 779 5.82 -8.16 41.36
C ASP B 779 6.48 -9.12 40.38
N LEU B 780 7.45 -9.88 40.90
CA LEU B 780 8.21 -10.91 40.16
C LEU B 780 9.22 -10.35 39.17
N THR B 781 9.37 -9.03 39.17
CA THR B 781 10.32 -8.37 38.28
C THR B 781 10.98 -7.20 39.00
N GLY B 782 11.96 -6.61 38.32
CA GLY B 782 12.51 -5.31 38.68
C GLY B 782 12.02 -4.17 37.82
N ILE B 783 10.86 -4.34 37.20
CA ILE B 783 10.32 -3.32 36.34
C ILE B 783 9.56 -2.32 37.17
N PHE B 784 9.77 -1.05 36.84
CA PHE B 784 9.00 0.02 37.46
C PHE B 784 7.89 0.49 36.55
N LEU B 785 6.77 0.83 37.18
CA LEU B 785 5.61 1.34 36.51
C LEU B 785 5.33 2.75 37.02
N HIS B 786 5.31 3.73 36.11
CA HIS B 786 5.19 5.13 36.49
C HIS B 786 3.77 5.66 36.41
N GLY B 787 2.82 4.78 36.13
CA GLY B 787 1.42 5.13 36.23
C GLY B 787 0.69 3.96 35.66
N LYS B 788 -0.63 4.00 35.73
CA LYS B 788 -1.44 2.95 35.14
C LYS B 788 -1.62 3.31 33.67
N ILE B 789 -0.70 2.82 32.87
CA ILE B 789 -0.75 2.99 31.44
C ILE B 789 -1.53 1.82 30.84
N PRO B 790 -2.63 2.10 30.10
CA PRO B 790 -3.45 0.95 29.71
C PRO B 790 -2.74 -0.11 28.87
N THR B 791 -2.83 -1.34 29.34
CA THR B 791 -2.39 -2.54 28.61
C THR B 791 -0.96 -2.86 28.91
N LEU B 792 -0.18 -1.88 29.38
CA LEU B 792 1.26 -2.08 29.48
C LEU B 792 1.63 -3.09 30.56
N LYS B 793 1.03 -2.95 31.72
CA LYS B 793 1.34 -3.88 32.82
C LYS B 793 1.12 -5.35 32.41
N ILE B 794 -0.04 -5.61 31.79
CA ILE B 794 -0.30 -6.97 31.31
C ILE B 794 0.68 -7.38 30.25
N SER B 795 1.04 -6.47 29.35
CA SER B 795 1.98 -6.85 28.31
C SER B 795 3.26 -7.29 28.97
N LEU B 796 3.68 -6.54 29.98
CA LEU B 796 4.95 -6.79 30.63
C LEU B 796 4.89 -8.07 31.49
N ILE B 797 3.80 -8.25 32.20
CA ILE B 797 3.54 -9.49 32.97
C ILE B 797 3.66 -10.70 32.06
N GLN B 798 3.09 -10.60 30.86
CA GLN B 798 3.11 -11.71 29.91
C GLN B 798 4.49 -11.97 29.43
N ILE B 799 5.24 -10.89 29.18
CA ILE B 799 6.61 -11.06 28.76
C ILE B 799 7.44 -11.77 29.81
N PHE B 800 7.24 -11.45 31.06
CA PHE B 800 8.12 -12.02 32.07
C PHE B 800 7.48 -13.22 32.78
N ARG B 801 6.51 -13.85 32.11
CA ARG B 801 5.70 -14.92 32.76
C ARG B 801 6.54 -16.08 33.24
N ALA B 802 6.04 -16.75 34.28
CA ALA B 802 6.72 -17.92 34.81
C ALA B 802 8.10 -17.59 35.38
N HIS B 803 8.16 -16.51 36.16
CA HIS B 803 9.38 -16.10 36.83
C HIS B 803 10.58 -16.03 35.88
N LEU B 804 10.42 -15.45 34.70
CA LEU B 804 11.57 -15.30 33.82
C LEU B 804 12.68 -14.41 34.40
N TRP B 805 12.33 -13.39 35.16
CA TRP B 805 13.36 -12.46 35.67
C TRP B 805 14.37 -13.23 36.53
N GLN B 806 13.84 -13.89 37.55
CA GLN B 806 14.63 -14.77 38.42
C GLN B 806 15.38 -15.85 37.64
N LYS B 807 14.73 -16.39 36.61
CA LYS B 807 15.37 -17.43 35.77
C LYS B 807 16.49 -16.91 34.89
N ILE B 808 16.33 -15.68 34.39
CA ILE B 808 17.42 -15.07 33.66
C ILE B 808 18.62 -14.93 34.58
N HIS B 809 18.38 -14.42 35.77
CA HIS B 809 19.49 -14.21 36.71
C HIS B 809 20.22 -15.53 36.98
N GLU B 810 19.46 -16.52 37.42
CA GLU B 810 20.01 -17.85 37.70
C GLU B 810 20.74 -18.40 36.50
N SER B 811 20.18 -18.22 35.31
CA SER B 811 20.78 -18.80 34.12
C SER B 811 22.11 -18.11 33.79
N ILE B 812 22.17 -16.79 33.96
CA ILE B 812 23.40 -16.08 33.62
C ILE B 812 24.51 -16.42 34.64
N VAL B 813 24.14 -16.52 35.90
CA VAL B 813 25.09 -16.83 36.96
C VAL B 813 25.64 -18.24 36.75
N PHE B 814 24.75 -19.16 36.39
CA PHE B 814 25.18 -20.50 36.06
C PHE B 814 26.22 -20.50 34.93
N ASP B 815 25.97 -19.74 33.88
CA ASP B 815 26.92 -19.67 32.76
C ASP B 815 28.29 -19.17 33.21
N ILE B 816 28.29 -18.16 34.05
CA ILE B 816 29.55 -17.57 34.50
C ILE B 816 30.30 -18.61 35.35
N CYS B 817 29.58 -19.30 36.22
CA CYS B 817 30.17 -20.36 37.04
C CYS B 817 30.86 -21.39 36.17
N GLN B 818 30.15 -21.88 35.16
CA GLN B 818 30.72 -22.82 34.23
C GLN B 818 32.04 -22.31 33.67
N ILE B 819 32.05 -21.07 33.19
CA ILE B 819 33.25 -20.54 32.56
C ILE B 819 34.41 -20.45 33.55
N LEU B 820 34.10 -20.02 34.77
CA LEU B 820 35.11 -19.92 35.82
C LEU B 820 35.76 -21.26 36.11
N ASP B 821 34.97 -22.33 36.09
CA ASP B 821 35.46 -23.68 36.42
C ASP B 821 36.45 -24.15 35.37
N GLY B 822 36.41 -23.54 34.19
CA GLY B 822 37.34 -23.88 33.12
C GLY B 822 38.63 -23.10 33.20
N GLU B 823 38.75 -22.24 34.22
CA GLU B 823 39.91 -21.37 34.38
C GLU B 823 40.55 -21.44 35.78
N LEU B 824 40.28 -22.50 36.53
CA LEU B 824 40.83 -22.67 37.87
C LEU B 824 42.35 -22.49 37.86
N ASP B 825 42.97 -23.15 36.90
CA ASP B 825 44.42 -23.21 36.82
C ASP B 825 44.97 -21.91 36.25
N VAL B 826 44.42 -21.49 35.12
CA VAL B 826 44.98 -20.38 34.36
C VAL B 826 45.00 -19.10 35.19
N LEU B 827 44.16 -19.05 36.21
CA LEU B 827 43.96 -17.84 37.01
C LEU B 827 44.15 -18.08 38.49
N GLN B 828 44.69 -19.26 38.84
CA GLN B 828 44.98 -19.61 40.23
C GLN B 828 43.72 -19.50 41.08
N ILE B 829 42.63 -20.08 40.59
CA ILE B 829 41.43 -20.16 41.40
C ILE B 829 41.41 -21.49 42.13
N GLU B 830 41.07 -21.45 43.41
CA GLU B 830 41.00 -22.65 44.23
C GLU B 830 39.65 -23.33 44.03
N SER B 831 38.60 -22.58 44.29
CA SER B 831 37.24 -23.10 44.21
C SER B 831 36.31 -21.98 43.75
N VAL B 832 35.20 -22.36 43.15
CA VAL B 832 34.18 -21.40 42.73
C VAL B 832 32.85 -21.80 43.33
N THR B 833 32.29 -20.93 44.16
CA THR B 833 31.05 -21.25 44.84
C THR B 833 29.89 -20.41 44.33
N LYS B 834 28.83 -21.10 43.95
CA LYS B 834 27.58 -20.50 43.55
C LYS B 834 26.72 -20.29 44.78
N GLU B 835 26.63 -19.06 45.24
CA GLU B 835 25.84 -18.77 46.42
C GLU B 835 24.39 -19.13 46.16
N THR B 836 23.65 -19.34 47.25
CA THR B 836 22.22 -19.56 47.16
C THR B 836 21.59 -18.28 47.67
N VAL B 837 20.57 -17.78 46.98
CA VAL B 837 20.04 -16.45 47.31
C VAL B 837 18.54 -16.44 47.60
N HIS B 838 18.14 -15.50 48.45
CA HIS B 838 16.74 -15.19 48.65
C HIS B 838 16.00 -15.29 47.30
N PRO B 839 14.74 -15.74 47.35
CA PRO B 839 13.98 -15.99 46.13
C PRO B 839 13.85 -14.78 45.20
N ARG B 840 13.72 -13.59 45.79
CA ARG B 840 13.46 -12.36 45.06
C ARG B 840 14.72 -11.51 44.87
N LYS B 841 15.90 -12.10 45.09
CA LYS B 841 17.14 -11.30 45.18
C LYS B 841 17.49 -10.63 43.86
N SER B 842 17.30 -11.36 42.75
CA SER B 842 17.48 -10.82 41.39
C SER B 842 16.68 -9.56 41.14
N TYR B 843 15.60 -9.36 41.87
CA TYR B 843 14.82 -8.14 41.73
C TYR B 843 14.58 -7.45 43.05
N LYS B 844 15.57 -7.52 43.93
CA LYS B 844 15.69 -6.56 45.01
C LYS B 844 16.54 -5.43 44.49
N MET B 845 15.94 -4.26 44.34
CA MET B 845 16.49 -3.20 43.53
C MET B 845 17.21 -2.16 44.40
N ASN B 846 17.40 -2.48 45.67
CA ASN B 846 17.92 -1.53 46.63
C ASN B 846 18.94 -2.14 47.58
N SER B 847 19.27 -3.40 47.35
CA SER B 847 20.31 -4.10 48.07
C SER B 847 20.55 -5.40 47.35
N SER B 848 21.61 -6.10 47.70
CA SER B 848 22.04 -7.25 46.93
C SER B 848 22.84 -8.17 47.84
N ALA B 849 23.60 -9.06 47.22
CA ALA B 849 24.44 -10.01 47.91
C ALA B 849 25.25 -10.62 46.81
N ALA B 850 26.27 -11.41 47.14
CA ALA B 850 27.08 -12.03 46.11
C ALA B 850 26.39 -13.27 45.55
N ASP B 851 26.59 -13.54 44.26
CA ASP B 851 25.96 -14.68 43.59
C ASP B 851 27.00 -15.78 43.38
N ILE B 852 28.25 -15.37 43.27
CA ILE B 852 29.36 -16.30 43.09
C ILE B 852 30.50 -15.82 43.98
N THR B 853 31.14 -16.75 44.68
CA THR B 853 32.32 -16.44 45.48
C THR B 853 33.45 -17.35 45.04
N MET B 854 34.66 -16.87 45.21
CA MET B 854 35.79 -17.37 44.47
C MET B 854 37.02 -17.38 45.39
N GLU B 855 37.69 -18.53 45.49
CA GLU B 855 38.79 -18.71 46.42
C GLU B 855 40.11 -18.72 45.68
N SER B 856 41.09 -18.01 46.23
CA SER B 856 42.44 -17.99 45.66
C SER B 856 43.24 -19.24 46.01
N VAL B 857 43.99 -19.77 45.05
CA VAL B 857 45.01 -20.78 45.34
C VAL B 857 46.03 -20.19 46.32
N HIS B 858 46.73 -19.15 45.88
CA HIS B 858 47.53 -18.34 46.78
C HIS B 858 46.86 -16.99 47.05
N GLU B 859 47.19 -16.00 46.23
CA GLU B 859 46.85 -14.61 46.51
C GLU B 859 46.55 -13.87 45.20
N TRP B 860 45.62 -12.93 45.23
CA TRP B 860 45.45 -12.03 44.09
C TRP B 860 45.87 -10.60 44.41
N GLU B 861 46.65 -10.04 43.49
CA GLU B 861 46.86 -8.60 43.43
C GLU B 861 45.86 -7.96 42.50
N VAL B 862 44.99 -7.11 43.03
CA VAL B 862 43.88 -6.55 42.25
C VAL B 862 43.96 -5.03 42.11
N SER B 863 43.31 -4.54 41.05
CA SER B 863 43.18 -3.10 40.81
C SER B 863 42.18 -2.51 41.80
N LYS B 864 42.24 -1.20 41.99
CA LYS B 864 41.06 -0.48 42.45
C LYS B 864 39.98 -0.64 41.37
N PRO B 865 38.73 -0.31 41.71
CA PRO B 865 37.64 -0.59 40.77
C PRO B 865 37.72 0.15 39.43
N SER B 866 37.37 -0.56 38.36
CA SER B 866 37.29 0.01 37.01
C SER B 866 36.21 -0.69 36.17
N LEU B 867 35.78 -0.02 35.11
CA LEU B 867 34.78 -0.59 34.21
C LEU B 867 35.40 -1.67 33.33
N LEU B 868 34.53 -2.59 32.91
CA LEU B 868 34.88 -3.76 32.14
C LEU B 868 35.72 -3.45 30.92
N HIS B 869 35.45 -2.32 30.27
CA HIS B 869 36.09 -2.02 28.99
C HIS B 869 37.19 -0.98 29.09
N GLU B 870 37.39 -0.42 30.27
CA GLU B 870 38.52 0.48 30.47
C GLU B 870 39.81 -0.34 30.47
N THR B 871 40.83 0.21 29.85
CA THR B 871 41.86 -0.59 29.20
C THR B 871 43.17 -0.60 30.02
N ASN B 872 43.25 0.24 31.03
CA ASN B 872 44.56 0.63 31.55
C ASN B 872 44.69 0.49 33.07
N ASP B 873 44.54 -0.75 33.55
CA ASP B 873 44.42 -1.00 34.98
C ASP B 873 45.79 -1.08 35.65
N SER B 874 45.84 -0.67 36.91
CA SER B 874 47.01 -0.91 37.77
C SER B 874 46.66 -1.90 38.87
N PHE B 875 47.38 -3.02 38.90
CA PHE B 875 47.09 -4.12 39.81
C PHE B 875 47.74 -3.96 41.19
N LYS B 876 48.05 -2.72 41.56
CA LYS B 876 48.73 -2.44 42.82
C LYS B 876 47.74 -2.02 43.89
N GLY B 877 46.48 -2.40 43.72
CA GLY B 877 45.40 -1.81 44.52
C GLY B 877 45.19 -2.49 45.86
N LEU B 878 45.10 -3.82 45.84
CA LEU B 878 44.88 -4.62 47.05
C LEU B 878 45.37 -6.05 46.84
N ILE B 879 45.62 -6.73 47.95
CA ILE B 879 45.81 -8.17 47.95
C ILE B 879 44.53 -8.82 48.46
N THR B 880 44.10 -9.89 47.81
CA THR B 880 42.88 -10.59 48.19
C THR B 880 43.03 -12.08 47.90
N ASN B 881 42.31 -12.91 48.66
CA ASN B 881 42.17 -14.33 48.33
C ASN B 881 40.72 -14.76 48.15
N LYS B 882 39.79 -13.79 48.23
CA LYS B 882 38.37 -14.06 47.97
C LYS B 882 37.71 -12.97 47.10
N MET B 883 37.37 -13.35 45.87
CA MET B 883 36.68 -12.46 44.93
C MET B 883 35.23 -12.89 44.69
N TRP B 884 34.29 -11.95 44.80
CA TRP B 884 32.89 -12.23 44.50
C TRP B 884 32.42 -11.61 43.17
N PHE B 885 31.32 -12.17 42.65
CA PHE B 885 30.60 -11.60 41.52
C PHE B 885 29.13 -11.42 41.91
N ASP B 886 28.58 -10.27 41.53
CA ASP B 886 27.18 -9.96 41.76
C ASP B 886 26.57 -9.63 40.43
N VAL B 887 25.68 -10.48 39.94
CA VAL B 887 25.01 -10.25 38.66
C VAL B 887 23.73 -9.50 38.89
N GLN B 888 23.71 -8.25 38.42
CA GLN B 888 22.55 -7.39 38.56
C GLN B 888 21.79 -7.29 37.23
N LEU B 889 20.47 -7.32 37.32
CA LEU B 889 19.59 -7.15 36.17
C LEU B 889 18.81 -5.89 36.40
N ARG B 890 18.62 -5.13 35.33
CA ARG B 890 17.78 -3.95 35.41
C ARG B 890 16.91 -3.87 34.14
N TYR B 891 15.83 -3.11 34.24
CA TYR B 891 14.98 -2.88 33.09
C TYR B 891 14.87 -1.38 32.87
N GLY B 892 15.69 -0.88 31.95
CA GLY B 892 15.92 0.55 31.85
C GLY B 892 14.82 1.21 31.08
N ASP B 893 14.66 2.52 31.28
CA ASP B 893 13.81 3.37 30.43
C ASP B 893 14.63 4.46 29.70
N TYR B 894 13.97 5.28 28.86
CA TYR B 894 14.71 6.21 28.00
C TYR B 894 15.54 7.20 28.86
N ASP B 895 14.95 7.73 29.92
CA ASP B 895 15.61 8.61 30.91
C ASP B 895 16.88 7.96 31.47
N SER B 896 16.78 6.69 31.86
CA SER B 896 17.85 6.01 32.61
C SER B 896 18.08 4.56 32.17
N HIS B 897 19.00 4.39 31.23
CA HIS B 897 19.44 3.07 30.82
C HIS B 897 20.91 3.07 30.46
N ASP B 898 21.71 3.84 31.19
CA ASP B 898 23.15 3.83 30.99
C ASP B 898 23.70 2.81 31.96
N ILE B 899 24.08 1.64 31.43
CA ILE B 899 24.39 0.48 32.25
C ILE B 899 25.75 0.67 32.91
N SER B 900 26.61 1.49 32.30
CA SER B 900 27.90 1.83 32.89
C SER B 900 27.77 2.69 34.12
N ARG B 901 26.97 3.76 34.04
CA ARG B 901 26.75 4.61 35.18
C ARG B 901 26.06 3.80 36.28
N TYR B 902 25.10 2.97 35.88
CA TYR B 902 24.32 2.21 36.84
C TYR B 902 25.19 1.23 37.62
N VAL B 903 26.04 0.46 36.96
CA VAL B 903 26.76 -0.55 37.72
C VAL B 903 27.83 0.09 38.62
N ARG B 904 28.40 1.22 38.19
CA ARG B 904 29.38 1.92 39.03
C ARG B 904 28.73 2.45 40.27
N ALA B 905 27.57 3.08 40.13
CA ALA B 905 26.88 3.64 41.29
C ALA B 905 26.36 2.55 42.23
N LYS B 906 25.80 1.48 41.67
CA LYS B 906 25.29 0.39 42.50
C LYS B 906 26.44 -0.31 43.25
N PHE B 907 27.52 -0.61 42.55
CA PHE B 907 28.71 -1.14 43.19
C PHE B 907 29.14 -0.29 44.40
N LEU B 908 29.34 1.00 44.16
CA LEU B 908 29.88 1.89 45.19
C LEU B 908 28.87 2.11 46.30
N ASP B 909 27.59 1.94 45.99
CA ASP B 909 26.56 2.11 47.01
C ASP B 909 26.51 0.85 47.87
N TYR B 910 26.42 -0.30 47.20
CA TYR B 910 26.17 -1.58 47.85
C TYR B 910 27.37 -2.06 48.65
N THR B 911 28.59 -1.80 48.15
CA THR B 911 29.80 -2.22 48.86
C THR B 911 30.08 -1.37 50.10
N THR B 912 29.44 -0.22 50.19
CA THR B 912 29.53 0.60 51.39
C THR B 912 28.18 0.53 52.07
N ASP B 913 27.44 -0.51 51.73
CA ASP B 913 26.17 -0.82 52.35
C ASP B 913 26.43 -1.42 53.72
N ASN B 914 25.49 -1.17 54.63
CA ASN B 914 25.43 -1.92 55.88
C ASN B 914 24.22 -2.86 55.85
N VAL B 915 23.81 -3.24 54.64
CA VAL B 915 22.71 -4.19 54.46
C VAL B 915 23.04 -5.26 53.42
N SER B 916 23.66 -4.86 52.30
CA SER B 916 24.30 -5.83 51.42
C SER B 916 25.51 -6.43 52.12
N MET B 917 25.44 -7.73 52.36
CA MET B 917 26.56 -8.48 52.87
C MET B 917 27.27 -9.09 51.68
N TYR B 918 28.40 -8.51 51.32
CA TYR B 918 29.36 -9.20 50.46
C TYR B 918 30.42 -9.85 51.35
N PRO B 919 31.03 -10.96 50.87
CA PRO B 919 31.92 -11.78 51.69
C PRO B 919 33.41 -11.38 51.60
N SER B 920 33.70 -10.24 50.99
CA SER B 920 35.06 -9.71 50.99
C SER B 920 35.06 -8.33 50.37
N PRO B 921 36.18 -7.60 50.49
CA PRO B 921 36.15 -6.21 50.04
C PRO B 921 36.37 -6.07 48.54
N THR B 922 36.59 -7.21 47.86
CA THR B 922 37.02 -7.21 46.47
C THR B 922 36.12 -8.08 45.60
N GLY B 923 35.60 -7.52 44.51
CA GLY B 923 34.79 -8.28 43.55
C GLY B 923 34.30 -7.43 42.38
N VAL B 924 33.41 -8.02 41.58
CA VAL B 924 32.92 -7.40 40.35
C VAL B 924 31.38 -7.44 40.28
N MET B 925 30.75 -6.27 40.13
CA MET B 925 29.33 -6.22 39.78
C MET B 925 29.16 -6.21 38.28
N ILE B 926 28.51 -7.26 37.76
CA ILE B 926 28.06 -7.31 36.36
C ILE B 926 26.62 -6.81 36.27
N GLY B 927 26.34 -6.05 35.21
CA GLY B 927 25.02 -5.45 35.02
C GLY B 927 24.48 -5.69 33.62
N ILE B 928 23.20 -6.07 33.54
CA ILE B 928 22.53 -6.30 32.27
C ILE B 928 21.21 -5.54 32.25
N ASP B 929 21.04 -4.68 31.25
CA ASP B 929 19.79 -3.97 31.09
C ASP B 929 18.92 -4.80 30.15
N LEU B 930 17.83 -5.33 30.68
CA LEU B 930 17.01 -6.29 29.94
C LEU B 930 16.15 -5.63 28.85
N ALA B 931 15.78 -4.38 29.09
CA ALA B 931 15.01 -3.56 28.13
C ALA B 931 15.87 -3.09 26.95
N TYR B 932 17.15 -2.83 27.19
CA TYR B 932 18.04 -2.28 26.16
C TYR B 932 19.11 -3.24 25.70
N ASN B 933 19.11 -4.43 26.29
CA ASN B 933 20.05 -5.44 25.87
C ASN B 933 21.49 -4.94 25.84
N MET B 934 21.90 -4.32 26.94
CA MET B 934 23.26 -3.82 27.08
C MET B 934 23.82 -4.29 28.42
N TYR B 935 25.14 -4.32 28.50
CA TYR B 935 25.78 -4.80 29.71
C TYR B 935 27.10 -4.09 29.95
N ASP B 936 27.51 -4.09 31.21
CA ASP B 936 28.83 -3.67 31.60
C ASP B 936 29.12 -4.28 32.96
N ALA B 937 30.27 -3.92 33.51
CA ALA B 937 30.68 -4.43 34.81
C ALA B 937 31.69 -3.46 35.44
N TYR B 938 31.70 -3.43 36.76
CA TYR B 938 32.56 -2.55 37.56
C TYR B 938 33.03 -3.31 38.80
N GLY B 939 34.33 -3.26 39.02
CA GLY B 939 34.89 -3.59 40.31
C GLY B 939 36.36 -3.90 40.17
N ASN B 940 36.82 -4.77 41.07
CA ASN B 940 38.24 -5.09 41.22
C ASN B 940 38.67 -6.12 40.19
N TRP B 941 39.78 -5.87 39.53
CA TRP B 941 40.34 -6.82 38.58
C TRP B 941 41.75 -7.28 39.01
N PHE B 942 42.05 -8.55 38.76
CA PHE B 942 43.43 -9.04 38.79
C PHE B 942 43.82 -9.50 37.41
N ASN B 943 45.10 -9.75 37.19
CA ASN B 943 45.57 -9.98 35.83
C ASN B 943 44.92 -11.21 35.20
N GLY B 944 44.38 -11.02 34.00
CA GLY B 944 43.66 -12.08 33.29
C GLY B 944 42.15 -12.05 33.46
N LEU B 945 41.66 -11.46 34.54
CA LEU B 945 40.23 -11.56 34.84
C LEU B 945 39.38 -10.71 33.90
N LYS B 946 39.88 -9.54 33.50
CA LYS B 946 39.06 -8.59 32.77
C LYS B 946 38.76 -9.08 31.35
N PRO B 947 39.77 -9.63 30.66
CA PRO B 947 39.52 -10.17 29.32
C PRO B 947 38.66 -11.44 29.32
N LEU B 948 38.72 -12.21 30.40
CA LEU B 948 37.88 -13.40 30.49
C LEU B 948 36.40 -13.02 30.60
N ILE B 949 36.12 -12.06 31.47
CA ILE B 949 34.75 -11.59 31.70
C ILE B 949 34.23 -10.82 30.49
N GLN B 950 35.09 -10.05 29.86
CA GLN B 950 34.78 -9.47 28.55
C GLN B 950 34.27 -10.52 27.57
N ASN B 951 35.04 -11.58 27.36
CA ASN B 951 34.70 -12.58 26.35
C ASN B 951 33.46 -13.35 26.76
N SER B 952 33.29 -13.49 28.06
CA SER B 952 32.27 -14.36 28.58
C SER B 952 30.94 -13.65 28.43
N MET B 953 30.92 -12.37 28.77
CA MET B 953 29.70 -11.60 28.62
C MET B 953 29.31 -11.42 27.16
N ARG B 954 30.30 -11.31 26.30
CA ARG B 954 30.05 -11.21 24.87
C ARG B 954 29.31 -12.46 24.36
N THR B 955 29.63 -13.60 24.95
CA THR B 955 29.12 -14.89 24.49
C THR B 955 27.79 -15.22 25.17
N ILE B 956 27.71 -14.89 26.46
CA ILE B 956 26.50 -15.04 27.24
C ILE B 956 25.37 -14.23 26.62
N MET B 957 25.66 -12.98 26.27
CA MET B 957 24.64 -12.06 25.76
C MET B 957 24.09 -12.58 24.43
N LYS B 958 24.93 -13.22 23.62
CA LYS B 958 24.45 -13.82 22.37
C LYS B 958 23.70 -15.14 22.54
N ALA B 959 24.08 -15.96 23.53
CA ALA B 959 23.75 -17.39 23.53
C ALA B 959 22.83 -17.79 24.67
N ASN B 960 22.81 -17.04 25.76
CA ASN B 960 22.06 -17.45 26.92
C ASN B 960 20.63 -17.78 26.58
N PRO B 961 20.17 -18.98 26.94
CA PRO B 961 18.87 -19.42 26.46
C PRO B 961 17.72 -18.72 27.17
N ALA B 962 17.96 -18.21 28.37
CA ALA B 962 16.92 -17.44 29.05
C ALA B 962 16.75 -16.04 28.43
N LEU B 963 17.87 -15.42 28.05
CA LEU B 963 17.82 -14.16 27.29
C LEU B 963 17.13 -14.37 25.95
N TYR B 964 17.41 -15.50 25.33
CA TYR B 964 16.72 -15.91 24.12
C TYR B 964 15.22 -15.90 24.34
N VAL B 965 14.75 -16.55 25.39
CA VAL B 965 13.33 -16.57 25.68
C VAL B 965 12.79 -15.14 25.84
N LEU B 966 13.52 -14.30 26.57
CA LEU B 966 13.08 -12.92 26.83
C LEU B 966 12.83 -12.22 25.50
N ARG B 967 13.79 -12.35 24.61
CA ARG B 967 13.76 -11.62 23.35
C ARG B 967 12.63 -12.12 22.45
N GLU B 968 12.36 -13.43 22.45
CA GLU B 968 11.25 -13.97 21.66
C GLU B 968 9.92 -13.49 22.16
N ARG B 969 9.75 -13.46 23.48
CA ARG B 969 8.52 -12.97 24.03
C ARG B 969 8.34 -11.48 23.79
N ILE B 970 9.42 -10.72 23.83
CA ILE B 970 9.34 -9.30 23.48
C ILE B 970 8.90 -9.18 22.02
N ARG B 971 9.56 -9.92 21.13
CA ARG B 971 9.25 -9.87 19.70
C ARG B 971 7.80 -10.27 19.41
N LYS B 972 7.33 -11.29 20.11
CA LYS B 972 5.94 -11.72 20.02
C LYS B 972 4.99 -10.63 20.45
N GLY B 973 5.25 -10.05 21.62
CA GLY B 973 4.41 -8.97 22.14
C GLY B 973 4.30 -7.80 21.18
N LEU B 974 5.40 -7.52 20.50
CA LEU B 974 5.44 -6.48 19.49
C LEU B 974 4.91 -6.93 18.11
N GLN B 975 4.51 -8.19 18.00
CA GLN B 975 4.08 -8.75 16.72
C GLN B 975 5.11 -8.49 15.63
N ILE B 976 6.38 -8.62 15.99
CA ILE B 976 7.45 -8.64 14.99
C ILE B 976 7.35 -9.91 14.16
N TYR B 977 7.42 -11.07 14.83
CA TYR B 977 6.50 -12.19 14.59
C TYR B 977 6.13 -12.81 15.92
N GLN B 982 9.46 -19.57 15.67
CA GLN B 982 10.19 -18.89 14.60
C GLN B 982 11.69 -19.12 14.75
N GLU B 983 12.25 -19.92 13.84
CA GLU B 983 13.70 -19.92 13.61
C GLU B 983 14.13 -18.56 13.06
N PRO B 984 15.40 -18.18 13.33
CA PRO B 984 15.89 -16.87 12.88
C PRO B 984 15.93 -16.75 11.36
N PHE B 985 15.39 -15.65 10.83
CA PHE B 985 15.51 -15.35 9.40
C PHE B 985 16.97 -15.34 8.97
N LEU B 986 17.22 -15.72 7.72
CA LEU B 986 18.53 -15.51 7.12
C LEU B 986 18.62 -14.08 6.59
N ASN B 987 19.80 -13.51 6.73
CA ASN B 987 19.99 -12.07 6.80
C ASN B 987 21.38 -11.70 6.33
N SER B 988 21.54 -10.52 5.74
CA SER B 988 22.87 -9.91 5.61
C SER B 988 23.65 -10.06 6.92
N SER B 989 22.97 -9.79 8.02
CA SER B 989 23.58 -9.83 9.36
C SER B 989 24.23 -11.18 9.69
N ASN B 990 23.53 -12.27 9.41
CA ASN B 990 24.06 -13.62 9.69
C ASN B 990 24.43 -14.37 8.40
N TYR B 991 24.45 -13.63 7.30
CA TYR B 991 24.72 -14.19 5.97
C TYR B 991 25.92 -15.13 5.95
N ALA B 992 26.98 -14.78 6.69
CA ALA B 992 28.26 -15.46 6.52
C ALA B 992 28.24 -16.91 7.00
N GLU B 993 27.28 -17.24 7.87
CA GLU B 993 27.17 -18.59 8.42
C GLU B 993 26.89 -19.62 7.36
N LEU B 994 26.33 -19.17 6.25
CA LEU B 994 26.10 -20.03 5.10
C LEU B 994 27.35 -20.85 4.80
N PHE B 995 28.51 -20.31 5.11
CA PHE B 995 29.77 -20.92 4.69
C PHE B 995 30.59 -21.49 5.85
N ASN B 996 29.98 -21.61 7.03
CA ASN B 996 30.60 -22.39 8.10
C ASN B 996 30.51 -23.88 7.77
N ASN B 997 30.59 -24.73 8.77
CA ASN B 997 30.68 -26.17 8.53
C ASN B 997 29.33 -26.86 8.73
N ASP B 998 28.35 -26.09 9.21
CA ASP B 998 27.00 -26.58 9.34
C ASP B 998 26.41 -26.77 7.96
N ILE B 999 26.01 -28.01 7.66
CA ILE B 999 25.47 -28.32 6.34
C ILE B 999 24.08 -27.71 6.16
N LYS B 1000 23.89 -27.06 5.02
CA LYS B 1000 22.72 -26.25 4.76
C LYS B 1000 22.27 -26.43 3.31
N LEU B 1001 20.96 -26.41 3.09
CA LEU B 1001 20.39 -26.37 1.75
C LEU B 1001 19.42 -25.21 1.60
N PHE B 1002 19.55 -24.50 0.49
CA PHE B 1002 18.51 -23.60 0.02
C PHE B 1002 17.48 -24.40 -0.75
N VAL B 1003 16.22 -24.08 -0.54
CA VAL B 1003 15.15 -24.58 -1.38
C VAL B 1003 14.38 -23.44 -2.02
N ASP B 1004 14.35 -23.43 -3.34
CA ASP B 1004 13.54 -22.51 -4.10
C ASP B 1004 12.51 -23.25 -4.91
N ASP B 1005 11.25 -22.87 -4.70
CA ASP B 1005 10.10 -23.57 -5.27
C ASP B 1005 9.47 -22.73 -6.39
N THR B 1006 10.13 -21.63 -6.76
CA THR B 1006 9.52 -20.64 -7.65
C THR B 1006 9.16 -21.26 -9.00
N ASN B 1007 9.98 -22.18 -9.48
CA ASN B 1007 9.79 -22.76 -10.81
C ASN B 1007 9.16 -24.14 -10.78
N VAL B 1008 8.53 -24.48 -9.67
CA VAL B 1008 7.93 -25.80 -9.52
C VAL B 1008 6.64 -25.88 -10.35
N TYR B 1009 5.79 -24.89 -10.17
CA TYR B 1009 4.57 -24.78 -10.94
C TYR B 1009 4.64 -23.57 -11.87
N ARG B 1010 4.83 -23.86 -13.15
CA ARG B 1010 5.02 -22.85 -14.18
C ARG B 1010 3.98 -23.05 -15.26
N VAL B 1011 3.46 -21.94 -15.77
CA VAL B 1011 2.52 -21.99 -16.86
C VAL B 1011 2.83 -20.98 -17.97
N THR B 1012 2.39 -21.31 -19.18
CA THR B 1012 2.15 -20.31 -20.22
C THR B 1012 0.71 -19.86 -20.21
N VAL B 1013 0.50 -18.61 -20.62
CA VAL B 1013 -0.79 -17.95 -20.48
C VAL B 1013 -1.33 -17.56 -21.86
N HIS B 1014 -2.63 -17.79 -22.06
CA HIS B 1014 -3.35 -17.22 -23.21
C HIS B 1014 -4.45 -16.28 -22.72
N LYS B 1015 -4.32 -15.00 -23.04
CA LYS B 1015 -5.34 -14.02 -22.73
C LYS B 1015 -5.92 -13.41 -24.01
N THR B 1016 -7.24 -13.56 -24.18
CA THR B 1016 -7.93 -12.91 -25.29
C THR B 1016 -8.43 -11.52 -24.90
N PHE B 1017 -8.73 -10.72 -25.92
CA PHE B 1017 -9.18 -9.34 -25.75
C PHE B 1017 -10.29 -9.18 -24.70
N GLU B 1018 -11.10 -10.22 -24.53
CA GLU B 1018 -12.18 -10.19 -23.54
C GLU B 1018 -11.62 -10.00 -22.14
N GLY B 1019 -10.64 -10.84 -21.79
CA GLY B 1019 -10.17 -10.95 -20.41
C GLY B 1019 -10.06 -12.39 -19.96
N ASN B 1020 -10.48 -13.31 -20.82
CA ASN B 1020 -10.38 -14.75 -20.55
C ASN B 1020 -8.93 -15.21 -20.46
N VAL B 1021 -8.57 -15.82 -19.33
CA VAL B 1021 -7.19 -16.31 -19.11
C VAL B 1021 -7.13 -17.82 -18.93
N ALA B 1022 -6.69 -18.50 -19.98
CA ALA B 1022 -6.29 -19.91 -19.90
C ALA B 1022 -4.79 -20.03 -19.66
N THR B 1023 -4.43 -20.82 -18.66
CA THR B 1023 -3.04 -21.16 -18.42
C THR B 1023 -2.79 -22.60 -18.83
N LYS B 1024 -1.57 -22.92 -19.20
CA LYS B 1024 -1.14 -24.30 -19.30
C LYS B 1024 0.21 -24.54 -18.64
N ALA B 1025 0.29 -25.65 -17.93
CA ALA B 1025 1.45 -25.97 -17.12
C ALA B 1025 2.53 -26.56 -18.00
N ILE B 1026 3.77 -26.15 -17.78
CA ILE B 1026 4.90 -26.83 -18.41
C ILE B 1026 5.82 -27.39 -17.34
N ASN B 1027 6.78 -28.23 -17.74
CA ASN B 1027 7.68 -28.86 -16.78
C ASN B 1027 8.33 -27.83 -15.87
N GLY B 1028 8.45 -28.19 -14.60
CA GLY B 1028 9.11 -27.32 -13.63
C GLY B 1028 10.21 -28.06 -12.90
N CYS B 1029 10.69 -27.45 -11.83
CA CYS B 1029 11.77 -28.06 -11.08
C CYS B 1029 11.85 -27.48 -9.69
N ILE B 1030 12.36 -28.28 -8.76
CA ILE B 1030 12.75 -27.81 -7.43
C ILE B 1030 14.24 -27.52 -7.43
N PHE B 1031 14.62 -26.36 -6.90
CA PHE B 1031 16.00 -25.91 -6.89
C PHE B 1031 16.50 -25.97 -5.46
N THR B 1032 17.27 -27.02 -5.17
CA THR B 1032 17.78 -27.30 -3.84
C THR B 1032 19.31 -27.31 -3.89
N LEU B 1033 19.93 -26.38 -3.20
CA LEU B 1033 21.34 -26.06 -3.42
C LEU B 1033 22.12 -26.06 -2.12
N ASN B 1034 23.27 -26.73 -2.12
CA ASN B 1034 24.24 -26.60 -1.04
C ASN B 1034 25.19 -25.44 -1.37
N PRO B 1035 25.02 -24.30 -0.70
CA PRO B 1035 25.79 -23.10 -1.03
C PRO B 1035 27.29 -23.20 -0.70
N LYS B 1036 27.65 -24.14 0.17
CA LYS B 1036 29.04 -24.42 0.53
C LYS B 1036 29.75 -25.24 -0.56
N THR B 1037 29.05 -26.23 -1.11
CA THR B 1037 29.68 -27.18 -2.04
C THR B 1037 29.28 -26.93 -3.51
N GLY B 1038 28.19 -26.21 -3.72
CA GLY B 1038 27.70 -25.96 -5.07
C GLY B 1038 26.88 -27.11 -5.63
N HIS B 1039 26.64 -28.12 -4.82
CA HIS B 1039 25.81 -29.23 -5.28
C HIS B 1039 24.36 -28.78 -5.43
N LEU B 1040 23.84 -29.02 -6.62
CA LEU B 1040 22.48 -28.66 -6.97
C LEU B 1040 21.70 -29.94 -7.19
N PHE B 1041 20.72 -30.15 -6.32
CA PHE B 1041 19.74 -31.21 -6.50
C PHE B 1041 18.53 -30.68 -7.26
N LEU B 1042 18.48 -30.96 -8.55
CA LEU B 1042 17.41 -30.41 -9.37
C LEU B 1042 16.35 -31.50 -9.58
N LYS B 1043 15.28 -31.42 -8.80
CA LYS B 1043 14.15 -32.32 -8.99
C LYS B 1043 13.24 -31.79 -10.07
N ILE B 1044 13.15 -32.52 -11.17
CA ILE B 1044 12.28 -32.18 -12.27
C ILE B 1044 10.83 -32.53 -11.93
N ILE B 1045 9.96 -31.54 -12.01
CA ILE B 1045 8.53 -31.75 -11.82
C ILE B 1045 7.83 -31.82 -13.18
N HIS B 1046 7.55 -33.04 -13.62
CA HIS B 1046 6.87 -33.27 -14.89
C HIS B 1046 5.39 -32.90 -14.78
N THR B 1047 4.82 -32.40 -15.87
CA THR B 1047 3.45 -31.91 -15.90
C THR B 1047 2.43 -32.99 -15.48
N SER B 1048 2.83 -34.26 -15.57
CA SER B 1048 1.97 -35.37 -15.16
C SER B 1048 1.61 -35.31 -13.69
N VAL B 1049 2.48 -34.71 -12.91
CA VAL B 1049 2.23 -34.47 -11.49
C VAL B 1049 0.95 -33.66 -11.26
N TRP B 1050 0.61 -32.80 -12.21
CA TRP B 1050 -0.54 -31.92 -12.07
C TRP B 1050 -1.84 -32.51 -12.67
N ALA B 1051 -1.72 -33.63 -13.37
CA ALA B 1051 -2.83 -34.15 -14.17
C ALA B 1051 -3.99 -34.59 -13.27
N GLY B 1052 -5.13 -33.95 -13.45
CA GLY B 1052 -6.35 -34.32 -12.72
C GLY B 1052 -6.40 -33.72 -11.34
N GLN B 1053 -5.40 -32.90 -11.01
CA GLN B 1053 -5.32 -32.30 -9.69
C GLN B 1053 -5.94 -30.91 -9.74
N LYS B 1054 -6.42 -30.45 -8.59
CA LYS B 1054 -6.95 -29.10 -8.47
C LYS B 1054 -6.05 -28.33 -7.49
N ARG B 1055 -6.34 -27.05 -7.33
CA ARG B 1055 -5.65 -26.14 -6.40
C ARG B 1055 -4.13 -26.24 -6.52
N LEU B 1056 -3.64 -26.03 -7.74
CA LEU B 1056 -2.31 -26.47 -8.11
C LEU B 1056 -1.23 -25.63 -7.43
N SER B 1057 -1.52 -24.37 -7.15
CA SER B 1057 -0.50 -23.49 -6.59
C SER B 1057 -0.27 -23.84 -5.12
N GLN B 1058 -1.32 -24.33 -4.45
CA GLN B 1058 -1.18 -24.86 -3.12
C GLN B 1058 -0.56 -26.27 -3.18
N LEU B 1059 -1.02 -27.11 -4.09
CA LEU B 1059 -0.43 -28.44 -4.20
C LEU B 1059 1.08 -28.34 -4.45
N ALA B 1060 1.49 -27.33 -5.21
CA ALA B 1060 2.88 -27.20 -5.61
C ALA B 1060 3.79 -27.12 -4.38
N LYS B 1061 3.31 -26.47 -3.33
CA LYS B 1061 4.15 -26.22 -2.16
C LYS B 1061 4.32 -27.51 -1.38
N TRP B 1062 3.28 -28.33 -1.36
CA TRP B 1062 3.28 -29.55 -0.58
C TRP B 1062 4.08 -30.62 -1.31
N LYS B 1063 3.96 -30.64 -2.62
CA LYS B 1063 4.77 -31.47 -3.47
C LYS B 1063 6.27 -31.15 -3.32
N THR B 1064 6.61 -29.87 -3.28
CA THR B 1064 7.99 -29.46 -3.03
C THR B 1064 8.46 -29.98 -1.68
N ALA B 1065 7.65 -29.74 -0.66
CA ALA B 1065 7.96 -30.18 0.69
C ALA B 1065 8.18 -31.70 0.79
N GLU B 1066 7.30 -32.44 0.13
CA GLU B 1066 7.42 -33.90 0.05
C GLU B 1066 8.74 -34.33 -0.60
N GLU B 1067 9.10 -33.69 -1.71
CA GLU B 1067 10.27 -34.09 -2.48
C GLU B 1067 11.57 -33.75 -1.74
N VAL B 1068 11.57 -32.64 -1.01
CA VAL B 1068 12.73 -32.24 -0.21
C VAL B 1068 12.95 -33.17 1.01
N SER B 1069 11.88 -33.49 1.72
CA SER B 1069 12.02 -34.37 2.88
C SER B 1069 12.44 -35.77 2.46
N ALA B 1070 12.02 -36.18 1.26
CA ALA B 1070 12.48 -37.44 0.71
C ALA B 1070 13.98 -37.38 0.37
N LEU B 1071 14.43 -36.24 -0.16
CA LEU B 1071 15.85 -36.08 -0.45
C LEU B 1071 16.65 -36.18 0.85
N VAL B 1072 16.21 -35.47 1.87
CA VAL B 1072 16.86 -35.54 3.16
C VAL B 1072 16.91 -36.96 3.73
N ARG B 1073 15.81 -37.68 3.59
CA ARG B 1073 15.74 -39.09 3.97
C ARG B 1073 16.80 -39.94 3.25
N SER B 1074 17.01 -39.63 1.97
CA SER B 1074 17.91 -40.41 1.11
C SER B 1074 19.40 -40.15 1.40
N LEU B 1075 19.71 -39.05 2.08
CA LEU B 1075 21.08 -38.79 2.52
C LEU B 1075 21.35 -39.50 3.83
N PRO B 1076 22.56 -40.06 3.97
CA PRO B 1076 22.97 -40.62 5.24
C PRO B 1076 23.15 -39.55 6.29
N LYS B 1077 22.99 -39.91 7.56
CA LYS B 1077 23.11 -38.95 8.65
C LYS B 1077 24.28 -38.02 8.38
N GLU B 1078 25.36 -38.58 7.85
CA GLU B 1078 26.58 -37.85 7.58
C GLU B 1078 26.28 -36.48 6.97
N GLU B 1079 25.49 -36.49 5.90
CA GLU B 1079 25.40 -35.35 4.99
C GLU B 1079 24.09 -34.57 5.14
N GLN B 1080 23.28 -34.95 6.12
CA GLN B 1080 21.96 -34.34 6.26
C GLN B 1080 22.10 -32.92 6.75
N PRO B 1081 21.32 -32.01 6.17
CA PRO B 1081 21.43 -30.61 6.55
C PRO B 1081 21.06 -30.38 8.00
N LYS B 1082 21.68 -29.38 8.60
CA LYS B 1082 21.28 -28.85 9.88
C LYS B 1082 20.18 -27.83 9.70
N GLN B 1083 20.24 -27.12 8.58
CA GLN B 1083 19.24 -26.12 8.27
C GLN B 1083 18.78 -26.25 6.83
N ILE B 1084 17.52 -25.95 6.60
CA ILE B 1084 17.01 -25.75 5.26
C ILE B 1084 16.42 -24.35 5.18
N ILE B 1085 16.92 -23.58 4.23
CA ILE B 1085 16.48 -22.20 4.06
C ILE B 1085 15.59 -22.11 2.84
N VAL B 1086 14.36 -21.67 3.05
CA VAL B 1086 13.40 -21.56 1.96
C VAL B 1086 13.36 -20.13 1.48
N THR B 1087 13.44 -19.97 0.16
CA THR B 1087 13.45 -18.63 -0.44
C THR B 1087 12.10 -17.96 -0.32
N ARG B 1088 11.04 -18.76 -0.24
CA ARG B 1088 9.69 -18.20 -0.18
C ARG B 1088 8.94 -18.71 1.04
N LYS B 1089 8.24 -17.78 1.69
CA LYS B 1089 7.71 -17.95 3.04
C LYS B 1089 6.59 -19.01 3.09
N ALA B 1090 5.83 -19.14 2.02
CA ALA B 1090 4.74 -20.12 1.95
C ALA B 1090 5.25 -21.56 1.86
N MET B 1091 6.56 -21.73 1.85
CA MET B 1091 7.13 -23.07 1.90
C MET B 1091 7.39 -23.54 3.34
N LEU B 1092 7.22 -22.63 4.30
CA LEU B 1092 7.60 -22.90 5.70
C LEU B 1092 6.71 -23.98 6.31
N ASP B 1093 5.41 -23.76 6.30
CA ASP B 1093 4.51 -24.71 6.94
C ASP B 1093 4.57 -26.09 6.28
N PRO B 1094 4.48 -26.15 4.94
CA PRO B 1094 4.51 -27.46 4.32
C PRO B 1094 5.78 -28.27 4.59
N LEU B 1095 6.91 -27.58 4.65
CA LEU B 1095 8.19 -28.28 4.85
C LEU B 1095 8.40 -28.67 6.32
N GLU B 1096 8.00 -27.82 7.25
CA GLU B 1096 8.02 -28.16 8.68
C GLU B 1096 7.14 -29.39 8.91
N VAL B 1097 5.98 -29.42 8.26
CA VAL B 1097 5.08 -30.53 8.48
C VAL B 1097 5.71 -31.79 7.92
N HIS B 1098 6.33 -31.68 6.75
CA HIS B 1098 6.95 -32.85 6.12
C HIS B 1098 8.27 -33.25 6.78
N MET B 1099 8.77 -32.42 7.67
CA MET B 1099 10.05 -32.70 8.33
C MET B 1099 9.88 -32.95 9.83
N LEU B 1100 8.73 -33.47 10.21
CA LEU B 1100 8.45 -33.75 11.62
C LEU B 1100 9.32 -34.88 12.18
N ASP B 1101 9.68 -35.84 11.35
CA ASP B 1101 10.64 -36.90 11.72
C ASP B 1101 12.08 -36.41 11.86
N PHE B 1102 12.34 -35.14 11.51
CA PHE B 1102 13.67 -34.59 11.66
C PHE B 1102 13.61 -33.33 12.52
N PRO B 1103 13.43 -33.50 13.83
CA PRO B 1103 13.23 -32.36 14.73
C PRO B 1103 14.45 -31.46 14.87
N ASN B 1104 15.63 -31.95 14.51
CA ASN B 1104 16.84 -31.16 14.68
C ASN B 1104 17.24 -30.36 13.44
N ILE B 1105 16.47 -30.50 12.37
CA ILE B 1105 16.66 -29.68 11.18
C ILE B 1105 15.77 -28.45 11.23
N ALA B 1106 16.40 -27.29 11.31
CA ALA B 1106 15.66 -26.04 11.40
C ALA B 1106 15.25 -25.62 10.00
N ILE B 1107 14.00 -25.19 9.87
CA ILE B 1107 13.51 -24.62 8.62
C ILE B 1107 13.46 -23.11 8.78
N ARG B 1108 14.20 -22.41 7.94
CA ARG B 1108 14.41 -20.98 8.11
C ARG B 1108 13.88 -20.23 6.90
N PRO B 1109 13.18 -19.12 7.14
CA PRO B 1109 12.87 -18.19 6.09
C PRO B 1109 14.01 -17.21 5.84
N THR B 1110 13.93 -16.46 4.75
CA THR B 1110 14.87 -15.38 4.53
C THR B 1110 14.16 -14.14 3.96
N GLU B 1111 14.66 -12.98 4.35
CA GLU B 1111 14.15 -11.73 3.82
C GLU B 1111 14.86 -11.39 2.53
N LEU B 1112 16.08 -11.87 2.41
CA LEU B 1112 16.84 -11.74 1.17
C LEU B 1112 15.99 -12.18 0.00
N ARG B 1113 16.12 -11.46 -1.12
CA ARG B 1113 15.48 -11.88 -2.35
C ARG B 1113 16.52 -12.55 -3.22
N LEU B 1114 16.69 -13.84 -3.02
CA LEU B 1114 17.73 -14.59 -3.71
C LEU B 1114 17.25 -14.87 -5.11
N PRO B 1115 18.19 -14.89 -6.07
CA PRO B 1115 17.80 -14.86 -7.47
C PRO B 1115 17.77 -16.24 -8.10
N PHE B 1116 17.46 -17.27 -7.32
CA PHE B 1116 17.48 -18.64 -7.82
C PHE B 1116 16.42 -18.93 -8.88
N SER B 1117 15.38 -18.10 -8.96
CA SER B 1117 14.36 -18.27 -9.99
C SER B 1117 14.95 -18.18 -11.40
N ALA B 1118 16.06 -17.46 -11.53
CA ALA B 1118 16.70 -17.24 -12.81
C ALA B 1118 17.51 -18.46 -13.24
N ALA B 1119 17.51 -19.50 -12.41
CA ALA B 1119 18.15 -20.78 -12.76
C ALA B 1119 17.66 -21.34 -14.09
N MET B 1120 16.39 -21.10 -14.40
CA MET B 1120 15.82 -21.57 -15.67
C MET B 1120 16.24 -20.69 -16.86
N SER B 1121 17.08 -19.69 -16.61
CA SER B 1121 17.71 -18.94 -17.71
C SER B 1121 19.08 -19.53 -18.06
N ILE B 1122 19.50 -20.53 -17.30
CA ILE B 1122 20.69 -21.30 -17.61
C ILE B 1122 20.30 -22.48 -18.51
N ASP B 1123 20.69 -22.37 -19.78
CA ASP B 1123 20.23 -23.27 -20.83
C ASP B 1123 20.27 -24.75 -20.46
N LYS B 1124 21.42 -25.20 -19.96
CA LYS B 1124 21.58 -26.60 -19.68
C LYS B 1124 20.57 -27.07 -18.63
N LEU B 1125 20.08 -26.15 -17.81
CA LEU B 1125 19.05 -26.49 -16.81
C LEU B 1125 17.66 -26.46 -17.44
N SER B 1126 17.35 -25.41 -18.18
CA SER B 1126 16.12 -25.37 -18.97
C SER B 1126 15.99 -26.64 -19.77
N ASP B 1127 17.08 -27.01 -20.44
CA ASP B 1127 17.01 -28.06 -21.44
C ASP B 1127 16.61 -29.40 -20.82
N VAL B 1128 17.22 -29.75 -19.70
CA VAL B 1128 16.89 -31.02 -19.05
C VAL B 1128 15.48 -30.98 -18.46
N VAL B 1129 15.05 -29.80 -18.02
CA VAL B 1129 13.69 -29.64 -17.48
C VAL B 1129 12.67 -29.82 -18.60
N MET B 1130 12.89 -29.16 -19.72
CA MET B 1130 11.91 -29.14 -20.79
C MET B 1130 11.88 -30.47 -21.55
N LYS B 1131 12.97 -31.22 -21.49
CA LYS B 1131 13.06 -32.49 -22.20
C LYS B 1131 12.50 -33.67 -21.42
N ALA B 1132 12.44 -33.55 -20.10
CA ALA B 1132 12.04 -34.66 -19.24
C ALA B 1132 10.64 -35.13 -19.59
N THR B 1133 10.43 -36.45 -19.52
CA THR B 1133 9.15 -37.05 -19.90
C THR B 1133 8.53 -37.80 -18.72
N GLU B 1134 9.27 -37.83 -17.61
CA GLU B 1134 8.76 -38.35 -16.36
C GLU B 1134 9.49 -37.66 -15.22
N PRO B 1135 9.12 -37.97 -13.97
CA PRO B 1135 9.89 -37.41 -12.88
C PRO B 1135 11.34 -37.86 -12.89
N GLN B 1136 12.22 -36.99 -12.41
CA GLN B 1136 13.65 -37.17 -12.59
C GLN B 1136 14.41 -36.25 -11.62
N MET B 1137 15.43 -36.79 -10.98
CA MET B 1137 16.38 -35.99 -10.22
C MET B 1137 17.69 -35.86 -11.00
N VAL B 1138 18.10 -34.63 -11.27
CA VAL B 1138 19.39 -34.38 -11.92
C VAL B 1138 20.32 -33.61 -10.99
N LEU B 1139 21.56 -34.07 -10.90
CA LEU B 1139 22.57 -33.48 -10.00
C LEU B 1139 23.53 -32.61 -10.79
N PHE B 1140 23.86 -31.46 -10.24
CA PHE B 1140 24.75 -30.52 -10.90
C PHE B 1140 25.65 -29.95 -9.83
N ASN B 1141 26.84 -29.52 -10.23
CA ASN B 1141 27.56 -28.51 -9.45
C ASN B 1141 27.37 -27.16 -10.10
N ILE B 1142 26.68 -26.26 -9.40
CA ILE B 1142 26.35 -24.98 -9.99
C ILE B 1142 27.57 -24.06 -9.95
N TYR B 1143 28.62 -24.50 -9.25
CA TYR B 1143 29.88 -23.75 -9.21
C TYR B 1143 30.92 -24.28 -10.20
N ASP B 1144 30.52 -25.22 -11.05
CA ASP B 1144 31.49 -25.93 -11.86
C ASP B 1144 32.70 -26.32 -10.98
N ASP B 1145 33.88 -25.83 -11.34
CA ASP B 1145 35.10 -26.19 -10.59
C ASP B 1145 35.75 -24.97 -9.98
N TRP B 1146 34.93 -23.97 -9.66
CA TRP B 1146 35.44 -22.69 -9.19
C TRP B 1146 36.19 -22.86 -7.86
N LEU B 1147 35.78 -23.86 -7.08
CA LEU B 1147 36.28 -24.03 -5.70
C LEU B 1147 37.73 -24.55 -5.65
N ASP B 1148 38.27 -24.94 -6.80
CA ASP B 1148 39.70 -25.20 -6.92
C ASP B 1148 40.51 -23.93 -6.72
N ARG B 1149 39.92 -22.79 -7.07
CA ARG B 1149 40.65 -21.53 -7.10
C ARG B 1149 40.11 -20.49 -6.11
N ILE B 1150 38.86 -20.66 -5.66
CA ILE B 1150 38.23 -19.66 -4.78
C ILE B 1150 37.44 -20.26 -3.62
N SER B 1151 37.02 -19.42 -2.69
CA SER B 1151 36.27 -19.86 -1.53
C SER B 1151 34.79 -20.14 -1.88
N SER B 1152 34.14 -20.94 -1.05
CA SER B 1152 32.68 -21.06 -1.09
C SER B 1152 32.01 -19.68 -1.09
N TYR B 1153 32.46 -18.80 -0.20
CA TYR B 1153 31.86 -17.47 -0.08
C TYR B 1153 31.92 -16.70 -1.40
N THR B 1154 33.04 -16.82 -2.09
CA THR B 1154 33.29 -16.07 -3.30
C THR B 1154 32.52 -16.67 -4.49
N ALA B 1155 32.52 -18.00 -4.55
CA ALA B 1155 31.73 -18.74 -5.54
C ALA B 1155 30.26 -18.36 -5.48
N PHE B 1156 29.74 -18.19 -4.26
CA PHE B 1156 28.31 -17.94 -4.06
C PHE B 1156 27.95 -16.51 -4.43
N SER B 1157 28.85 -15.58 -4.12
CA SER B 1157 28.66 -14.19 -4.53
C SER B 1157 28.68 -14.11 -6.05
N ARG B 1158 29.57 -14.87 -6.67
CA ARG B 1158 29.64 -14.93 -8.14
C ARG B 1158 28.35 -15.53 -8.72
N LEU B 1159 27.91 -16.66 -8.16
CA LEU B 1159 26.68 -17.30 -8.63
C LEU B 1159 25.53 -16.30 -8.55
N THR B 1160 25.47 -15.62 -7.42
CA THR B 1160 24.35 -14.73 -7.13
C THR B 1160 24.32 -13.51 -8.05
N LEU B 1161 25.50 -12.96 -8.30
CA LEU B 1161 25.70 -11.92 -9.31
C LEU B 1161 25.21 -12.38 -10.69
N LEU B 1162 25.58 -13.59 -11.08
CA LEU B 1162 25.26 -14.07 -12.43
C LEU B 1162 23.76 -14.26 -12.60
N LEU B 1163 23.12 -14.81 -11.57
CA LEU B 1163 21.68 -15.09 -11.63
C LEU B 1163 20.86 -13.82 -11.53
N ARG B 1164 21.36 -12.86 -10.75
CA ARG B 1164 20.73 -11.55 -10.67
C ARG B 1164 20.72 -10.86 -12.04
N ALA B 1165 21.85 -10.93 -12.75
CA ALA B 1165 21.94 -10.33 -14.08
C ALA B 1165 20.96 -10.98 -15.05
N LEU B 1166 20.97 -12.31 -15.10
CA LEU B 1166 20.06 -13.07 -15.94
C LEU B 1166 18.60 -12.75 -15.63
N LYS B 1167 18.32 -12.49 -14.36
CA LYS B 1167 16.98 -12.15 -13.92
C LYS B 1167 16.61 -10.74 -14.36
N THR B 1168 17.60 -9.85 -14.38
CA THR B 1168 17.37 -8.42 -14.60
C THR B 1168 17.36 -8.08 -16.08
N ASN B 1169 18.02 -8.90 -16.88
CA ASN B 1169 18.13 -8.67 -18.31
C ASN B 1169 18.75 -9.88 -18.99
N GLU B 1170 17.93 -10.89 -19.20
CA GLU B 1170 18.43 -12.17 -19.67
C GLU B 1170 19.34 -11.95 -20.87
N GLU B 1171 18.87 -11.16 -21.83
CA GLU B 1171 19.54 -11.02 -23.11
C GLU B 1171 20.94 -10.42 -22.96
N SER B 1172 21.04 -9.34 -22.19
CA SER B 1172 22.31 -8.65 -22.01
C SER B 1172 23.27 -9.56 -21.26
N ALA B 1173 22.74 -10.25 -20.25
CA ALA B 1173 23.55 -11.14 -19.42
C ALA B 1173 24.08 -12.31 -20.23
N LYS B 1174 23.27 -12.81 -21.15
CA LYS B 1174 23.66 -13.94 -21.98
C LYS B 1174 24.60 -13.47 -23.08
N MET B 1175 24.47 -12.19 -23.45
CA MET B 1175 25.41 -11.56 -24.39
C MET B 1175 26.82 -11.54 -23.77
N ILE B 1176 26.90 -11.04 -22.56
CA ILE B 1176 28.15 -11.05 -21.80
C ILE B 1176 28.81 -12.43 -21.76
N LEU B 1177 28.07 -13.44 -21.35
CA LEU B 1177 28.59 -14.82 -21.28
C LEU B 1177 28.99 -15.41 -22.65
N LEU B 1178 28.50 -14.83 -23.73
CA LEU B 1178 28.64 -15.45 -25.06
C LEU B 1178 29.64 -14.71 -25.97
N SER B 1179 30.14 -13.57 -25.50
CA SER B 1179 31.01 -12.70 -26.31
C SER B 1179 32.13 -13.48 -27.01
N ASP B 1180 33.07 -14.00 -26.24
CA ASP B 1180 34.18 -14.76 -26.82
C ASP B 1180 33.77 -16.22 -27.04
N PRO B 1181 33.52 -16.59 -28.32
CA PRO B 1181 33.15 -17.96 -28.64
C PRO B 1181 34.31 -18.93 -28.55
N THR B 1182 35.50 -18.43 -28.26
CA THR B 1182 36.66 -19.28 -27.97
C THR B 1182 36.59 -19.87 -26.56
N ILE B 1183 35.98 -19.11 -25.65
CA ILE B 1183 35.80 -19.57 -24.27
C ILE B 1183 34.52 -20.38 -24.15
N THR B 1184 34.66 -21.70 -24.01
CA THR B 1184 33.52 -22.59 -24.07
C THR B 1184 33.17 -23.19 -22.72
N ILE B 1185 32.07 -23.92 -22.70
CA ILE B 1185 31.56 -24.54 -21.50
C ILE B 1185 31.86 -26.04 -21.55
N LYS B 1186 32.58 -26.55 -20.55
CA LYS B 1186 32.90 -27.97 -20.53
C LYS B 1186 31.61 -28.78 -20.48
N SER B 1187 31.65 -29.99 -21.02
CA SER B 1187 30.45 -30.79 -21.18
C SER B 1187 29.76 -31.03 -19.83
N TYR B 1188 30.54 -31.00 -18.75
CA TYR B 1188 30.02 -31.29 -17.41
C TYR B 1188 29.90 -30.01 -16.58
N HIS B 1189 29.75 -28.89 -17.25
CA HIS B 1189 29.74 -27.59 -16.61
C HIS B 1189 28.50 -26.82 -17.02
N LEU B 1190 28.16 -25.78 -16.25
CA LEU B 1190 27.11 -24.86 -16.63
C LEU B 1190 27.66 -23.57 -17.21
N TRP B 1191 28.87 -23.21 -16.78
CA TRP B 1191 29.41 -21.89 -17.13
C TRP B 1191 30.70 -22.02 -17.93
N PRO B 1192 31.13 -20.93 -18.58
CA PRO B 1192 32.29 -20.98 -19.47
C PRO B 1192 33.60 -21.08 -18.70
N SER B 1193 34.63 -21.62 -19.35
CA SER B 1193 35.92 -21.83 -18.69
C SER B 1193 36.74 -20.54 -18.70
N PHE B 1194 36.25 -19.51 -18.03
CA PHE B 1194 36.98 -18.23 -17.93
C PHE B 1194 38.28 -18.39 -17.13
N THR B 1195 39.26 -17.51 -17.37
CA THR B 1195 40.38 -17.33 -16.43
C THR B 1195 39.92 -16.51 -15.26
N ASP B 1196 40.73 -16.53 -14.20
CA ASP B 1196 40.53 -15.63 -13.06
C ASP B 1196 40.42 -14.18 -13.52
N GLU B 1197 41.27 -13.80 -14.47
CA GLU B 1197 41.32 -12.43 -14.96
C GLU B 1197 40.03 -12.11 -15.72
N GLN B 1198 39.53 -13.11 -16.42
CA GLN B 1198 38.29 -12.96 -17.19
C GLN B 1198 37.07 -12.90 -16.29
N TRP B 1199 37.04 -13.72 -15.24
CA TRP B 1199 35.97 -13.66 -14.24
C TRP B 1199 35.89 -12.29 -13.60
N ILE B 1200 37.02 -11.61 -13.48
CA ILE B 1200 37.03 -10.29 -12.88
C ILE B 1200 36.28 -9.33 -13.77
N THR B 1201 36.54 -9.42 -15.07
CA THR B 1201 35.87 -8.57 -16.06
C THR B 1201 34.38 -8.88 -16.09
N ILE B 1202 34.06 -10.09 -16.50
CA ILE B 1202 32.70 -10.62 -16.50
C ILE B 1202 31.89 -10.13 -15.31
N GLU B 1203 32.38 -10.40 -14.11
CA GLU B 1203 31.72 -9.95 -12.90
C GLU B 1203 31.42 -8.46 -12.98
N SER B 1204 32.42 -7.67 -13.35
CA SER B 1204 32.24 -6.21 -13.37
C SER B 1204 31.17 -5.81 -14.37
N GLN B 1205 31.18 -6.47 -15.53
CA GLN B 1205 30.15 -6.26 -16.55
C GLN B 1205 28.72 -6.53 -16.04
N MET B 1206 28.57 -7.57 -15.22
CA MET B 1206 27.25 -7.90 -14.66
C MET B 1206 26.84 -6.89 -13.58
N ARG B 1207 27.79 -6.45 -12.78
CA ARG B 1207 27.57 -5.34 -11.85
C ARG B 1207 27.03 -4.12 -12.59
N ASP B 1208 27.64 -3.83 -13.73
CA ASP B 1208 27.21 -2.70 -14.56
C ASP B 1208 25.82 -2.97 -15.10
N LEU B 1209 25.65 -4.11 -15.75
CA LEU B 1209 24.38 -4.47 -16.37
C LEU B 1209 23.21 -4.31 -15.41
N ILE B 1210 23.35 -4.88 -14.23
CA ILE B 1210 22.33 -4.75 -13.19
C ILE B 1210 21.95 -3.28 -13.01
N LEU B 1211 22.97 -2.43 -12.89
CA LEU B 1211 22.76 -1.06 -12.43
C LEU B 1211 22.43 -0.12 -13.58
N THR B 1212 22.99 -0.38 -14.76
CA THR B 1212 22.43 0.12 -16.01
C THR B 1212 20.90 -0.07 -16.05
N GLU B 1213 20.48 -1.32 -15.97
CA GLU B 1213 19.06 -1.69 -16.08
C GLU B 1213 18.24 -1.10 -14.94
N TYR B 1214 18.91 -0.89 -13.81
CA TYR B 1214 18.31 -0.30 -12.63
C TYR B 1214 18.15 1.22 -12.79
N GLY B 1215 19.14 1.86 -13.39
CA GLY B 1215 19.05 3.26 -13.77
C GLY B 1215 18.15 3.46 -14.98
N ARG B 1216 18.06 2.43 -15.83
CA ARG B 1216 17.20 2.46 -17.00
C ARG B 1216 15.73 2.23 -16.64
N LYS B 1217 15.46 1.99 -15.36
CA LYS B 1217 14.10 1.78 -14.87
C LYS B 1217 13.70 2.85 -13.85
N TYR B 1218 14.65 3.24 -13.02
CA TYR B 1218 14.37 4.21 -11.94
C TYR B 1218 14.89 5.60 -12.29
N ASN B 1219 15.55 5.73 -13.43
CA ASN B 1219 16.05 7.01 -13.97
C ASN B 1219 17.27 7.57 -13.24
N VAL B 1220 17.85 6.80 -12.33
CA VAL B 1220 19.03 7.25 -11.57
C VAL B 1220 20.27 7.21 -12.47
N ASN B 1221 21.24 8.08 -12.20
CA ASN B 1221 22.48 8.13 -12.97
C ASN B 1221 23.64 7.38 -12.29
N ILE B 1222 24.36 8.05 -11.38
CA ILE B 1222 25.39 7.38 -10.57
C ILE B 1222 25.53 7.99 -9.17
N SER B 1223 25.70 7.12 -8.17
CA SER B 1223 25.33 7.45 -6.79
C SER B 1223 26.23 6.77 -5.77
N ALA B 1224 25.72 6.60 -4.54
CA ALA B 1224 26.54 6.19 -3.40
C ALA B 1224 26.82 4.68 -3.41
N LEU B 1225 28.03 4.30 -3.00
CA LEU B 1225 28.47 2.90 -3.01
C LEU B 1225 27.92 2.14 -1.81
N THR B 1226 26.60 2.16 -1.66
CA THR B 1226 25.87 1.10 -0.97
C THR B 1226 25.42 0.08 -2.01
N GLN B 1227 25.42 -1.19 -1.61
CA GLN B 1227 25.33 -2.30 -2.56
C GLN B 1227 23.91 -2.87 -2.52
N THR B 1228 23.62 -3.88 -3.34
CA THR B 1228 22.25 -4.36 -3.48
C THR B 1228 22.08 -5.81 -3.97
N GLU B 1229 20.81 -6.24 -4.00
CA GLU B 1229 20.42 -7.62 -4.31
C GLU B 1229 19.36 -8.10 -3.32
N SER B 1298 38.04 -3.19 -38.30
CA SER B 1298 38.50 -3.28 -36.91
C SER B 1298 37.36 -2.93 -35.94
N SER B 1299 37.15 -1.63 -35.73
CA SER B 1299 35.98 -1.15 -35.00
C SER B 1299 34.71 -1.42 -35.80
N LYS B 1300 34.76 -1.13 -37.09
CA LYS B 1300 33.60 -1.22 -37.97
C LYS B 1300 33.22 -2.68 -38.24
N ASN B 1301 31.97 -2.89 -38.61
CA ASN B 1301 31.51 -4.22 -39.05
C ASN B 1301 31.69 -5.24 -37.95
N GLU B 1302 31.23 -4.89 -36.76
CA GLU B 1302 31.02 -5.85 -35.68
C GLU B 1302 29.62 -6.46 -35.79
N TRP B 1303 29.26 -6.88 -37.00
CA TRP B 1303 28.12 -7.76 -37.22
C TRP B 1303 28.24 -9.01 -36.34
N ARG B 1304 29.47 -9.46 -36.11
CA ARG B 1304 29.72 -10.61 -35.25
C ARG B 1304 28.94 -10.46 -33.95
N LYS B 1305 28.96 -9.24 -33.40
CA LYS B 1305 28.20 -8.95 -32.19
C LYS B 1305 26.74 -9.30 -32.40
N SER B 1306 26.15 -8.76 -33.46
CA SER B 1306 24.71 -8.87 -33.68
C SER B 1306 24.31 -10.30 -34.05
N ALA B 1307 25.25 -11.06 -34.62
CA ALA B 1307 25.00 -12.44 -34.96
C ALA B 1307 24.84 -13.30 -33.71
N ILE B 1308 25.61 -12.99 -32.68
CA ILE B 1308 25.47 -13.70 -31.41
C ILE B 1308 24.14 -13.30 -30.78
N ALA B 1309 23.88 -12.01 -30.75
CA ALA B 1309 22.61 -11.47 -30.24
C ALA B 1309 21.39 -12.14 -30.90
N ASN B 1310 21.48 -12.38 -32.20
CA ASN B 1310 20.36 -12.90 -32.98
C ASN B 1310 19.97 -14.32 -32.53
N THR B 1311 20.94 -15.09 -32.06
CA THR B 1311 20.66 -16.41 -31.50
C THR B 1311 19.82 -16.34 -30.22
N LEU B 1312 19.63 -15.14 -29.69
CA LEU B 1312 18.80 -14.94 -28.50
C LEU B 1312 17.41 -14.41 -28.82
N LEU B 1313 17.16 -14.11 -30.09
CA LEU B 1313 15.89 -13.49 -30.48
C LEU B 1313 14.70 -14.36 -30.09
N TYR B 1314 14.89 -15.67 -30.14
CA TYR B 1314 13.82 -16.64 -29.84
C TYR B 1314 13.22 -16.45 -28.45
N LEU B 1315 13.99 -15.85 -27.54
CA LEU B 1315 13.53 -15.60 -26.18
C LEU B 1315 12.35 -14.65 -26.18
N ARG B 1316 12.30 -13.77 -27.18
CA ARG B 1316 11.31 -12.70 -27.21
C ARG B 1316 9.92 -13.25 -27.52
N LEU B 1317 9.88 -14.42 -28.15
CA LEU B 1317 8.65 -15.14 -28.45
C LEU B 1317 7.86 -15.58 -27.21
N LYS B 1318 8.47 -15.48 -26.04
CA LYS B 1318 7.82 -15.91 -24.82
C LYS B 1318 6.71 -14.95 -24.39
N ASN B 1319 6.81 -13.70 -24.80
CA ASN B 1319 5.72 -12.77 -24.62
C ASN B 1319 5.30 -12.16 -25.95
N ILE B 1320 4.13 -12.56 -26.41
CA ILE B 1320 3.61 -12.12 -27.70
C ILE B 1320 2.34 -11.33 -27.45
N TYR B 1321 2.40 -10.04 -27.75
CA TYR B 1321 1.24 -9.17 -27.66
C TYR B 1321 0.70 -8.89 -29.06
N VAL B 1322 -0.59 -9.13 -29.24
CA VAL B 1322 -1.27 -8.84 -30.51
C VAL B 1322 -2.21 -7.66 -30.36
N SER B 1323 -1.98 -6.63 -31.15
CA SER B 1323 -2.86 -5.48 -31.22
C SER B 1323 -4.27 -5.92 -31.64
N ALA B 1324 -5.24 -5.50 -30.84
CA ALA B 1324 -6.60 -6.02 -30.95
C ALA B 1324 -7.59 -4.93 -30.57
N ASP B 1325 -8.76 -5.02 -31.17
CA ASP B 1325 -9.87 -4.18 -30.79
C ASP B 1325 -11.15 -4.99 -30.96
N ASP B 1326 -12.28 -4.36 -30.67
CA ASP B 1326 -13.54 -5.08 -30.60
C ASP B 1326 -13.80 -5.76 -31.93
N PHE B 1327 -13.99 -7.08 -31.89
CA PHE B 1327 -14.31 -7.82 -33.12
C PHE B 1327 -15.39 -7.08 -33.89
N VAL B 1328 -15.13 -6.81 -35.17
CA VAL B 1328 -16.19 -6.49 -36.09
C VAL B 1328 -16.25 -7.55 -37.20
N GLU B 1329 -17.34 -8.31 -37.19
CA GLU B 1329 -17.52 -9.46 -38.09
C GLU B 1329 -17.65 -9.01 -39.54
N GLU B 1330 -17.93 -7.72 -39.72
CA GLU B 1330 -18.00 -7.12 -41.06
C GLU B 1330 -16.64 -7.15 -41.75
N GLN B 1331 -15.58 -7.13 -40.95
CA GLN B 1331 -14.21 -7.03 -41.44
C GLN B 1331 -13.50 -8.38 -41.48
N ASN B 1332 -12.52 -8.47 -42.36
CA ASN B 1332 -11.66 -9.64 -42.45
C ASN B 1332 -10.90 -9.88 -41.15
N VAL B 1333 -10.55 -11.14 -40.92
CA VAL B 1333 -9.67 -11.52 -39.83
C VAL B 1333 -8.49 -12.29 -40.41
N TYR B 1334 -7.27 -11.86 -40.09
CA TYR B 1334 -6.08 -12.45 -40.68
C TYR B 1334 -5.40 -13.38 -39.68
N VAL B 1335 -5.12 -14.62 -40.12
CA VAL B 1335 -4.61 -15.62 -39.19
C VAL B 1335 -3.18 -16.02 -39.54
N LEU B 1336 -2.25 -15.62 -38.68
CA LEU B 1336 -0.85 -16.00 -38.84
C LEU B 1336 -0.55 -17.28 -38.06
N PRO B 1337 -0.09 -18.32 -38.77
CA PRO B 1337 0.36 -19.51 -38.08
C PRO B 1337 1.51 -19.22 -37.12
N LYS B 1338 1.44 -19.84 -35.95
CA LYS B 1338 2.47 -19.69 -34.95
C LYS B 1338 3.85 -20.01 -35.51
N ASN B 1339 3.94 -21.10 -36.29
CA ASN B 1339 5.25 -21.62 -36.69
C ASN B 1339 6.03 -20.65 -37.61
N LEU B 1340 5.29 -19.82 -38.35
CA LEU B 1340 5.92 -18.88 -39.27
C LEU B 1340 6.46 -17.68 -38.52
N LEU B 1341 5.71 -17.21 -37.53
CA LEU B 1341 6.15 -16.14 -36.66
C LEU B 1341 7.42 -16.56 -35.92
N LYS B 1342 7.38 -17.76 -35.37
CA LYS B 1342 8.53 -18.35 -34.72
C LYS B 1342 9.74 -18.22 -35.66
N LYS B 1343 9.59 -18.71 -36.88
CA LYS B 1343 10.73 -18.82 -37.76
C LYS B 1343 11.16 -17.42 -38.19
N PHE B 1344 10.18 -16.56 -38.46
CA PHE B 1344 10.47 -15.20 -38.92
C PHE B 1344 11.38 -14.48 -37.91
N ILE B 1345 11.02 -14.57 -36.63
CA ILE B 1345 11.77 -13.89 -35.58
C ILE B 1345 13.18 -14.49 -35.45
N GLU B 1346 13.27 -15.81 -35.58
CA GLU B 1346 14.54 -16.50 -35.46
C GLU B 1346 15.53 -16.00 -36.50
N ILE B 1347 15.03 -15.72 -37.70
CA ILE B 1347 15.88 -15.30 -38.82
C ILE B 1347 16.09 -13.79 -38.89
N SER B 1348 15.42 -13.04 -38.01
CA SER B 1348 15.47 -11.58 -38.06
C SER B 1348 16.69 -11.05 -37.30
N ASP B 1349 16.75 -9.74 -37.10
CA ASP B 1349 17.97 -9.10 -36.58
C ASP B 1349 17.60 -8.18 -35.43
N VAL B 1350 18.52 -7.96 -34.50
CA VAL B 1350 18.24 -7.13 -33.34
C VAL B 1350 18.04 -5.64 -33.67
N LYS B 1351 18.65 -5.17 -34.76
CA LYS B 1351 18.63 -3.73 -35.06
C LYS B 1351 18.02 -3.38 -36.42
N ILE B 1352 18.20 -4.28 -37.38
CA ILE B 1352 17.88 -4.00 -38.77
C ILE B 1352 16.52 -4.61 -39.14
N GLN B 1353 15.67 -3.82 -39.77
CA GLN B 1353 14.36 -4.32 -40.20
C GLN B 1353 14.50 -5.46 -41.19
N VAL B 1354 13.67 -6.49 -40.99
CA VAL B 1354 13.60 -7.65 -41.87
C VAL B 1354 12.15 -7.81 -42.31
N ALA B 1355 11.94 -8.12 -43.59
CA ALA B 1355 10.61 -8.05 -44.22
C ALA B 1355 10.33 -9.30 -45.06
N ALA B 1356 9.05 -9.62 -45.22
CA ALA B 1356 8.62 -10.64 -46.17
C ALA B 1356 7.17 -10.41 -46.60
N PHE B 1357 6.79 -11.03 -47.71
CA PHE B 1357 5.41 -10.99 -48.19
C PHE B 1357 4.63 -12.14 -47.57
N ILE B 1358 3.34 -11.92 -47.34
CA ILE B 1358 2.48 -12.98 -46.84
C ILE B 1358 1.45 -13.37 -47.91
N TYR B 1359 1.24 -14.67 -48.09
CA TYR B 1359 0.24 -15.18 -49.03
C TYR B 1359 -0.69 -16.12 -48.31
N GLY B 1360 -1.92 -16.22 -48.79
CA GLY B 1360 -2.90 -17.12 -48.19
C GLY B 1360 -4.23 -17.15 -48.95
N MET B 1361 -5.28 -17.59 -48.28
CA MET B 1361 -6.60 -17.65 -48.89
C MET B 1361 -7.70 -17.80 -47.83
N SER B 1362 -8.88 -17.26 -48.15
CA SER B 1362 -10.02 -17.37 -47.24
C SER B 1362 -10.31 -18.84 -46.96
N ALA B 1363 -10.64 -19.15 -45.72
CA ALA B 1363 -11.01 -20.51 -45.34
C ALA B 1363 -12.20 -21.02 -46.15
N LYS B 1364 -12.56 -22.29 -45.95
CA LYS B 1364 -13.70 -22.90 -46.62
C LYS B 1364 -15.02 -22.42 -46.01
N ASP B 1365 -15.82 -21.73 -46.81
CA ASP B 1365 -17.12 -21.19 -46.38
C ASP B 1365 -17.00 -19.97 -45.47
N HIS B 1366 -15.77 -19.50 -45.26
CA HIS B 1366 -15.52 -18.31 -44.44
C HIS B 1366 -14.71 -17.29 -45.21
N PRO B 1367 -15.41 -16.45 -45.99
CA PRO B 1367 -14.78 -15.40 -46.80
C PRO B 1367 -13.98 -14.40 -45.98
N LYS B 1368 -14.43 -14.15 -44.75
CA LYS B 1368 -13.85 -13.10 -43.91
C LYS B 1368 -12.59 -13.56 -43.20
N VAL B 1369 -12.42 -14.87 -43.07
CA VAL B 1369 -11.28 -15.42 -42.34
C VAL B 1369 -10.15 -15.78 -43.31
N LYS B 1370 -9.15 -14.90 -43.36
CA LYS B 1370 -8.03 -15.03 -44.30
C LYS B 1370 -6.81 -15.66 -43.63
N GLU B 1371 -6.49 -16.88 -44.04
CA GLU B 1371 -5.42 -17.64 -43.40
C GLU B 1371 -4.12 -17.40 -44.14
N ILE B 1372 -3.07 -17.14 -43.38
CA ILE B 1372 -1.74 -16.98 -43.95
C ILE B 1372 -1.14 -18.36 -44.12
N LYS B 1373 -0.74 -18.71 -45.34
CA LYS B 1373 -0.23 -20.04 -45.64
C LYS B 1373 1.26 -20.02 -46.01
N THR B 1374 1.74 -18.90 -46.51
CA THR B 1374 3.13 -18.82 -46.93
C THR B 1374 3.72 -17.43 -46.74
N VAL B 1375 4.97 -17.42 -46.28
CA VAL B 1375 5.77 -16.22 -46.25
C VAL B 1375 6.84 -16.31 -47.33
N VAL B 1376 7.00 -15.25 -48.09
CA VAL B 1376 8.03 -15.20 -49.13
C VAL B 1376 9.16 -14.29 -48.72
N LEU B 1377 10.29 -14.89 -48.36
CA LEU B 1377 11.51 -14.13 -48.14
C LEU B 1377 12.06 -13.65 -49.47
N VAL B 1378 12.29 -12.34 -49.54
CA VAL B 1378 12.57 -11.68 -50.78
C VAL B 1378 13.86 -10.90 -50.61
N PRO B 1379 14.67 -10.81 -51.67
CA PRO B 1379 15.84 -9.96 -51.59
C PRO B 1379 15.48 -8.56 -51.09
N GLN B 1380 16.28 -8.06 -50.16
CA GLN B 1380 15.96 -6.84 -49.45
C GLN B 1380 17.23 -6.24 -48.88
N LEU B 1381 17.21 -4.94 -48.66
CA LEU B 1381 18.30 -4.24 -47.98
C LEU B 1381 17.72 -3.46 -46.81
N GLY B 1382 18.04 -3.93 -45.60
CA GLY B 1382 17.37 -3.45 -44.38
C GLY B 1382 18.07 -2.28 -43.73
N HIS B 1383 17.33 -1.57 -42.90
CA HIS B 1383 17.84 -0.40 -42.19
C HIS B 1383 17.25 -0.38 -40.78
N VAL B 1384 17.72 0.55 -39.95
CA VAL B 1384 17.20 0.66 -38.59
C VAL B 1384 15.72 1.04 -38.58
N GLY B 1385 15.33 1.97 -39.45
CA GLY B 1385 13.95 2.47 -39.45
C GLY B 1385 13.18 2.26 -40.75
N SER B 1386 13.62 1.29 -41.54
CA SER B 1386 13.05 1.11 -42.86
C SER B 1386 13.63 -0.11 -43.54
N VAL B 1387 13.08 -0.46 -44.70
CA VAL B 1387 13.60 -1.57 -45.49
C VAL B 1387 13.35 -1.36 -46.98
N GLN B 1388 14.38 -1.58 -47.78
CA GLN B 1388 14.24 -1.64 -49.24
C GLN B 1388 13.89 -3.07 -49.63
N ILE B 1389 12.61 -3.33 -49.84
CA ILE B 1389 12.21 -4.64 -50.34
C ILE B 1389 12.16 -4.58 -51.86
N SER B 1390 12.60 -5.66 -52.50
CA SER B 1390 12.35 -5.87 -53.91
C SER B 1390 10.85 -6.10 -54.10
N ASN B 1391 10.43 -6.23 -55.35
CA ASN B 1391 9.01 -6.14 -55.68
C ASN B 1391 8.27 -7.46 -55.49
N ILE B 1392 6.96 -7.39 -55.57
CA ILE B 1392 6.09 -8.55 -55.43
C ILE B 1392 6.67 -9.75 -56.18
N PRO B 1393 6.95 -10.85 -55.46
CA PRO B 1393 7.61 -11.98 -56.06
C PRO B 1393 6.69 -12.72 -57.04
N ASP B 1394 7.19 -12.97 -58.24
CA ASP B 1394 6.49 -13.85 -59.17
C ASP B 1394 6.69 -15.32 -58.78
N ILE B 1395 5.62 -15.96 -58.34
CA ILE B 1395 5.68 -17.32 -57.82
C ILE B 1395 4.69 -18.27 -58.52
N GLY B 1396 4.21 -17.85 -59.69
CA GLY B 1396 3.17 -18.60 -60.42
C GLY B 1396 3.62 -19.98 -60.88
N ASP B 1397 4.93 -20.17 -60.99
CA ASP B 1397 5.51 -21.44 -61.48
C ASP B 1397 5.51 -22.53 -60.42
N LEU B 1398 5.61 -22.14 -59.15
CA LEU B 1398 5.69 -23.10 -58.05
C LEU B 1398 4.34 -23.77 -57.82
N PRO B 1399 4.34 -24.99 -57.26
CA PRO B 1399 3.10 -25.72 -57.04
C PRO B 1399 2.25 -25.11 -55.93
N ASP B 1400 0.96 -25.43 -55.93
CA ASP B 1400 0.04 -24.97 -54.89
C ASP B 1400 -0.19 -23.46 -54.93
N THR B 1401 0.46 -22.77 -55.86
CA THR B 1401 0.36 -21.32 -55.94
C THR B 1401 -0.93 -20.92 -56.67
N GLU B 1402 -1.57 -21.89 -57.30
CA GLU B 1402 -2.97 -21.75 -57.68
C GLU B 1402 -3.81 -21.64 -56.40
N GLY B 1403 -4.54 -20.54 -56.28
CA GLY B 1403 -5.36 -20.27 -55.09
C GLY B 1403 -4.83 -19.14 -54.22
N LEU B 1404 -3.51 -19.03 -54.14
CA LEU B 1404 -2.86 -18.21 -53.12
C LEU B 1404 -3.03 -16.72 -53.41
N GLU B 1405 -3.75 -16.05 -52.54
CA GLU B 1405 -3.89 -14.58 -52.58
C GLU B 1405 -2.65 -13.95 -51.95
N LEU B 1406 -2.11 -12.92 -52.59
CA LEU B 1406 -1.21 -11.96 -51.93
C LEU B 1406 -2.00 -11.20 -50.86
N LEU B 1407 -1.57 -11.32 -49.60
CA LEU B 1407 -2.28 -10.69 -48.49
C LEU B 1407 -1.63 -9.39 -48.02
N GLY B 1408 -0.32 -9.28 -48.25
CA GLY B 1408 0.41 -8.06 -47.93
C GLY B 1408 1.83 -8.38 -47.51
N TRP B 1409 2.32 -7.71 -46.49
CA TRP B 1409 3.68 -7.96 -46.00
C TRP B 1409 3.78 -7.92 -44.47
N ILE B 1410 4.90 -8.42 -43.97
CA ILE B 1410 5.16 -8.48 -42.54
C ILE B 1410 6.62 -8.08 -42.33
N HIS B 1411 6.87 -7.25 -41.32
CA HIS B 1411 8.23 -6.80 -41.02
C HIS B 1411 8.43 -6.57 -39.54
N THR B 1412 9.69 -6.67 -39.13
CA THR B 1412 10.10 -6.23 -37.80
C THR B 1412 10.34 -4.73 -37.75
N GLN B 1413 10.24 -4.18 -36.56
CA GLN B 1413 10.76 -2.86 -36.31
C GLN B 1413 11.23 -2.76 -34.88
N THR B 1414 11.99 -1.70 -34.59
CA THR B 1414 12.50 -1.49 -33.24
C THR B 1414 11.86 -0.27 -32.56
N GLU B 1415 10.99 0.44 -33.28
CA GLU B 1415 10.14 1.46 -32.63
C GLU B 1415 8.71 0.92 -32.44
N GLU B 1416 8.11 1.26 -31.31
CA GLU B 1416 6.72 0.91 -31.05
C GLU B 1416 5.81 2.07 -31.44
N LEU B 1417 4.92 1.81 -32.42
CA LEU B 1417 4.00 2.83 -32.93
C LEU B 1417 2.58 2.29 -32.94
N LYS B 1418 1.61 3.19 -32.85
CA LYS B 1418 0.19 2.84 -32.96
C LYS B 1418 -0.30 2.97 -34.40
N PHE B 1419 0.62 3.27 -35.31
CA PHE B 1419 0.24 3.50 -36.70
C PHE B 1419 1.38 3.07 -37.60
N MET B 1420 1.13 3.10 -38.91
CA MET B 1420 2.16 2.82 -39.88
C MET B 1420 3.06 4.04 -39.97
N ALA B 1421 4.36 3.81 -39.84
CA ALA B 1421 5.34 4.89 -39.92
C ALA B 1421 5.36 5.44 -41.34
N ALA B 1422 5.82 6.68 -41.46
CA ALA B 1422 5.94 7.33 -42.76
C ALA B 1422 6.68 6.43 -43.74
N SER B 1423 7.74 5.80 -43.26
CA SER B 1423 8.55 4.93 -44.10
C SER B 1423 7.81 3.65 -44.51
N GLU B 1424 6.94 3.15 -43.62
CA GLU B 1424 6.13 1.96 -43.91
C GLU B 1424 5.14 2.29 -45.02
N VAL B 1425 4.46 3.43 -44.85
CA VAL B 1425 3.56 3.95 -45.85
C VAL B 1425 4.26 4.06 -47.20
N ALA B 1426 5.41 4.72 -47.23
CA ALA B 1426 6.16 4.89 -48.46
C ALA B 1426 6.39 3.53 -49.13
N THR B 1427 6.90 2.59 -48.34
CA THR B 1427 7.16 1.23 -48.80
C THR B 1427 5.89 0.47 -49.21
N HIS B 1428 4.83 0.58 -48.39
CA HIS B 1428 3.56 -0.11 -48.67
C HIS B 1428 2.95 0.35 -49.99
N SER B 1429 2.83 1.67 -50.14
CA SER B 1429 2.32 2.27 -51.36
C SER B 1429 3.10 1.80 -52.57
N LYS B 1430 4.42 2.00 -52.55
CA LYS B 1430 5.28 1.53 -53.63
C LYS B 1430 4.97 0.09 -54.04
N LEU B 1431 4.67 -0.77 -53.08
CA LEU B 1431 4.46 -2.18 -53.37
C LEU B 1431 3.09 -2.36 -53.99
N PHE B 1432 2.10 -1.65 -53.45
CA PHE B 1432 0.71 -2.10 -53.52
C PHE B 1432 -0.28 -1.09 -54.13
N ALA B 1433 0.12 0.18 -54.24
CA ALA B 1433 -0.79 1.22 -54.71
C ALA B 1433 -1.43 0.87 -56.06
N ASP B 1434 -0.62 0.31 -56.96
CA ASP B 1434 -1.05 0.07 -58.33
C ASP B 1434 -1.46 -1.37 -58.57
N LYS B 1435 -1.57 -2.17 -57.51
CA LYS B 1435 -1.67 -3.60 -57.69
C LYS B 1435 -2.71 -4.29 -56.81
N LYS B 1436 -2.76 -3.95 -55.53
CA LYS B 1436 -3.72 -4.58 -54.62
C LYS B 1436 -3.80 -3.83 -53.29
N ARG B 1437 -4.70 -2.84 -53.24
CA ARG B 1437 -4.68 -1.85 -52.16
C ARG B 1437 -5.15 -2.43 -50.83
N ASP B 1438 -5.85 -3.55 -50.87
CA ASP B 1438 -6.33 -4.16 -49.64
C ASP B 1438 -5.24 -4.96 -48.92
N CYS B 1439 -4.03 -4.95 -49.48
CA CYS B 1439 -2.90 -5.60 -48.83
C CYS B 1439 -2.64 -4.98 -47.47
N ILE B 1440 -2.45 -5.82 -46.46
CA ILE B 1440 -2.15 -5.33 -45.11
C ILE B 1440 -0.65 -5.27 -44.82
N ASP B 1441 -0.33 -4.61 -43.71
CA ASP B 1441 1.03 -4.50 -43.22
C ASP B 1441 0.98 -5.09 -41.81
N ILE B 1442 1.62 -6.22 -41.60
CA ILE B 1442 1.85 -6.70 -40.23
C ILE B 1442 3.20 -6.23 -39.71
N SER B 1443 3.18 -5.36 -38.73
CA SER B 1443 4.40 -4.81 -38.14
C SER B 1443 4.68 -5.45 -36.78
N ILE B 1444 5.90 -5.93 -36.61
CA ILE B 1444 6.30 -6.59 -35.36
C ILE B 1444 7.33 -5.76 -34.60
N PHE B 1445 6.90 -5.19 -33.46
CA PHE B 1445 7.82 -4.52 -32.54
C PHE B 1445 8.61 -5.57 -31.73
N SER B 1446 9.89 -5.69 -32.07
CA SER B 1446 10.76 -6.71 -31.48
C SER B 1446 11.68 -6.02 -30.49
N THR B 1447 11.69 -6.51 -29.25
CA THR B 1447 12.43 -5.86 -28.16
C THR B 1447 12.80 -6.94 -27.15
N PRO B 1448 13.88 -6.72 -26.38
CA PRO B 1448 14.20 -7.69 -25.33
C PRO B 1448 12.97 -8.00 -24.48
N GLY B 1449 12.60 -9.27 -24.39
CA GLY B 1449 11.44 -9.67 -23.63
C GLY B 1449 10.23 -10.12 -24.44
N SER B 1450 10.04 -9.54 -25.63
CA SER B 1450 8.75 -9.71 -26.29
C SER B 1450 8.69 -9.27 -27.74
N VAL B 1451 7.63 -9.72 -28.40
CA VAL B 1451 7.21 -9.20 -29.70
C VAL B 1451 5.78 -8.67 -29.61
N SER B 1452 5.54 -7.55 -30.29
CA SER B 1452 4.20 -6.98 -30.38
C SER B 1452 3.78 -6.84 -31.84
N LEU B 1453 2.70 -7.53 -32.20
CA LEU B 1453 2.23 -7.53 -33.58
C LEU B 1453 1.05 -6.59 -33.76
N SER B 1454 1.15 -5.74 -34.79
CA SER B 1454 0.07 -4.89 -35.22
C SER B 1454 -0.16 -5.05 -36.73
N ALA B 1455 -1.41 -5.23 -37.10
CA ALA B 1455 -1.81 -5.28 -38.50
C ALA B 1455 -2.54 -3.99 -38.89
N TYR B 1456 -2.31 -3.53 -40.12
CA TYR B 1456 -2.89 -2.28 -40.59
C TYR B 1456 -3.37 -2.40 -42.02
N ASN B 1457 -4.47 -1.70 -42.30
CA ASN B 1457 -4.79 -1.27 -43.65
C ASN B 1457 -4.26 0.13 -43.92
N LEU B 1458 -4.05 0.44 -45.20
CA LEU B 1458 -3.62 1.77 -45.61
C LEU B 1458 -4.72 2.44 -46.44
N THR B 1459 -5.14 3.64 -46.03
CA THR B 1459 -6.14 4.40 -46.77
C THR B 1459 -5.61 4.89 -48.13
N ASP B 1460 -6.54 5.26 -49.01
CA ASP B 1460 -6.21 5.86 -50.30
C ASP B 1460 -5.44 7.16 -50.19
N GLU B 1461 -5.85 8.03 -49.28
CA GLU B 1461 -5.03 9.18 -48.88
C GLU B 1461 -3.63 8.73 -48.43
N GLY B 1462 -3.60 7.74 -47.54
CA GLY B 1462 -2.37 6.98 -47.29
C GLY B 1462 -1.59 6.67 -48.56
N TYR B 1463 -2.23 6.01 -49.52
CA TYR B 1463 -1.56 5.61 -50.75
C TYR B 1463 -1.12 6.82 -51.58
N GLN B 1464 -1.98 7.84 -51.66
CA GLN B 1464 -1.64 9.08 -52.38
C GLN B 1464 -0.31 9.64 -51.87
N TRP B 1465 -0.24 9.85 -50.57
CA TRP B 1465 0.93 10.48 -49.96
C TRP B 1465 2.18 9.65 -50.22
N GLY B 1466 2.01 8.33 -50.18
CA GLY B 1466 3.11 7.40 -50.39
C GLY B 1466 3.68 7.53 -51.79
N GLU B 1467 2.79 7.76 -52.75
CA GLU B 1467 3.23 7.98 -54.12
C GLU B 1467 4.08 9.23 -54.19
N GLU B 1468 3.64 10.28 -53.51
CA GLU B 1468 4.32 11.57 -53.56
C GLU B 1468 5.67 11.51 -52.83
N ASN B 1469 5.80 10.58 -51.89
CA ASN B 1469 6.93 10.58 -50.98
C ASN B 1469 7.66 9.24 -50.96
N LYS B 1470 8.55 9.07 -51.93
CA LYS B 1470 9.21 7.79 -52.16
C LYS B 1470 10.48 7.68 -51.31
N ASP B 1471 10.85 6.45 -50.96
CA ASP B 1471 12.09 6.18 -50.22
C ASP B 1471 12.19 6.92 -48.87
N ILE B 1472 11.07 7.19 -48.22
CA ILE B 1472 11.09 7.84 -46.91
C ILE B 1472 11.71 6.93 -45.86
N MET B 1473 12.61 7.47 -45.06
CA MET B 1473 13.40 6.63 -44.16
C MET B 1473 13.05 6.85 -42.69
N ASN B 1474 12.25 7.88 -42.41
CA ASN B 1474 11.95 8.30 -41.06
C ASN B 1474 10.53 7.95 -40.60
N VAL B 1475 10.32 8.03 -39.30
CA VAL B 1475 9.01 7.76 -38.73
C VAL B 1475 8.00 8.82 -39.19
N LEU B 1476 8.47 10.06 -39.32
CA LEU B 1476 7.61 11.16 -39.79
C LEU B 1476 8.18 11.81 -41.04
N SER B 1477 7.32 12.57 -41.73
CA SER B 1477 7.76 13.44 -42.82
C SER B 1477 6.64 14.43 -43.13
N GLU B 1478 6.97 15.49 -43.86
CA GLU B 1478 5.98 16.53 -44.14
C GLU B 1478 4.80 15.90 -44.85
N GLY B 1479 3.60 16.12 -44.31
CA GLY B 1479 2.36 15.58 -44.88
C GLY B 1479 1.84 14.33 -44.19
N PHE B 1480 2.69 13.65 -43.44
CA PHE B 1480 2.35 12.33 -42.92
C PHE B 1480 1.29 12.40 -41.83
N GLU B 1481 0.47 11.36 -41.75
CA GLU B 1481 -0.68 11.33 -40.85
C GLU B 1481 -0.86 9.91 -40.32
N PRO B 1482 -0.76 9.73 -38.99
CA PRO B 1482 -1.20 8.50 -38.37
C PRO B 1482 -2.52 7.94 -38.92
N THR B 1483 -3.45 8.81 -39.29
CA THR B 1483 -4.75 8.34 -39.77
C THR B 1483 -4.69 7.80 -41.20
N PHE B 1484 -3.50 7.80 -41.81
CA PHE B 1484 -3.29 7.08 -43.07
C PHE B 1484 -3.48 5.58 -42.91
N SER B 1485 -3.34 5.09 -41.69
CA SER B 1485 -3.41 3.64 -41.43
C SER B 1485 -4.51 3.33 -40.43
N THR B 1486 -5.20 2.23 -40.65
CA THR B 1486 -6.32 1.83 -39.80
C THR B 1486 -6.11 0.39 -39.34
N HIS B 1487 -6.70 0.04 -38.21
CA HIS B 1487 -6.43 -1.24 -37.55
C HIS B 1487 -7.00 -2.41 -38.35
N ALA B 1488 -6.15 -3.40 -38.65
CA ALA B 1488 -6.60 -4.66 -39.21
C ALA B 1488 -6.64 -5.72 -38.12
N GLN B 1489 -7.49 -6.73 -38.32
CA GLN B 1489 -7.77 -7.74 -37.29
C GLN B 1489 -6.89 -8.96 -37.45
N LEU B 1490 -6.10 -9.26 -36.43
CA LEU B 1490 -5.04 -10.26 -36.51
C LEU B 1490 -5.19 -11.29 -35.41
N LEU B 1491 -5.08 -12.55 -35.80
CA LEU B 1491 -5.11 -13.67 -34.87
C LEU B 1491 -3.84 -14.50 -35.06
N LEU B 1492 -3.31 -15.01 -33.95
CA LEU B 1492 -2.32 -16.10 -34.00
C LEU B 1492 -3.03 -17.44 -33.83
N SER B 1493 -2.49 -18.48 -34.44
CA SER B 1493 -3.02 -19.82 -34.23
C SER B 1493 -1.98 -20.90 -34.45
N ASP B 1494 -1.98 -21.89 -33.55
CA ASP B 1494 -1.08 -23.04 -33.66
C ASP B 1494 -1.82 -24.26 -34.21
N ARG B 1495 -3.02 -24.03 -34.75
CA ARG B 1495 -3.84 -25.11 -35.28
C ARG B 1495 -3.49 -25.32 -36.73
N ILE B 1496 -3.03 -24.24 -37.36
CA ILE B 1496 -2.59 -24.28 -38.75
C ILE B 1496 -1.10 -24.00 -38.78
N THR B 1497 -0.45 -24.38 -39.87
CA THR B 1497 0.97 -24.12 -40.01
C THR B 1497 1.24 -23.60 -41.42
N GLY B 1498 2.30 -22.83 -41.54
CA GLY B 1498 2.68 -22.27 -42.83
C GLY B 1498 4.01 -22.79 -43.29
N ASN B 1499 4.43 -22.37 -44.47
CA ASN B 1499 5.74 -22.69 -45.00
C ASN B 1499 6.40 -21.45 -45.60
N PHE B 1500 7.62 -21.60 -46.09
CA PHE B 1500 8.37 -20.49 -46.65
C PHE B 1500 8.69 -20.67 -48.12
N ILE B 1501 8.65 -19.54 -48.82
CA ILE B 1501 9.26 -19.40 -50.13
C ILE B 1501 10.47 -18.48 -50.01
N ILE B 1502 11.55 -18.87 -50.70
CA ILE B 1502 12.80 -18.13 -50.65
C ILE B 1502 13.37 -17.92 -52.06
N PRO B 1503 14.25 -16.92 -52.22
CA PRO B 1503 14.98 -16.80 -53.47
C PRO B 1503 15.73 -18.08 -53.80
N SER B 1504 15.79 -18.45 -55.07
CA SER B 1504 16.35 -19.75 -55.46
C SER B 1504 17.84 -19.84 -55.09
N GLY B 1505 18.51 -18.69 -55.05
CA GLY B 1505 19.89 -18.63 -54.56
C GLY B 1505 20.01 -18.71 -53.06
N ASN B 1506 18.86 -18.77 -52.37
CA ASN B 1506 18.82 -18.82 -50.90
C ASN B 1506 19.06 -17.47 -50.19
N VAL B 1507 19.86 -16.60 -50.81
CA VAL B 1507 20.18 -15.29 -50.25
C VAL B 1507 18.99 -14.30 -50.33
N TRP B 1508 18.71 -13.61 -49.22
CA TRP B 1508 17.75 -12.51 -49.24
C TRP B 1508 18.29 -11.24 -48.58
N ASN B 1509 19.19 -11.41 -47.62
CA ASN B 1509 19.79 -10.29 -46.94
C ASN B 1509 21.00 -9.80 -47.71
N TYR B 1510 20.89 -8.59 -48.25
CA TYR B 1510 21.90 -8.02 -49.15
C TYR B 1510 22.67 -6.88 -48.46
N THR B 1511 22.55 -6.77 -47.14
CA THR B 1511 23.36 -5.84 -46.35
C THR B 1511 24.81 -5.79 -46.84
N PHE B 1512 25.44 -6.96 -46.93
CA PHE B 1512 26.86 -7.03 -47.26
C PHE B 1512 27.13 -7.15 -48.76
N MET B 1513 26.05 -7.16 -49.55
CA MET B 1513 26.16 -7.19 -51.01
C MET B 1513 25.32 -6.06 -51.62
N GLY B 1514 25.43 -4.87 -51.05
CA GLY B 1514 24.63 -3.73 -51.49
C GLY B 1514 24.64 -3.56 -52.99
N THR B 1515 25.84 -3.43 -53.55
CA THR B 1515 26.00 -3.18 -54.98
C THR B 1515 25.33 -4.26 -55.82
N ALA B 1516 25.37 -5.49 -55.34
CA ALA B 1516 24.75 -6.62 -56.06
C ALA B 1516 23.23 -6.56 -56.01
N PHE B 1517 22.68 -5.95 -54.97
CA PHE B 1517 21.23 -5.84 -54.80
C PHE B 1517 20.65 -4.89 -55.83
N ASN B 1518 19.60 -5.33 -56.52
CA ASN B 1518 18.79 -4.40 -57.30
C ASN B 1518 17.30 -4.56 -56.99
N GLN B 1519 16.72 -3.48 -56.49
CA GLN B 1519 15.39 -3.49 -55.87
C GLN B 1519 14.29 -3.62 -56.92
N GLU B 1520 14.62 -3.25 -58.16
CA GLU B 1520 13.74 -3.42 -59.31
C GLU B 1520 14.04 -4.72 -60.04
N GLY B 1521 14.59 -5.70 -59.31
CA GLY B 1521 15.11 -6.92 -59.92
C GLY B 1521 14.01 -7.94 -60.10
N ASP B 1522 14.17 -8.81 -61.09
CA ASP B 1522 13.18 -9.85 -61.34
C ASP B 1522 13.73 -11.21 -60.93
N TYR B 1523 13.53 -11.56 -59.67
CA TYR B 1523 14.18 -12.73 -59.09
C TYR B 1523 13.31 -13.97 -59.26
N ASN B 1524 13.92 -15.13 -59.02
CA ASN B 1524 13.19 -16.37 -59.03
C ASN B 1524 13.16 -16.98 -57.64
N PHE B 1525 12.31 -17.99 -57.45
CA PHE B 1525 11.94 -18.44 -56.12
C PHE B 1525 11.72 -19.94 -56.07
N LYS B 1526 11.88 -20.48 -54.87
CA LYS B 1526 11.58 -21.89 -54.60
C LYS B 1526 11.09 -22.02 -53.15
N TYR B 1527 10.31 -23.07 -52.88
CA TYR B 1527 10.00 -23.48 -51.51
C TYR B 1527 11.27 -23.86 -50.76
N GLY B 1528 11.35 -23.47 -49.50
CA GLY B 1528 12.49 -23.84 -48.68
C GLY B 1528 12.55 -23.18 -47.31
N ILE B 1529 13.75 -23.20 -46.73
CA ILE B 1529 13.97 -22.84 -45.35
C ILE B 1529 14.81 -21.58 -45.29
N PRO B 1530 14.21 -20.44 -44.90
CA PRO B 1530 14.93 -19.18 -44.94
C PRO B 1530 16.14 -19.17 -44.00
N LEU B 1531 17.28 -18.77 -44.52
CA LEU B 1531 18.49 -18.58 -43.70
C LEU B 1531 18.29 -17.41 -42.75
N GLU B 1532 19.03 -17.46 -41.65
CA GLU B 1532 18.94 -16.39 -40.66
C GLU B 1532 19.77 -15.20 -41.10
N PHE B 1533 19.44 -14.03 -40.57
CA PHE B 1533 20.03 -12.78 -41.05
C PHE B 1533 21.54 -12.93 -41.28
N TYR B 1534 22.27 -13.40 -40.28
CA TYR B 1534 23.73 -13.48 -40.36
C TYR B 1534 24.23 -14.90 -40.55
N ASN B 1535 23.40 -15.75 -41.15
CA ASN B 1535 23.89 -16.98 -41.74
C ASN B 1535 25.15 -16.69 -42.53
N GLU B 1536 25.92 -17.74 -42.83
CA GLU B 1536 27.19 -17.58 -43.56
C GLU B 1536 26.94 -17.12 -44.99
N MET B 1537 25.74 -17.40 -45.51
CA MET B 1537 25.41 -17.00 -46.88
C MET B 1537 25.26 -15.48 -46.99
N HIS B 1538 25.17 -14.80 -45.84
CA HIS B 1538 24.70 -13.43 -45.79
C HIS B 1538 25.77 -12.44 -45.35
N ARG B 1539 26.96 -12.94 -45.04
CA ARG B 1539 27.93 -12.14 -44.26
C ARG B 1539 29.34 -12.66 -44.46
N PRO B 1540 30.34 -11.88 -43.99
CA PRO B 1540 31.72 -12.32 -44.21
C PRO B 1540 32.04 -13.54 -43.38
N VAL B 1541 32.84 -14.43 -43.96
CA VAL B 1541 33.29 -15.59 -43.24
C VAL B 1541 34.18 -15.18 -42.05
N HIS B 1542 34.20 -16.05 -41.04
CA HIS B 1542 34.97 -15.81 -39.83
C HIS B 1542 36.08 -16.85 -39.68
N PHE B 1543 37.32 -16.38 -39.57
CA PHE B 1543 38.47 -17.30 -39.48
C PHE B 1543 38.51 -17.95 -38.10
N LEU B 1544 38.50 -19.27 -38.08
CA LEU B 1544 38.68 -20.02 -36.84
C LEU B 1544 40.07 -20.67 -36.83
N GLN B 1545 40.35 -21.48 -35.81
CA GLN B 1545 41.72 -21.84 -35.44
C GLN B 1545 42.15 -23.22 -35.94
N PHE B 1546 41.66 -23.64 -37.10
CA PHE B 1546 42.04 -24.95 -37.65
C PHE B 1546 42.02 -25.99 -36.51
N SER B 1547 40.89 -26.06 -35.82
CA SER B 1547 40.82 -26.58 -34.45
C SER B 1547 42.18 -27.10 -33.95
#